data_2KL7
#
_entry.id   2KL7
#
_entity_poly.entity_id   1
_entity_poly.type   'polypeptide(L)'
_entity_poly.pdbx_seq_one_letter_code
;SDVNECLTIPEACKGEMKCINHYGGYLCLPRSAAVINDLHGEGPPPPVPPAQHPNPCPPGYEPDDQDSCVD
;
_entity_poly.pdbx_strand_id   A
#
# COMPACT_ATOMS: atom_id res chain seq x y z
N SER A 1 9.05 5.72 -5.95
CA SER A 1 9.74 6.09 -7.21
C SER A 1 11.20 6.52 -6.93
N ASP A 2 12.15 5.62 -7.19
CA ASP A 2 13.58 5.91 -6.96
C ASP A 2 14.28 6.39 -8.24
N VAL A 3 14.16 5.60 -9.31
CA VAL A 3 14.70 5.99 -10.62
C VAL A 3 13.59 6.58 -11.51
N ASN A 4 12.35 6.49 -11.02
CA ASN A 4 11.18 6.93 -11.78
C ASN A 4 11.01 8.45 -11.75
N GLU A 5 10.58 9.03 -12.87
CA GLU A 5 10.33 10.48 -12.97
C GLU A 5 8.83 10.80 -12.87
N CYS A 6 8.47 12.07 -13.06
CA CYS A 6 7.06 12.51 -12.97
C CYS A 6 6.24 12.11 -14.21
N LEU A 7 6.66 11.04 -14.89
CA LEU A 7 5.98 10.57 -16.10
C LEU A 7 5.03 9.40 -15.81
N THR A 8 4.91 9.03 -14.53
CA THR A 8 4.07 7.89 -14.12
C THR A 8 2.59 8.11 -14.45
N ILE A 9 1.85 7.02 -14.59
CA ILE A 9 0.42 7.06 -14.92
C ILE A 9 -0.44 7.06 -13.63
N PRO A 10 -1.50 7.90 -13.57
CA PRO A 10 -2.38 7.99 -12.39
C PRO A 10 -3.29 6.75 -12.20
N GLU A 11 -2.74 5.55 -12.36
CA GLU A 11 -3.47 4.30 -12.06
C GLU A 11 -3.51 4.01 -10.55
N ALA A 12 -3.03 4.97 -9.75
CA ALA A 12 -3.20 4.93 -8.29
C ALA A 12 -4.14 6.07 -7.86
N CYS A 13 -4.79 5.92 -6.70
CA CYS A 13 -5.76 6.94 -6.25
C CYS A 13 -5.15 7.89 -5.21
N LYS A 14 -5.37 9.20 -5.41
CA LYS A 14 -4.99 10.20 -4.40
C LYS A 14 -6.06 10.30 -3.29
N GLY A 15 -5.67 10.03 -2.05
CA GLY A 15 -6.62 10.02 -0.94
C GLY A 15 -7.18 8.62 -0.66
N GLU A 16 -6.89 7.69 -1.55
CA GLU A 16 -7.25 6.28 -1.37
C GLU A 16 -6.00 5.40 -1.57
N MET A 17 -6.01 4.22 -0.96
CA MET A 17 -4.89 3.29 -1.08
C MET A 17 -5.10 2.33 -2.26
N LYS A 18 -3.99 1.98 -2.90
CA LYS A 18 -4.01 1.11 -4.08
C LYS A 18 -3.84 -0.36 -3.69
N CYS A 19 -4.92 -1.14 -3.79
CA CYS A 19 -4.88 -2.57 -3.46
C CYS A 19 -4.90 -3.42 -4.75
N ILE A 20 -3.82 -4.15 -4.99
CA ILE A 20 -3.70 -4.96 -6.22
C ILE A 20 -3.31 -6.40 -5.93
N ASN A 21 -3.73 -7.33 -6.78
CA ASN A 21 -3.34 -8.73 -6.64
C ASN A 21 -2.15 -9.05 -7.56
N HIS A 22 -1.70 -10.30 -7.54
CA HIS A 22 -0.54 -10.72 -8.34
C HIS A 22 -0.91 -10.91 -9.83
N TYR A 23 -2.22 -10.88 -10.12
CA TYR A 23 -2.71 -11.00 -11.50
C TYR A 23 -2.75 -9.64 -12.21
N GLY A 24 -2.83 -8.56 -11.42
CA GLY A 24 -2.91 -7.22 -11.99
C GLY A 24 -4.23 -6.49 -11.70
N GLY A 25 -5.14 -7.18 -10.98
CA GLY A 25 -6.42 -6.57 -10.60
C GLY A 25 -6.26 -5.33 -9.73
N TYR A 26 -6.98 -4.28 -10.07
CA TYR A 26 -6.82 -2.97 -9.41
C TYR A 26 -8.02 -2.60 -8.52
N LEU A 27 -7.72 -2.16 -7.29
CA LEU A 27 -8.76 -1.67 -6.36
C LEU A 27 -8.24 -0.45 -5.57
N CYS A 28 -9.15 0.45 -5.18
CA CYS A 28 -8.82 1.58 -4.29
C CYS A 28 -9.69 1.57 -3.03
N LEU A 29 -9.05 1.67 -1.87
CA LEU A 29 -9.75 1.70 -0.58
C LEU A 29 -9.53 3.02 0.17
N PRO A 30 -10.50 3.47 0.99
CA PRO A 30 -10.36 4.71 1.77
C PRO A 30 -9.07 4.74 2.61
N ARG A 31 -8.34 5.86 2.54
CA ARG A 31 -7.04 6.01 3.22
C ARG A 31 -7.20 6.06 4.76
N SER A 32 -8.41 5.82 5.26
CA SER A 32 -8.67 5.79 6.71
C SER A 32 -7.74 4.81 7.43
N ALA A 33 -7.48 3.66 6.80
CA ALA A 33 -6.52 2.68 7.30
C ALA A 33 -5.11 3.01 6.78
N ALA A 34 -4.20 3.40 7.68
CA ALA A 34 -2.85 3.81 7.28
C ALA A 34 -1.89 2.61 7.17
N VAL A 35 -1.08 2.61 6.12
CA VAL A 35 -0.07 1.56 5.93
C VAL A 35 1.14 1.77 6.88
N ILE A 36 0.98 1.31 8.12
CA ILE A 36 2.02 1.48 9.16
C ILE A 36 2.51 0.13 9.74
N ASN A 37 3.24 0.20 10.86
CA ASN A 37 3.79 -0.99 11.52
C ASN A 37 2.71 -2.02 11.92
N ASP A 38 3.15 -3.25 12.23
CA ASP A 38 2.23 -4.34 12.58
C ASP A 38 1.37 -4.00 13.81
N LEU A 39 0.10 -4.36 13.75
CA LEU A 39 -0.83 -4.16 14.86
C LEU A 39 -1.07 -5.48 15.63
N HIS A 40 0.03 -6.14 16.02
CA HIS A 40 -0.05 -7.41 16.76
C HIS A 40 -0.70 -7.23 18.14
N GLY A 41 -0.86 -5.99 18.58
CA GLY A 41 -1.42 -5.70 19.89
C GLY A 41 -1.00 -4.34 20.41
N GLU A 42 -1.09 -4.15 21.73
CA GLU A 42 -0.74 -2.87 22.36
C GLU A 42 0.64 -2.92 23.03
N GLY A 43 1.04 -1.81 23.64
CA GLY A 43 2.29 -1.77 24.38
C GLY A 43 3.54 -1.79 23.49
N PRO A 44 4.38 -2.84 23.59
CA PRO A 44 5.65 -2.92 22.84
C PRO A 44 5.52 -3.53 21.43
N PRO A 45 6.01 -2.82 20.40
CA PRO A 45 6.17 -3.37 19.05
C PRO A 45 7.42 -4.28 18.94
N PRO A 46 7.33 -5.42 18.22
CA PRO A 46 8.44 -6.39 18.13
C PRO A 46 9.63 -5.88 17.28
N PRO A 47 10.87 -6.33 17.59
CA PRO A 47 12.07 -5.98 16.80
C PRO A 47 11.94 -6.38 15.32
N VAL A 48 11.38 -7.56 15.08
CA VAL A 48 11.08 -8.02 13.72
C VAL A 48 9.57 -8.08 13.50
N PRO A 49 8.99 -7.09 12.79
CA PRO A 49 7.54 -7.02 12.56
C PRO A 49 7.05 -8.10 11.57
N PRO A 50 6.01 -8.88 11.96
CA PRO A 50 5.40 -9.90 11.09
C PRO A 50 4.60 -9.29 9.92
N ALA A 51 4.49 -7.97 9.91
CA ALA A 51 3.79 -7.25 8.84
C ALA A 51 4.37 -5.84 8.64
N GLN A 52 5.13 -5.65 7.57
CA GLN A 52 5.65 -4.33 7.21
C GLN A 52 4.52 -3.46 6.64
N HIS A 53 3.53 -4.11 6.05
CA HIS A 53 2.30 -3.47 5.61
C HIS A 53 1.07 -4.19 6.20
N PRO A 54 0.17 -3.45 6.88
CA PRO A 54 -1.00 -4.02 7.58
C PRO A 54 -1.87 -4.96 6.71
N ASN A 55 -1.85 -4.76 5.40
CA ASN A 55 -2.78 -5.44 4.48
C ASN A 55 -4.25 -5.21 4.88
N PRO A 56 -4.71 -3.93 4.86
CA PRO A 56 -6.14 -3.60 5.05
C PRO A 56 -7.00 -4.13 3.89
N CYS A 57 -6.34 -4.44 2.78
CA CYS A 57 -7.00 -5.01 1.60
C CYS A 57 -7.04 -6.54 1.72
N PRO A 58 -8.21 -7.17 1.44
CA PRO A 58 -8.39 -8.63 1.59
C PRO A 58 -7.21 -9.46 1.03
N PRO A 59 -6.67 -10.40 1.85
CA PRO A 59 -5.53 -11.25 1.48
C PRO A 59 -5.59 -11.76 0.03
N GLY A 60 -4.48 -11.62 -0.68
CA GLY A 60 -4.46 -11.84 -2.13
C GLY A 60 -4.30 -10.52 -2.87
N TYR A 61 -4.94 -9.48 -2.34
CA TYR A 61 -4.76 -8.11 -2.83
C TYR A 61 -3.84 -7.33 -1.88
N GLU A 62 -2.59 -7.14 -2.28
CA GLU A 62 -1.60 -6.45 -1.46
C GLU A 62 -1.55 -4.95 -1.76
N PRO A 63 -1.39 -4.11 -0.71
CA PRO A 63 -1.25 -2.65 -0.88
C PRO A 63 0.03 -2.27 -1.63
N ASP A 64 -0.11 -1.46 -2.67
CA ASP A 64 1.04 -1.02 -3.47
C ASP A 64 1.52 0.37 -2.99
N ASP A 65 2.83 0.59 -2.99
CA ASP A 65 3.38 1.85 -2.48
C ASP A 65 3.26 2.95 -3.55
N GLN A 66 2.40 3.92 -3.27
CA GLN A 66 2.13 5.02 -4.20
C GLN A 66 2.98 6.27 -3.88
N ASP A 67 4.07 6.43 -4.62
CA ASP A 67 4.96 7.59 -4.47
C ASP A 67 4.93 8.45 -5.74
N SER A 68 4.32 9.64 -5.64
CA SER A 68 4.23 10.54 -6.79
C SER A 68 4.94 11.88 -6.51
N CYS A 69 5.53 12.45 -7.55
CA CYS A 69 6.22 13.73 -7.45
C CYS A 69 5.34 14.90 -7.96
N VAL A 70 4.14 14.58 -8.45
CA VAL A 70 3.24 15.62 -9.00
C VAL A 70 1.84 15.05 -9.33
N ASP A 71 0.84 15.93 -9.41
CA ASP A 71 -0.52 15.53 -9.81
C ASP A 71 -0.71 15.65 -11.34
N SER A 1 6.34 3.16 -12.60
CA SER A 1 6.08 3.62 -11.21
C SER A 1 7.37 3.71 -10.37
N ASP A 2 8.54 3.70 -11.02
CA ASP A 2 9.81 3.73 -10.30
C ASP A 2 10.73 4.89 -10.74
N VAL A 3 11.37 4.78 -11.90
CA VAL A 3 12.34 5.78 -12.37
C VAL A 3 11.68 6.98 -13.04
N ASN A 4 10.51 6.76 -13.64
CA ASN A 4 9.78 7.84 -14.32
C ASN A 4 8.76 8.51 -13.38
N GLU A 5 8.17 9.62 -13.82
CA GLU A 5 7.26 10.40 -12.96
C GLU A 5 5.78 10.05 -13.20
N CYS A 6 4.87 10.85 -12.61
CA CYS A 6 3.42 10.59 -12.72
C CYS A 6 2.81 11.24 -13.98
N LEU A 7 3.66 11.63 -14.94
CA LEU A 7 3.17 12.21 -16.19
C LEU A 7 2.45 11.16 -17.07
N THR A 8 2.49 9.90 -16.63
CA THR A 8 1.79 8.81 -17.30
C THR A 8 0.28 8.83 -16.98
N ILE A 9 -0.45 7.82 -17.45
CA ILE A 9 -1.88 7.70 -17.14
C ILE A 9 -2.07 7.24 -15.69
N PRO A 10 -2.88 7.99 -14.89
CA PRO A 10 -3.10 7.72 -13.45
C PRO A 10 -3.17 6.22 -13.10
N GLU A 11 -2.07 5.70 -12.54
CA GLU A 11 -1.97 4.28 -12.15
C GLU A 11 -2.48 4.03 -10.73
N ALA A 12 -3.03 5.05 -10.09
CA ALA A 12 -3.57 4.94 -8.73
C ALA A 12 -4.81 5.83 -8.55
N CYS A 13 -5.49 5.68 -7.42
CA CYS A 13 -6.67 6.50 -7.12
C CYS A 13 -6.32 7.64 -6.15
N LYS A 14 -6.79 8.86 -6.45
CA LYS A 14 -6.48 10.04 -5.62
C LYS A 14 -7.34 10.06 -4.35
N GLY A 15 -6.70 10.32 -3.21
CA GLY A 15 -7.41 10.31 -1.92
C GLY A 15 -7.72 8.91 -1.43
N GLU A 16 -7.27 7.90 -2.18
CA GLU A 16 -7.50 6.50 -1.84
C GLU A 16 -6.18 5.71 -1.86
N MET A 17 -6.16 4.55 -1.21
CA MET A 17 -4.99 3.68 -1.22
C MET A 17 -5.09 2.63 -2.33
N LYS A 18 -3.98 2.38 -3.02
CA LYS A 18 -3.94 1.38 -4.08
C LYS A 18 -3.55 0.00 -3.52
N CYS A 19 -4.50 -0.92 -3.52
CA CYS A 19 -4.27 -2.28 -3.00
C CYS A 19 -4.13 -3.28 -4.14
N ILE A 20 -2.90 -3.74 -4.38
CA ILE A 20 -2.63 -4.72 -5.44
C ILE A 20 -1.89 -5.94 -4.88
N ASN A 21 -1.90 -7.04 -5.61
CA ASN A 21 -1.18 -8.25 -5.19
C ASN A 21 -0.33 -8.84 -6.33
N HIS A 22 0.44 -9.87 -6.01
CA HIS A 22 1.33 -10.49 -6.98
C HIS A 22 0.52 -11.26 -8.05
N TYR A 23 -0.76 -11.48 -7.77
CA TYR A 23 -1.66 -12.15 -8.72
C TYR A 23 -2.14 -11.19 -9.82
N GLY A 24 -2.08 -9.89 -9.55
CA GLY A 24 -2.47 -8.88 -10.54
C GLY A 24 -3.79 -8.17 -10.23
N GLY A 25 -4.32 -8.37 -9.03
CA GLY A 25 -5.56 -7.71 -8.63
C GLY A 25 -5.38 -6.22 -8.30
N TYR A 26 -6.36 -5.40 -8.70
CA TYR A 26 -6.29 -3.95 -8.48
C TYR A 26 -7.52 -3.44 -7.71
N LEU A 27 -7.30 -2.87 -6.52
CA LEU A 27 -8.37 -2.28 -5.72
C LEU A 27 -7.98 -0.88 -5.21
N CYS A 28 -8.99 -0.04 -4.95
CA CYS A 28 -8.77 1.28 -4.35
C CYS A 28 -9.63 1.46 -3.09
N LEU A 29 -8.97 1.45 -1.93
CA LEU A 29 -9.66 1.53 -0.64
C LEU A 29 -9.57 2.92 -0.01
N PRO A 30 -10.54 3.29 0.87
CA PRO A 30 -10.51 4.58 1.58
C PRO A 30 -9.22 4.79 2.38
N ARG A 31 -8.64 5.98 2.28
CA ARG A 31 -7.34 6.28 2.91
C ARG A 31 -7.52 6.65 4.40
N SER A 32 -8.72 6.39 4.92
CA SER A 32 -9.04 6.62 6.35
C SER A 32 -8.20 5.72 7.29
N ALA A 33 -7.50 4.75 6.71
CA ALA A 33 -6.65 3.84 7.49
C ALA A 33 -5.27 4.46 7.74
N ALA A 34 -4.61 4.04 8.81
CA ALA A 34 -3.33 4.63 9.21
C ALA A 34 -2.15 3.97 8.48
N VAL A 35 -1.34 4.80 7.81
CA VAL A 35 -0.17 4.30 7.08
C VAL A 35 1.09 4.30 7.97
N ILE A 36 1.36 3.14 8.57
CA ILE A 36 2.57 2.94 9.39
C ILE A 36 3.36 1.71 8.88
N ASN A 37 4.08 1.03 9.76
CA ASN A 37 4.75 -0.22 9.41
C ASN A 37 3.88 -1.44 9.79
N ASP A 38 4.49 -2.63 9.90
CA ASP A 38 3.76 -3.85 10.26
C ASP A 38 3.17 -3.79 11.68
N LEU A 39 3.87 -3.09 12.59
CA LEU A 39 3.34 -2.85 13.93
C LEU A 39 2.21 -1.82 13.90
N HIS A 40 0.98 -2.27 14.18
CA HIS A 40 -0.21 -1.42 14.06
C HIS A 40 -0.39 -0.46 15.26
N GLY A 41 0.67 -0.25 16.02
CA GLY A 41 0.66 0.77 17.08
C GLY A 41 -0.03 0.33 18.36
N GLU A 42 -0.12 -0.98 18.59
CA GLU A 42 -0.73 -1.51 19.82
C GLU A 42 0.35 -2.08 20.77
N GLY A 43 1.36 -2.71 20.20
CA GLY A 43 2.43 -3.31 21.00
C GLY A 43 2.89 -4.67 20.50
N PRO A 44 1.98 -5.67 20.45
CA PRO A 44 2.32 -7.03 20.00
C PRO A 44 2.66 -7.08 18.49
N PRO A 45 3.76 -7.77 18.12
CA PRO A 45 4.11 -7.99 16.72
C PRO A 45 3.36 -9.19 16.10
N PRO A 46 3.13 -9.17 14.77
CA PRO A 46 2.49 -10.30 14.07
C PRO A 46 3.39 -11.54 14.04
N PRO A 47 2.87 -12.71 14.49
CA PRO A 47 3.65 -13.98 14.52
C PRO A 47 4.34 -14.26 13.18
N VAL A 48 3.56 -14.16 12.10
CA VAL A 48 4.12 -14.22 10.74
C VAL A 48 3.76 -12.95 9.96
N PRO A 49 4.70 -11.99 9.85
CA PRO A 49 4.48 -10.72 9.15
C PRO A 49 4.33 -10.91 7.63
N PRO A 50 3.16 -10.53 7.06
CA PRO A 50 2.94 -10.60 5.60
C PRO A 50 3.90 -9.66 4.84
N ALA A 51 4.26 -8.57 5.50
CA ALA A 51 5.21 -7.58 4.98
C ALA A 51 5.54 -6.55 6.06
N GLN A 52 6.53 -5.70 5.82
CA GLN A 52 6.85 -4.61 6.77
C GLN A 52 5.92 -3.41 6.57
N HIS A 53 4.85 -3.61 5.80
CA HIS A 53 3.78 -2.63 5.64
C HIS A 53 2.55 -3.06 6.45
N PRO A 54 1.65 -2.12 6.81
CA PRO A 54 0.48 -2.42 7.67
C PRO A 54 -0.52 -3.39 7.02
N ASN A 55 -0.57 -3.39 5.68
CA ASN A 55 -1.54 -4.17 4.92
C ASN A 55 -2.99 -3.91 5.38
N PRO A 56 -3.47 -2.66 5.24
CA PRO A 56 -4.86 -2.28 5.56
C PRO A 56 -5.88 -2.95 4.64
N CYS A 57 -5.38 -3.49 3.53
CA CYS A 57 -6.22 -4.15 2.53
C CYS A 57 -6.45 -5.63 2.90
N PRO A 58 -7.57 -6.23 2.45
CA PRO A 58 -7.91 -7.64 2.76
C PRO A 58 -6.76 -8.62 2.45
N PRO A 59 -6.67 -9.75 3.19
CA PRO A 59 -5.63 -10.76 2.99
C PRO A 59 -5.49 -11.20 1.52
N GLY A 60 -4.28 -11.18 1.01
CA GLY A 60 -4.07 -11.46 -0.41
C GLY A 60 -3.80 -10.20 -1.23
N TYR A 61 -3.73 -9.06 -0.54
CA TYR A 61 -3.40 -7.77 -1.17
C TYR A 61 -2.36 -6.99 -0.35
N GLU A 62 -1.62 -6.10 -1.02
CA GLU A 62 -0.61 -5.27 -0.35
C GLU A 62 -0.71 -3.80 -0.82
N PRO A 63 -0.21 -2.84 -0.02
CA PRO A 63 -0.16 -1.42 -0.41
C PRO A 63 0.88 -1.15 -1.50
N ASP A 64 0.45 -0.52 -2.60
CA ASP A 64 1.37 -0.22 -3.70
C ASP A 64 2.10 1.12 -3.48
N ASP A 65 3.38 1.04 -3.13
CA ASP A 65 4.18 2.26 -2.97
C ASP A 65 4.71 2.74 -4.32
N GLN A 66 4.15 3.85 -4.82
CA GLN A 66 4.66 4.49 -6.04
C GLN A 66 5.15 5.91 -5.74
N ASP A 67 6.47 6.08 -5.64
CA ASP A 67 7.06 7.41 -5.39
C ASP A 67 6.84 8.35 -6.57
N SER A 68 6.54 7.77 -7.74
CA SER A 68 6.34 8.53 -8.98
C SER A 68 5.15 9.51 -8.89
N CYS A 69 4.13 9.17 -8.09
CA CYS A 69 2.91 9.98 -8.04
C CYS A 69 2.44 10.23 -6.60
N VAL A 70 1.73 11.35 -6.40
CA VAL A 70 1.24 11.73 -5.08
C VAL A 70 -0.24 12.18 -5.12
N ASP A 71 -0.81 12.43 -3.95
CA ASP A 71 -2.22 12.88 -3.85
C ASP A 71 -2.38 13.99 -2.78
N SER A 1 9.83 -3.88 -5.08
CA SER A 1 9.79 -2.45 -4.70
C SER A 1 10.54 -1.57 -5.71
N ASP A 2 10.74 -2.10 -6.92
CA ASP A 2 11.51 -1.42 -7.96
C ASP A 2 10.85 -0.09 -8.38
N VAL A 3 11.61 1.00 -8.31
CA VAL A 3 11.09 2.34 -8.62
C VAL A 3 10.95 2.59 -10.13
N ASN A 4 9.93 3.37 -10.51
CA ASN A 4 9.72 3.79 -11.90
C ASN A 4 9.80 5.33 -12.00
N GLU A 5 10.38 5.82 -13.09
CA GLU A 5 10.52 7.27 -13.31
C GLU A 5 9.18 7.93 -13.67
N CYS A 6 9.21 9.24 -13.90
CA CYS A 6 7.98 10.03 -14.14
C CYS A 6 7.23 9.65 -15.43
N LEU A 7 7.69 8.61 -16.14
CA LEU A 7 6.97 8.12 -17.32
C LEU A 7 5.86 7.13 -16.93
N THR A 8 5.89 6.66 -15.68
CA THR A 8 4.88 5.70 -15.19
C THR A 8 3.48 6.34 -15.12
N ILE A 9 2.47 5.56 -15.51
CA ILE A 9 1.08 6.04 -15.47
C ILE A 9 0.50 5.95 -14.05
N PRO A 10 -0.06 7.06 -13.52
CA PRO A 10 -0.72 7.07 -12.20
C PRO A 10 -1.94 6.12 -12.16
N GLU A 11 -1.73 4.90 -11.68
CA GLU A 11 -2.79 3.88 -11.67
C GLU A 11 -3.68 3.99 -10.43
N ALA A 12 -3.31 4.88 -9.51
CA ALA A 12 -4.00 5.00 -8.21
C ALA A 12 -5.16 5.99 -8.26
N CYS A 13 -5.95 6.01 -7.18
CA CYS A 13 -7.05 6.97 -7.03
C CYS A 13 -6.60 8.13 -6.14
N LYS A 14 -6.95 9.36 -6.52
CA LYS A 14 -6.46 10.54 -5.81
C LYS A 14 -7.18 10.72 -4.47
N GLY A 15 -6.40 10.80 -3.38
CA GLY A 15 -6.97 10.96 -2.05
C GLY A 15 -7.50 9.67 -1.44
N GLU A 16 -7.31 8.55 -2.15
CA GLU A 16 -7.80 7.23 -1.70
C GLU A 16 -6.76 6.15 -2.03
N MET A 17 -6.87 4.99 -1.38
CA MET A 17 -5.78 4.00 -1.40
C MET A 17 -5.91 3.01 -2.57
N LYS A 18 -4.78 2.77 -3.23
CA LYS A 18 -4.69 1.79 -4.32
C LYS A 18 -4.28 0.40 -3.78
N CYS A 19 -5.19 -0.56 -3.89
CA CYS A 19 -4.94 -1.94 -3.41
C CYS A 19 -4.70 -2.89 -4.59
N ILE A 20 -3.45 -3.34 -4.72
CA ILE A 20 -3.08 -4.26 -5.80
C ILE A 20 -2.30 -5.47 -5.25
N ASN A 21 -2.20 -6.52 -6.04
CA ASN A 21 -1.44 -7.71 -5.65
C ASN A 21 -0.52 -8.18 -6.77
N HIS A 22 0.40 -9.09 -6.45
CA HIS A 22 1.28 -9.70 -7.44
C HIS A 22 0.51 -10.58 -8.44
N TYR A 23 -0.78 -10.81 -8.17
CA TYR A 23 -1.62 -11.62 -9.05
C TYR A 23 -2.22 -10.78 -10.19
N GLY A 24 -2.20 -9.45 -10.05
CA GLY A 24 -2.69 -8.57 -11.12
C GLY A 24 -3.97 -7.82 -10.76
N GLY A 25 -4.53 -8.09 -9.58
CA GLY A 25 -5.75 -7.43 -9.15
C GLY A 25 -5.57 -5.95 -8.82
N TYR A 26 -6.60 -5.14 -9.09
CA TYR A 26 -6.58 -3.70 -8.80
C TYR A 26 -7.86 -3.25 -8.08
N LEU A 27 -7.70 -2.51 -6.98
CA LEU A 27 -8.83 -1.95 -6.21
C LEU A 27 -8.51 -0.54 -5.69
N CYS A 28 -9.55 0.24 -5.39
CA CYS A 28 -9.40 1.52 -4.68
C CYS A 28 -10.28 1.55 -3.42
N LEU A 29 -9.67 1.71 -2.25
CA LEU A 29 -10.40 1.71 -0.97
C LEU A 29 -10.42 3.10 -0.33
N PRO A 30 -11.46 3.39 0.50
CA PRO A 30 -11.60 4.69 1.17
C PRO A 30 -10.42 4.99 2.12
N ARG A 31 -10.02 6.26 2.17
CA ARG A 31 -8.86 6.70 2.96
C ARG A 31 -9.12 6.61 4.48
N SER A 32 -10.32 6.15 4.86
CA SER A 32 -10.68 5.96 6.28
C SER A 32 -9.76 4.94 6.97
N ALA A 33 -9.13 4.07 6.18
CA ALA A 33 -8.16 3.09 6.70
C ALA A 33 -6.74 3.70 6.79
N ALA A 34 -5.92 3.18 7.68
CA ALA A 34 -4.58 3.74 7.92
C ALA A 34 -3.49 3.11 7.03
N VAL A 35 -2.69 3.96 6.38
CA VAL A 35 -1.57 3.50 5.55
C VAL A 35 -0.23 3.59 6.32
N ILE A 36 -0.30 4.09 7.54
CA ILE A 36 0.89 4.27 8.39
C ILE A 36 1.36 2.93 9.04
N ASN A 37 2.19 3.02 10.10
CA ASN A 37 2.72 1.84 10.80
C ASN A 37 1.68 0.72 10.99
N ASP A 38 2.08 -0.52 10.73
CA ASP A 38 1.21 -1.69 10.85
C ASP A 38 0.48 -1.72 12.21
N LEU A 39 -0.85 -1.55 12.16
CA LEU A 39 -1.66 -1.44 13.37
C LEU A 39 -2.00 -2.82 13.99
N HIS A 40 -0.97 -3.55 14.42
CA HIS A 40 -1.16 -4.82 15.12
C HIS A 40 0.18 -5.38 15.64
N GLY A 41 0.30 -5.50 16.96
CA GLY A 41 1.51 -6.07 17.56
C GLY A 41 1.19 -7.18 18.55
N GLU A 42 0.82 -8.35 18.03
CA GLU A 42 0.44 -9.50 18.86
C GLU A 42 1.65 -10.12 19.57
N GLY A 43 1.67 -10.04 20.89
CA GLY A 43 2.73 -10.66 21.68
C GLY A 43 4.00 -9.83 21.78
N PRO A 44 5.18 -10.47 21.72
CA PRO A 44 6.48 -9.77 21.86
C PRO A 44 6.96 -9.12 20.55
N PRO A 45 7.97 -8.21 20.63
CA PRO A 45 8.56 -7.59 19.43
C PRO A 45 9.38 -8.59 18.60
N PRO A 46 8.98 -8.83 17.33
CA PRO A 46 9.67 -9.78 16.44
C PRO A 46 11.12 -9.38 16.11
N PRO A 47 12.07 -10.33 16.14
CA PRO A 47 13.48 -10.06 15.80
C PRO A 47 13.64 -9.50 14.36
N VAL A 48 12.94 -10.10 13.41
CA VAL A 48 12.88 -9.59 12.04
C VAL A 48 11.42 -9.63 11.53
N PRO A 49 10.70 -8.49 11.60
CA PRO A 49 9.29 -8.43 11.26
C PRO A 49 9.01 -8.14 9.77
N PRO A 50 7.86 -8.60 9.24
CA PRO A 50 7.39 -8.23 7.90
C PRO A 50 6.69 -6.86 7.89
N ALA A 51 6.61 -6.25 9.08
CA ALA A 51 5.97 -4.94 9.25
C ALA A 51 6.66 -3.84 8.43
N GLN A 52 5.87 -3.10 7.65
CA GLN A 52 6.38 -2.06 6.75
C GLN A 52 5.24 -1.49 5.89
N HIS A 53 4.16 -2.26 5.77
CA HIS A 53 2.93 -1.83 5.11
C HIS A 53 1.71 -2.51 5.75
N PRO A 54 0.78 -1.71 6.32
CA PRO A 54 -0.32 -2.18 7.19
C PRO A 54 -1.16 -3.34 6.61
N ASN A 55 -1.21 -3.46 5.28
CA ASN A 55 -2.16 -4.35 4.60
C ASN A 55 -3.62 -4.06 5.02
N PRO A 56 -4.10 -2.82 4.77
CA PRO A 56 -5.48 -2.42 5.10
C PRO A 56 -6.52 -3.06 4.16
N CYS A 57 -6.04 -3.55 3.01
CA CYS A 57 -6.91 -4.09 1.97
C CYS A 57 -7.21 -5.58 2.24
N PRO A 58 -8.38 -6.09 1.76
CA PRO A 58 -8.77 -7.50 1.96
C PRO A 58 -7.63 -8.50 1.63
N PRO A 59 -7.55 -9.62 2.37
CA PRO A 59 -6.50 -10.64 2.16
C PRO A 59 -6.29 -11.00 0.69
N GLY A 60 -5.03 -10.96 0.25
CA GLY A 60 -4.72 -11.16 -1.17
C GLY A 60 -4.47 -9.85 -1.91
N TYR A 61 -4.53 -8.72 -1.18
CA TYR A 61 -4.23 -7.40 -1.75
C TYR A 61 -3.32 -6.58 -0.82
N GLU A 62 -2.31 -5.95 -1.41
CA GLU A 62 -1.35 -5.12 -0.66
C GLU A 62 -1.44 -3.63 -1.08
N PRO A 63 -1.10 -2.70 -0.16
CA PRO A 63 -1.18 -1.26 -0.45
C PRO A 63 -0.03 -0.75 -1.33
N ASP A 64 -0.38 -0.10 -2.44
CA ASP A 64 0.61 0.44 -3.38
C ASP A 64 0.94 1.90 -3.03
N ASP A 65 2.23 2.24 -2.99
CA ASP A 65 2.63 3.61 -2.62
C ASP A 65 2.54 4.56 -3.83
N GLN A 66 1.58 5.49 -3.75
CA GLN A 66 1.31 6.40 -4.85
C GLN A 66 2.07 7.73 -4.70
N ASP A 67 3.17 7.85 -5.43
CA ASP A 67 3.86 9.14 -5.57
C ASP A 67 3.25 9.91 -6.75
N SER A 68 3.40 9.36 -7.96
CA SER A 68 2.81 9.91 -9.19
C SER A 68 3.30 11.33 -9.47
N CYS A 69 4.23 11.48 -10.42
CA CYS A 69 4.74 12.80 -10.80
C CYS A 69 3.59 13.69 -11.30
N VAL A 70 3.20 14.65 -10.45
CA VAL A 70 2.01 15.51 -10.66
C VAL A 70 0.71 14.72 -10.40
N ASP A 71 0.25 14.77 -9.16
CA ASP A 71 -0.98 14.10 -8.73
C ASP A 71 -1.70 14.93 -7.64
N SER A 1 5.38 -1.59 -15.68
CA SER A 1 5.52 -0.72 -14.48
C SER A 1 6.78 -1.07 -13.70
N ASP A 2 7.84 -0.27 -13.89
CA ASP A 2 9.16 -0.58 -13.32
C ASP A 2 9.61 0.45 -12.28
N VAL A 3 10.12 1.59 -12.74
CA VAL A 3 10.60 2.65 -11.85
C VAL A 3 9.87 3.98 -12.09
N ASN A 4 9.08 4.40 -11.10
CA ASN A 4 8.35 5.68 -11.17
C ASN A 4 9.09 6.79 -10.42
N GLU A 5 9.63 7.75 -11.17
CA GLU A 5 10.32 8.92 -10.61
C GLU A 5 9.41 10.15 -10.58
N CYS A 6 8.42 10.16 -9.68
CA CYS A 6 7.39 11.23 -9.63
C CYS A 6 6.44 11.19 -10.85
N LEU A 7 6.98 10.87 -12.03
CA LEU A 7 6.20 10.82 -13.27
C LEU A 7 5.34 9.52 -13.35
N THR A 8 4.84 9.10 -12.18
CA THR A 8 4.10 7.83 -12.05
C THR A 8 2.85 7.76 -12.94
N ILE A 9 2.58 6.57 -13.45
CA ILE A 9 1.38 6.33 -14.26
C ILE A 9 0.12 6.29 -13.38
N PRO A 10 -1.01 6.88 -13.83
CA PRO A 10 -2.28 6.85 -13.08
C PRO A 10 -2.88 5.43 -12.94
N GLU A 11 -2.18 4.57 -12.22
CA GLU A 11 -2.64 3.20 -11.93
C GLU A 11 -3.37 3.13 -10.59
N ALA A 12 -3.56 4.29 -9.95
CA ALA A 12 -4.14 4.35 -8.60
C ALA A 12 -5.26 5.39 -8.52
N CYS A 13 -5.96 5.43 -7.38
CA CYS A 13 -7.06 6.37 -7.16
C CYS A 13 -6.58 7.58 -6.35
N LYS A 14 -7.01 8.78 -6.74
CA LYS A 14 -6.59 10.01 -6.07
C LYS A 14 -7.31 10.19 -4.73
N GLY A 15 -6.53 10.41 -3.67
CA GLY A 15 -7.09 10.59 -2.34
C GLY A 15 -7.45 9.27 -1.66
N GLU A 16 -7.19 8.16 -2.34
CA GLU A 16 -7.50 6.82 -1.83
C GLU A 16 -6.34 5.85 -2.09
N MET A 17 -6.31 4.74 -1.37
CA MET A 17 -5.18 3.80 -1.46
C MET A 17 -5.41 2.73 -2.54
N LYS A 18 -4.32 2.33 -3.19
CA LYS A 18 -4.36 1.33 -4.26
C LYS A 18 -4.01 -0.08 -3.73
N CYS A 19 -4.99 -0.97 -3.74
CA CYS A 19 -4.79 -2.36 -3.30
C CYS A 19 -4.77 -3.30 -4.51
N ILE A 20 -3.60 -3.88 -4.81
CA ILE A 20 -3.46 -4.79 -5.95
C ILE A 20 -2.74 -6.08 -5.56
N ASN A 21 -2.88 -7.11 -6.39
CA ASN A 21 -2.15 -8.36 -6.22
C ASN A 21 -1.27 -8.64 -7.45
N HIS A 22 -0.40 -9.64 -7.38
CA HIS A 22 0.48 -9.98 -8.50
C HIS A 22 -0.30 -10.57 -9.70
N TYR A 23 -1.58 -10.89 -9.49
CA TYR A 23 -2.46 -11.35 -10.57
C TYR A 23 -2.94 -10.19 -11.45
N GLY A 24 -3.11 -9.01 -10.85
CA GLY A 24 -3.60 -7.84 -11.58
C GLY A 24 -4.96 -7.34 -11.07
N GLY A 25 -5.40 -7.85 -9.92
CA GLY A 25 -6.63 -7.37 -9.31
C GLY A 25 -6.49 -5.98 -8.71
N TYR A 26 -7.28 -5.03 -9.18
CA TYR A 26 -7.16 -3.63 -8.77
C TYR A 26 -8.36 -3.16 -7.92
N LEU A 27 -8.07 -2.69 -6.71
CA LEU A 27 -9.08 -2.15 -5.80
C LEU A 27 -8.63 -0.81 -5.19
N CYS A 28 -9.58 0.04 -4.81
CA CYS A 28 -9.26 1.32 -4.15
C CYS A 28 -10.00 1.46 -2.81
N LEU A 29 -9.26 1.70 -1.74
CA LEU A 29 -9.84 1.87 -0.40
C LEU A 29 -9.72 3.32 0.08
N PRO A 30 -10.70 3.83 0.86
CA PRO A 30 -10.69 5.22 1.36
C PRO A 30 -9.47 5.53 2.24
N ARG A 31 -9.03 6.78 2.23
CA ARG A 31 -7.82 7.19 2.95
C ARG A 31 -8.04 7.20 4.48
N SER A 32 -9.25 6.87 4.91
CA SER A 32 -9.55 6.72 6.35
C SER A 32 -8.67 5.62 6.96
N ALA A 33 -8.23 4.68 6.12
CA ALA A 33 -7.23 3.68 6.51
C ALA A 33 -5.81 4.18 6.18
N ALA A 34 -4.90 4.05 7.13
CA ALA A 34 -3.54 4.57 6.98
C ALA A 34 -2.59 3.58 6.29
N VAL A 35 -1.64 4.11 5.50
CA VAL A 35 -0.63 3.29 4.83
C VAL A 35 0.58 2.99 5.74
N ILE A 36 0.61 3.67 6.88
CA ILE A 36 1.73 3.54 7.83
C ILE A 36 1.64 2.25 8.66
N ASN A 37 2.68 1.98 9.46
CA ASN A 37 2.78 0.72 10.21
C ASN A 37 2.41 0.88 11.69
N ASP A 38 1.22 0.38 12.06
CA ASP A 38 0.81 0.32 13.47
C ASP A 38 0.82 -1.13 13.98
N LEU A 39 1.63 -1.98 13.34
CA LEU A 39 1.75 -3.38 13.76
C LEU A 39 2.51 -3.47 15.09
N HIS A 40 1.78 -3.33 16.18
CA HIS A 40 2.37 -3.29 17.53
C HIS A 40 2.01 -4.54 18.34
N GLY A 41 1.02 -5.30 17.87
CA GLY A 41 0.61 -6.52 18.55
C GLY A 41 0.03 -6.27 19.94
N GLU A 42 0.39 -7.13 20.89
CA GLU A 42 -0.08 -7.01 22.27
C GLU A 42 0.91 -6.22 23.14
N GLY A 43 2.04 -5.81 22.55
CA GLY A 43 3.06 -5.07 23.28
C GLY A 43 4.34 -4.91 22.49
N PRO A 44 5.33 -5.81 22.66
CA PRO A 44 6.59 -5.77 21.92
C PRO A 44 6.47 -6.41 20.53
N PRO A 45 6.57 -5.61 19.44
CA PRO A 45 6.46 -6.12 18.06
C PRO A 45 7.67 -7.01 17.67
N PRO A 46 7.49 -7.93 16.71
CA PRO A 46 8.55 -8.85 16.26
C PRO A 46 9.77 -8.09 15.68
N PRO A 47 10.99 -8.68 15.81
CA PRO A 47 12.24 -8.04 15.35
C PRO A 47 12.39 -8.05 13.82
N VAL A 48 11.48 -8.75 13.13
CA VAL A 48 11.51 -8.83 11.66
C VAL A 48 10.11 -8.56 11.08
N PRO A 49 9.89 -7.37 10.49
CA PRO A 49 8.65 -7.04 9.78
C PRO A 49 8.77 -7.25 8.25
N PRO A 50 8.40 -8.43 7.72
CA PRO A 50 8.52 -8.74 6.28
C PRO A 50 7.46 -8.04 5.41
N ALA A 51 6.38 -7.57 6.05
CA ALA A 51 5.30 -6.90 5.33
C ALA A 51 5.57 -5.39 5.15
N GLN A 52 6.02 -4.74 6.22
CA GLN A 52 6.28 -3.28 6.22
C GLN A 52 5.03 -2.49 5.79
N HIS A 53 3.86 -3.12 5.90
CA HIS A 53 2.58 -2.49 5.57
C HIS A 53 1.46 -3.03 6.47
N PRO A 54 0.44 -2.20 6.78
CA PRO A 54 -0.71 -2.63 7.59
C PRO A 54 -1.60 -3.68 6.89
N ASN A 55 -1.59 -3.65 5.55
CA ASN A 55 -2.45 -4.53 4.74
C ASN A 55 -3.94 -4.42 5.14
N PRO A 56 -4.55 -3.23 4.99
CA PRO A 56 -6.00 -3.01 5.23
C PRO A 56 -6.86 -3.70 4.15
N CYS A 57 -6.22 -4.09 3.05
CA CYS A 57 -6.92 -4.68 1.90
C CYS A 57 -7.10 -6.19 2.08
N PRO A 58 -8.13 -6.79 1.46
CA PRO A 58 -8.43 -8.24 1.59
C PRO A 58 -7.19 -9.14 1.42
N PRO A 59 -7.14 -10.29 2.15
CA PRO A 59 -6.01 -11.23 2.08
C PRO A 59 -5.62 -11.59 0.63
N GLY A 60 -4.34 -11.50 0.32
CA GLY A 60 -3.87 -11.68 -1.05
C GLY A 60 -3.56 -10.37 -1.76
N TYR A 61 -4.30 -9.31 -1.41
CA TYR A 61 -4.10 -7.97 -1.98
C TYR A 61 -3.09 -7.16 -1.16
N GLU A 62 -2.10 -6.61 -1.83
CA GLU A 62 -1.03 -5.85 -1.19
C GLU A 62 -1.07 -4.37 -1.61
N PRO A 63 -0.81 -3.44 -0.67
CA PRO A 63 -0.85 -1.99 -0.94
C PRO A 63 0.34 -1.52 -1.81
N ASP A 64 0.04 -0.84 -2.91
CA ASP A 64 1.05 -0.40 -3.86
C ASP A 64 1.61 0.98 -3.49
N ASP A 65 2.94 1.10 -3.40
CA ASP A 65 3.56 2.37 -3.01
C ASP A 65 3.98 3.19 -4.25
N GLN A 66 3.29 4.30 -4.49
CA GLN A 66 3.68 5.23 -5.56
C GLN A 66 4.10 6.59 -4.97
N ASP A 67 5.09 7.23 -5.59
CA ASP A 67 5.49 8.59 -5.22
C ASP A 67 4.95 9.62 -6.23
N SER A 68 3.90 10.33 -5.84
CA SER A 68 3.31 11.37 -6.70
C SER A 68 4.13 12.65 -6.65
N CYS A 69 4.90 12.84 -5.57
CA CYS A 69 5.75 14.02 -5.41
C CYS A 69 4.94 15.33 -5.40
N VAL A 70 3.66 15.23 -5.10
CA VAL A 70 2.78 16.39 -5.01
C VAL A 70 2.33 16.63 -3.56
N ASP A 71 2.49 17.86 -3.08
CA ASP A 71 2.08 18.23 -1.72
C ASP A 71 0.53 18.19 -1.57
N SER A 1 10.40 -0.09 -15.75
CA SER A 1 9.46 -1.04 -15.10
C SER A 1 9.29 -0.74 -13.61
N ASP A 2 10.40 -0.50 -12.92
CA ASP A 2 10.39 -0.30 -11.46
C ASP A 2 9.64 1.00 -11.07
N VAL A 3 10.22 2.15 -11.43
CA VAL A 3 9.64 3.45 -11.04
C VAL A 3 9.43 4.38 -12.25
N ASN A 4 8.47 5.29 -12.14
CA ASN A 4 8.19 6.28 -13.19
C ASN A 4 7.99 7.67 -12.58
N GLU A 5 8.13 8.72 -13.40
CA GLU A 5 8.04 10.10 -12.92
C GLU A 5 6.61 10.68 -13.07
N CYS A 6 6.48 11.98 -12.83
CA CYS A 6 5.16 12.67 -12.82
C CYS A 6 4.41 12.56 -14.17
N LEU A 7 5.11 12.21 -15.24
CA LEU A 7 4.47 12.03 -16.55
C LEU A 7 3.82 10.64 -16.68
N THR A 8 3.81 9.87 -15.59
CA THR A 8 3.25 8.51 -15.58
C THR A 8 1.73 8.51 -15.73
N ILE A 9 1.18 7.39 -16.19
CA ILE A 9 -0.26 7.21 -16.37
C ILE A 9 -0.94 6.90 -15.02
N PRO A 10 -2.08 7.56 -14.71
CA PRO A 10 -2.82 7.33 -13.44
C PRO A 10 -3.25 5.86 -13.22
N GLU A 11 -2.32 5.03 -12.77
CA GLU A 11 -2.62 3.65 -12.37
C GLU A 11 -2.93 3.55 -10.87
N ALA A 12 -3.00 4.70 -10.22
CA ALA A 12 -3.39 4.79 -8.80
C ALA A 12 -4.50 5.83 -8.61
N CYS A 13 -5.19 5.78 -7.49
CA CYS A 13 -6.30 6.70 -7.21
C CYS A 13 -5.87 7.87 -6.30
N LYS A 14 -6.34 9.08 -6.63
CA LYS A 14 -5.95 10.29 -5.89
C LYS A 14 -6.68 10.39 -4.54
N GLY A 15 -5.91 10.50 -3.46
CA GLY A 15 -6.50 10.57 -2.11
C GLY A 15 -7.03 9.22 -1.64
N GLU A 16 -6.83 8.19 -2.45
CA GLU A 16 -7.31 6.84 -2.16
C GLU A 16 -6.18 5.82 -2.32
N MET A 17 -6.21 4.74 -1.54
CA MET A 17 -5.11 3.79 -1.52
C MET A 17 -5.28 2.67 -2.56
N LYS A 18 -4.17 2.32 -3.20
CA LYS A 18 -4.16 1.25 -4.20
C LYS A 18 -3.82 -0.11 -3.55
N CYS A 19 -4.80 -1.01 -3.53
CA CYS A 19 -4.61 -2.36 -2.97
C CYS A 19 -4.52 -3.39 -4.10
N ILE A 20 -3.32 -3.93 -4.31
CA ILE A 20 -3.07 -4.87 -5.41
C ILE A 20 -2.31 -6.11 -4.93
N ASN A 21 -2.34 -7.17 -5.71
CA ASN A 21 -1.53 -8.36 -5.42
C ASN A 21 -0.64 -8.72 -6.61
N HIS A 22 0.37 -9.56 -6.37
CA HIS A 22 1.29 -9.97 -7.44
C HIS A 22 0.58 -10.83 -8.51
N TYR A 23 -0.67 -11.22 -8.25
CA TYR A 23 -1.48 -11.95 -9.21
C TYR A 23 -2.05 -11.03 -10.31
N GLY A 24 -2.21 -9.74 -9.99
CA GLY A 24 -2.71 -8.77 -10.97
C GLY A 24 -4.05 -8.14 -10.60
N GLY A 25 -4.50 -8.34 -9.37
CA GLY A 25 -5.75 -7.73 -8.90
C GLY A 25 -5.58 -6.25 -8.55
N TYR A 26 -6.60 -5.44 -8.84
CA TYR A 26 -6.52 -3.98 -8.65
C TYR A 26 -7.74 -3.43 -7.87
N LEU A 27 -7.48 -2.81 -6.72
CA LEU A 27 -8.53 -2.17 -5.91
C LEU A 27 -8.11 -0.77 -5.43
N CYS A 28 -9.08 0.14 -5.27
CA CYS A 28 -8.83 1.46 -4.65
C CYS A 28 -9.73 1.66 -3.42
N LEU A 29 -9.11 1.77 -2.24
CA LEU A 29 -9.85 1.95 -0.98
C LEU A 29 -9.74 3.40 -0.47
N PRO A 30 -10.73 3.85 0.32
CA PRO A 30 -10.70 5.20 0.94
C PRO A 30 -9.49 5.43 1.86
N ARG A 31 -9.20 6.69 2.16
CA ARG A 31 -8.06 7.05 3.02
C ARG A 31 -8.41 6.89 4.52
N SER A 32 -9.54 6.26 4.81
CA SER A 32 -9.93 5.94 6.19
C SER A 32 -8.80 5.16 6.89
N ALA A 33 -8.10 4.33 6.12
CA ALA A 33 -6.90 3.63 6.58
C ALA A 33 -5.64 4.22 5.93
N ALA A 34 -4.49 4.09 6.58
CA ALA A 34 -3.24 4.67 6.07
C ALA A 34 -2.16 3.60 5.84
N VAL A 35 -1.41 3.75 4.75
CA VAL A 35 -0.29 2.84 4.42
C VAL A 35 0.98 3.19 5.21
N ILE A 36 0.82 3.42 6.52
CA ILE A 36 1.94 3.79 7.41
C ILE A 36 2.93 2.62 7.62
N ASN A 37 3.81 2.75 8.61
CA ASN A 37 4.77 1.68 8.93
C ASN A 37 4.11 0.49 9.66
N ASP A 38 3.95 0.61 10.98
CA ASP A 38 3.35 -0.46 11.79
C ASP A 38 2.96 0.03 13.19
N LEU A 39 1.66 0.04 13.48
CA LEU A 39 1.17 0.36 14.82
C LEU A 39 0.58 -0.89 15.49
N HIS A 40 1.42 -1.90 15.69
CA HIS A 40 0.99 -3.17 16.29
C HIS A 40 0.88 -3.06 17.82
N GLY A 41 -0.23 -2.46 18.28
CA GLY A 41 -0.47 -2.34 19.72
C GLY A 41 -1.12 -3.60 20.30
N GLU A 42 -0.44 -4.74 20.13
CA GLU A 42 -0.99 -6.03 20.54
C GLU A 42 0.13 -6.96 21.05
N GLY A 43 0.29 -7.00 22.38
CA GLY A 43 1.29 -7.86 23.00
C GLY A 43 2.73 -7.58 22.52
N PRO A 44 3.66 -8.54 22.72
CA PRO A 44 5.04 -8.41 22.24
C PRO A 44 5.17 -8.72 20.73
N PRO A 45 5.55 -7.73 19.90
CA PRO A 45 5.73 -7.91 18.45
C PRO A 45 6.95 -8.78 18.10
N PRO A 46 6.82 -9.69 17.11
CA PRO A 46 7.94 -10.55 16.67
C PRO A 46 9.13 -9.75 16.12
N PRO A 47 10.34 -10.36 16.08
CA PRO A 47 11.53 -9.70 15.54
C PRO A 47 11.37 -9.30 14.06
N VAL A 48 10.80 -8.12 13.82
CA VAL A 48 10.59 -7.60 12.47
C VAL A 48 11.09 -6.15 12.33
N PRO A 49 11.70 -5.80 11.19
CA PRO A 49 12.18 -4.42 10.94
C PRO A 49 11.03 -3.40 10.81
N PRO A 50 11.20 -2.17 11.36
CA PRO A 50 10.16 -1.13 11.31
C PRO A 50 9.79 -0.70 9.88
N ALA A 51 10.67 -0.97 8.91
CA ALA A 51 10.36 -0.70 7.51
C ALA A 51 9.32 -1.71 6.98
N GLN A 52 8.05 -1.40 7.19
CA GLN A 52 6.95 -2.34 6.86
C GLN A 52 5.65 -1.58 6.50
N HIS A 53 4.64 -2.31 6.07
CA HIS A 53 3.30 -1.75 5.81
C HIS A 53 2.21 -2.51 6.60
N PRO A 54 1.11 -1.82 6.99
CA PRO A 54 0.03 -2.42 7.80
C PRO A 54 -0.79 -3.47 7.06
N ASN A 55 -0.85 -3.35 5.72
CA ASN A 55 -1.69 -4.22 4.89
C ASN A 55 -3.17 -4.21 5.35
N PRO A 56 -3.82 -3.03 5.26
CA PRO A 56 -5.22 -2.83 5.70
C PRO A 56 -6.25 -3.46 4.74
N CYS A 57 -5.81 -3.83 3.54
CA CYS A 57 -6.71 -4.24 2.47
C CYS A 57 -7.09 -5.73 2.60
N PRO A 58 -8.28 -6.13 2.09
CA PRO A 58 -8.78 -7.51 2.19
C PRO A 58 -7.71 -8.58 1.89
N PRO A 59 -7.79 -9.76 2.58
CA PRO A 59 -6.82 -10.86 2.39
C PRO A 59 -6.55 -11.17 0.89
N GLY A 60 -5.28 -11.23 0.53
CA GLY A 60 -4.90 -11.46 -0.85
C GLY A 60 -4.64 -10.19 -1.63
N TYR A 61 -4.71 -9.04 -0.95
CA TYR A 61 -4.42 -7.74 -1.57
C TYR A 61 -3.50 -6.89 -0.67
N GLU A 62 -2.30 -6.58 -1.18
CA GLU A 62 -1.29 -5.83 -0.43
C GLU A 62 -1.24 -4.35 -0.89
N PRO A 63 -0.71 -3.44 -0.03
CA PRO A 63 -0.66 -2.01 -0.34
C PRO A 63 0.41 -1.64 -1.39
N ASP A 64 0.05 -0.81 -2.34
CA ASP A 64 0.99 -0.26 -3.33
C ASP A 64 1.34 1.18 -2.95
N ASP A 65 2.63 1.53 -2.98
CA ASP A 65 3.06 2.89 -2.61
C ASP A 65 2.88 3.86 -3.77
N GLN A 66 1.91 4.76 -3.62
CA GLN A 66 1.56 5.71 -4.67
C GLN A 66 2.31 7.04 -4.53
N ASP A 67 3.39 7.21 -5.30
CA ASP A 67 4.12 8.47 -5.35
C ASP A 67 3.35 9.53 -6.17
N SER A 68 2.17 9.89 -5.68
CA SER A 68 1.31 10.86 -6.38
C SER A 68 1.88 12.28 -6.26
N CYS A 69 2.82 12.61 -7.15
CA CYS A 69 3.42 13.95 -7.19
C CYS A 69 2.47 14.98 -7.83
N VAL A 70 1.50 14.49 -8.60
CA VAL A 70 0.50 15.35 -9.23
C VAL A 70 -0.78 15.46 -8.37
N ASP A 71 -1.24 16.68 -8.14
CA ASP A 71 -2.48 16.92 -7.38
C ASP A 71 -3.62 17.41 -8.29
N SER A 1 11.46 -0.81 -18.59
CA SER A 1 11.54 -2.28 -18.35
C SER A 1 11.09 -2.63 -16.94
N ASP A 2 9.80 -2.96 -16.79
CA ASP A 2 9.21 -3.36 -15.51
C ASP A 2 9.34 -2.26 -14.43
N VAL A 3 9.58 -1.03 -14.86
CA VAL A 3 9.71 0.12 -13.95
C VAL A 3 9.17 1.39 -14.64
N ASN A 4 8.67 2.34 -13.84
CA ASN A 4 8.12 3.60 -14.38
C ASN A 4 8.53 4.79 -13.51
N GLU A 5 8.23 5.99 -13.99
CA GLU A 5 8.50 7.22 -13.24
C GLU A 5 7.22 8.05 -13.02
N CYS A 6 7.38 9.24 -12.44
CA CYS A 6 6.23 10.08 -12.06
C CYS A 6 5.48 10.68 -13.25
N LEU A 7 5.85 10.30 -14.47
CA LEU A 7 5.09 10.71 -15.67
C LEU A 7 4.12 9.60 -16.11
N THR A 8 3.90 8.62 -15.23
CA THR A 8 3.04 7.47 -15.52
C THR A 8 1.54 7.85 -15.57
N ILE A 9 0.71 6.86 -15.88
CA ILE A 9 -0.74 7.03 -15.95
C ILE A 9 -1.39 6.87 -14.56
N PRO A 10 -2.42 7.68 -14.22
CA PRO A 10 -3.13 7.56 -12.93
C PRO A 10 -3.71 6.16 -12.67
N GLU A 11 -2.84 5.25 -12.19
CA GLU A 11 -3.25 3.88 -11.85
C GLU A 11 -4.04 3.85 -10.54
N ALA A 12 -3.67 4.72 -9.60
CA ALA A 12 -4.27 4.76 -8.27
C ALA A 12 -5.48 5.70 -8.21
N CYS A 13 -6.18 5.68 -7.08
CA CYS A 13 -7.35 6.53 -6.87
C CYS A 13 -6.98 7.78 -6.06
N LYS A 14 -7.48 8.95 -6.47
CA LYS A 14 -7.11 10.22 -5.86
C LYS A 14 -7.71 10.37 -4.46
N GLY A 15 -6.84 10.52 -3.45
CA GLY A 15 -7.30 10.62 -2.06
C GLY A 15 -7.59 9.26 -1.42
N GLU A 16 -7.31 8.19 -2.15
CA GLU A 16 -7.58 6.82 -1.71
C GLU A 16 -6.37 5.90 -1.93
N MET A 17 -6.36 4.74 -1.26
CA MET A 17 -5.23 3.81 -1.33
C MET A 17 -5.41 2.79 -2.47
N LYS A 18 -4.30 2.42 -3.09
CA LYS A 18 -4.28 1.46 -4.20
C LYS A 18 -3.80 0.07 -3.74
N CYS A 19 -4.71 -0.91 -3.74
CA CYS A 19 -4.39 -2.29 -3.34
C CYS A 19 -4.32 -3.22 -4.55
N ILE A 20 -3.12 -3.74 -4.83
CA ILE A 20 -2.93 -4.65 -5.98
C ILE A 20 -2.16 -5.91 -5.57
N ASN A 21 -2.21 -6.94 -6.39
CA ASN A 21 -1.44 -8.17 -6.15
C ASN A 21 -0.65 -8.60 -7.39
N HIS A 22 0.28 -9.54 -7.21
CA HIS A 22 1.09 -10.06 -8.32
C HIS A 22 0.23 -10.81 -9.36
N TYR A 23 -1.04 -11.04 -9.03
CA TYR A 23 -1.97 -11.74 -9.93
C TYR A 23 -2.67 -10.74 -10.89
N GLY A 24 -2.59 -9.44 -10.58
CA GLY A 24 -3.12 -8.41 -11.47
C GLY A 24 -4.39 -7.72 -10.98
N GLY A 25 -4.87 -8.12 -9.80
CA GLY A 25 -6.08 -7.52 -9.22
C GLY A 25 -5.86 -6.10 -8.70
N TYR A 26 -6.87 -5.23 -8.90
CA TYR A 26 -6.79 -3.81 -8.50
C TYR A 26 -8.02 -3.35 -7.69
N LEU A 27 -7.77 -2.81 -6.50
CA LEU A 27 -8.85 -2.27 -5.63
C LEU A 27 -8.44 -0.92 -5.01
N CYS A 28 -9.42 -0.08 -4.70
CA CYS A 28 -9.15 1.22 -4.03
C CYS A 28 -9.85 1.31 -2.67
N LEU A 29 -9.06 1.37 -1.60
CA LEU A 29 -9.59 1.42 -0.23
C LEU A 29 -9.52 2.85 0.36
N PRO A 30 -10.37 3.16 1.37
CA PRO A 30 -10.39 4.49 2.02
C PRO A 30 -9.01 4.91 2.58
N ARG A 31 -8.82 6.23 2.69
CA ARG A 31 -7.55 6.79 3.19
C ARG A 31 -7.49 6.79 4.74
N SER A 32 -8.42 6.09 5.38
CA SER A 32 -8.49 6.04 6.85
C SER A 32 -7.29 5.32 7.48
N ALA A 33 -6.48 4.64 6.65
CA ALA A 33 -5.31 3.90 7.13
C ALA A 33 -4.05 4.77 7.20
N ALA A 34 -3.12 4.39 8.07
CA ALA A 34 -1.84 5.09 8.21
C ALA A 34 -0.68 4.21 7.74
N VAL A 35 0.42 4.82 7.31
CA VAL A 35 1.54 4.10 6.69
C VAL A 35 2.56 3.57 7.73
N ILE A 36 2.19 3.55 9.00
CA ILE A 36 3.09 3.08 10.06
C ILE A 36 3.21 1.55 10.06
N ASN A 37 4.27 1.04 10.69
CA ASN A 37 4.49 -0.41 10.77
C ASN A 37 3.87 -1.02 12.03
N ASP A 38 3.04 -2.05 11.82
CA ASP A 38 2.37 -2.80 12.89
C ASP A 38 1.45 -1.92 13.76
N LEU A 39 0.15 -2.22 13.69
CA LEU A 39 -0.86 -1.51 14.47
C LEU A 39 -1.90 -2.50 15.03
N HIS A 40 -1.45 -3.72 15.31
CA HIS A 40 -2.33 -4.79 15.81
C HIS A 40 -3.02 -4.37 17.13
N GLY A 41 -4.34 -4.20 17.07
CA GLY A 41 -5.10 -3.83 18.27
C GLY A 41 -5.30 -4.99 19.25
N GLU A 42 -4.79 -6.17 18.88
CA GLU A 42 -4.89 -7.37 19.73
C GLU A 42 -3.96 -7.26 20.95
N GLY A 43 -2.67 -7.08 20.71
CA GLY A 43 -1.70 -7.01 21.81
C GLY A 43 -0.27 -6.69 21.36
N PRO A 44 0.75 -7.37 21.93
CA PRO A 44 2.17 -7.09 21.62
C PRO A 44 2.56 -7.40 20.16
N PRO A 45 3.22 -6.44 19.46
CA PRO A 45 3.65 -6.61 18.06
C PRO A 45 4.65 -7.77 17.86
N PRO A 46 4.44 -8.62 16.82
CA PRO A 46 5.35 -9.73 16.49
C PRO A 46 6.80 -9.26 16.20
N PRO A 47 7.79 -10.16 16.39
CA PRO A 47 9.21 -9.84 16.16
C PRO A 47 9.60 -9.78 14.67
N VAL A 48 8.73 -10.31 13.79
CA VAL A 48 9.03 -10.36 12.35
C VAL A 48 7.79 -10.01 11.48
N PRO A 49 7.73 -8.77 10.98
CA PRO A 49 6.71 -8.36 10.00
C PRO A 49 7.19 -8.52 8.54
N PRO A 50 6.27 -8.83 7.60
CA PRO A 50 6.64 -9.03 6.18
C PRO A 50 7.20 -7.75 5.51
N ALA A 51 6.92 -6.59 6.12
CA ALA A 51 7.41 -5.31 5.62
C ALA A 51 7.06 -4.17 6.59
N GLN A 52 7.59 -2.97 6.35
CA GLN A 52 7.29 -1.79 7.18
C GLN A 52 5.94 -1.15 6.79
N HIS A 53 5.00 -1.97 6.33
CA HIS A 53 3.69 -1.47 5.90
C HIS A 53 2.54 -2.15 6.66
N PRO A 54 1.42 -1.41 6.88
CA PRO A 54 0.25 -1.93 7.61
C PRO A 54 -0.50 -3.05 6.85
N ASN A 55 -0.44 -3.01 5.51
CA ASN A 55 -1.21 -3.92 4.66
C ASN A 55 -2.72 -3.93 5.02
N PRO A 56 -3.39 -2.76 4.87
CA PRO A 56 -4.84 -2.63 5.15
C PRO A 56 -5.70 -3.46 4.20
N CYS A 57 -5.10 -3.91 3.10
CA CYS A 57 -5.81 -4.63 2.05
C CYS A 57 -5.89 -6.13 2.39
N PRO A 58 -7.09 -6.74 2.33
CA PRO A 58 -7.31 -8.15 2.70
C PRO A 58 -6.31 -9.13 2.05
N PRO A 59 -6.01 -10.27 2.73
CA PRO A 59 -5.09 -11.29 2.21
C PRO A 59 -5.34 -11.64 0.72
N GLY A 60 -4.27 -11.69 -0.06
CA GLY A 60 -4.40 -11.89 -1.50
C GLY A 60 -4.05 -10.62 -2.26
N TYR A 61 -4.11 -9.48 -1.58
CA TYR A 61 -3.71 -8.18 -2.14
C TYR A 61 -2.64 -7.52 -1.26
N GLU A 62 -1.99 -6.48 -1.78
CA GLU A 62 -0.97 -5.74 -1.03
C GLU A 62 -0.97 -4.24 -1.42
N PRO A 63 -0.59 -3.34 -0.50
CA PRO A 63 -0.59 -1.89 -0.75
C PRO A 63 0.52 -1.45 -1.71
N ASP A 64 0.15 -0.71 -2.75
CA ASP A 64 1.11 -0.24 -3.76
C ASP A 64 1.49 1.23 -3.50
N ASP A 65 2.72 1.47 -3.04
CA ASP A 65 3.20 2.83 -2.86
C ASP A 65 3.78 3.38 -4.17
N GLN A 66 3.07 4.29 -4.81
CA GLN A 66 3.60 5.00 -5.98
C GLN A 66 3.70 6.50 -5.69
N ASP A 67 4.89 7.07 -5.92
CA ASP A 67 5.15 8.47 -5.62
C ASP A 67 4.42 9.42 -6.59
N SER A 68 3.34 10.02 -6.12
CA SER A 68 2.56 10.96 -6.94
C SER A 68 3.24 12.33 -7.01
N CYS A 69 4.21 12.47 -7.93
CA CYS A 69 4.95 13.73 -8.12
C CYS A 69 4.06 14.82 -8.73
N VAL A 70 3.00 14.41 -9.44
CA VAL A 70 2.11 15.36 -10.13
C VAL A 70 0.65 15.09 -9.79
N ASP A 71 -0.11 16.16 -9.54
CA ASP A 71 -1.55 16.06 -9.24
C ASP A 71 -2.40 16.94 -10.19
N SER A 1 10.90 -6.00 -13.21
CA SER A 1 10.70 -4.75 -12.43
C SER A 1 11.34 -3.55 -13.14
N ASP A 2 10.64 -2.43 -13.14
CA ASP A 2 11.12 -1.21 -13.82
C ASP A 2 10.92 0.04 -12.94
N VAL A 3 11.79 1.03 -13.13
CA VAL A 3 11.73 2.27 -12.36
C VAL A 3 10.81 3.32 -13.01
N ASN A 4 10.14 4.12 -12.19
CA ASN A 4 9.21 5.14 -12.70
C ASN A 4 9.26 6.44 -11.86
N GLU A 5 9.12 7.58 -12.54
CA GLU A 5 8.97 8.87 -11.85
C GLU A 5 7.48 9.19 -11.64
N CYS A 6 7.15 10.47 -11.45
CA CYS A 6 5.74 10.89 -11.26
C CYS A 6 4.94 10.85 -12.57
N LEU A 7 5.64 10.89 -13.71
CA LEU A 7 4.98 10.86 -15.04
C LEU A 7 4.40 9.47 -15.36
N THR A 8 4.57 8.52 -14.44
CA THR A 8 4.15 7.13 -14.66
C THR A 8 2.64 7.00 -14.93
N ILE A 9 2.19 5.77 -15.19
CA ILE A 9 0.78 5.51 -15.52
C ILE A 9 -0.11 5.62 -14.27
N PRO A 10 -1.27 6.31 -14.37
CA PRO A 10 -2.20 6.49 -13.24
C PRO A 10 -2.82 5.17 -12.74
N GLU A 11 -2.01 4.34 -12.09
CA GLU A 11 -2.48 3.07 -11.51
C GLU A 11 -3.05 3.26 -10.11
N ALA A 12 -3.10 4.50 -9.63
CA ALA A 12 -3.61 4.79 -8.30
C ALA A 12 -4.88 5.66 -8.34
N CYS A 13 -5.71 5.54 -7.32
CA CYS A 13 -6.99 6.27 -7.27
C CYS A 13 -6.86 7.54 -6.42
N LYS A 14 -7.44 8.65 -6.90
CA LYS A 14 -7.35 9.93 -6.19
C LYS A 14 -8.29 9.95 -4.97
N GLY A 15 -7.78 10.38 -3.82
CA GLY A 15 -8.55 10.35 -2.59
C GLY A 15 -8.66 8.94 -2.01
N GLU A 16 -7.96 7.98 -2.65
CA GLU A 16 -8.00 6.58 -2.23
C GLU A 16 -6.60 5.93 -2.28
N MET A 17 -6.43 4.81 -1.59
CA MET A 17 -5.17 4.05 -1.64
C MET A 17 -5.29 2.87 -2.61
N LYS A 18 -4.18 2.54 -3.26
CA LYS A 18 -4.12 1.45 -4.25
C LYS A 18 -3.74 0.10 -3.59
N CYS A 19 -4.65 -0.87 -3.64
CA CYS A 19 -4.41 -2.20 -3.08
C CYS A 19 -4.19 -3.24 -4.20
N ILE A 20 -2.96 -3.72 -4.35
CA ILE A 20 -2.65 -4.72 -5.38
C ILE A 20 -1.82 -5.89 -4.80
N ASN A 21 -1.80 -7.00 -5.52
CA ASN A 21 -0.98 -8.15 -5.14
C ASN A 21 -0.11 -8.65 -6.31
N HIS A 22 0.85 -9.52 -6.01
CA HIS A 22 1.72 -10.11 -7.03
C HIS A 22 0.91 -10.87 -8.10
N TYR A 23 -0.30 -11.28 -7.73
CA TYR A 23 -1.21 -11.95 -8.68
C TYR A 23 -1.68 -10.99 -9.78
N GLY A 24 -1.78 -9.70 -9.45
CA GLY A 24 -2.20 -8.71 -10.44
C GLY A 24 -3.54 -8.04 -10.11
N GLY A 25 -4.15 -8.46 -9.00
CA GLY A 25 -5.44 -7.89 -8.59
C GLY A 25 -5.33 -6.42 -8.19
N TYR A 26 -6.32 -5.62 -8.57
CA TYR A 26 -6.30 -4.17 -8.31
C TYR A 26 -7.56 -3.71 -7.55
N LEU A 27 -7.35 -2.99 -6.45
CA LEU A 27 -8.45 -2.43 -5.65
C LEU A 27 -8.12 -1.00 -5.19
N CYS A 28 -9.13 -0.20 -4.85
CA CYS A 28 -8.93 1.14 -4.30
C CYS A 28 -9.79 1.35 -3.04
N LEU A 29 -9.16 1.84 -1.97
CA LEU A 29 -9.84 2.06 -0.68
C LEU A 29 -9.79 3.53 -0.25
N PRO A 30 -10.85 4.05 0.41
CA PRO A 30 -10.90 5.45 0.88
C PRO A 30 -9.63 5.85 1.66
N ARG A 31 -8.99 6.96 1.24
CA ARG A 31 -7.74 7.40 1.86
C ARG A 31 -7.96 8.10 3.21
N SER A 32 -9.22 8.20 3.64
CA SER A 32 -9.57 8.78 4.94
C SER A 32 -8.75 8.15 6.08
N ALA A 33 -8.42 6.88 5.93
CA ALA A 33 -7.52 6.20 6.86
C ALA A 33 -6.29 5.62 6.13
N ALA A 34 -5.13 6.22 6.36
CA ALA A 34 -3.87 5.76 5.77
C ALA A 34 -2.79 5.62 6.84
N VAL A 35 -2.08 4.48 6.84
CA VAL A 35 -0.98 4.20 7.79
C VAL A 35 -1.27 4.63 9.24
N ILE A 36 -2.55 4.68 9.60
CA ILE A 36 -2.96 5.10 10.96
C ILE A 36 -3.15 3.90 11.91
N ASN A 37 -2.87 2.69 11.42
CA ASN A 37 -3.00 1.48 12.24
C ASN A 37 -1.94 0.43 11.90
N ASP A 38 -1.31 -0.12 12.93
CA ASP A 38 -0.36 -1.23 12.79
C ASP A 38 -0.97 -2.51 13.39
N LEU A 39 -1.21 -3.51 12.55
CA LEU A 39 -1.91 -4.74 12.97
C LEU A 39 -0.94 -5.89 13.26
N HIS A 40 -1.48 -6.96 13.87
CA HIS A 40 -0.72 -8.20 14.12
C HIS A 40 0.42 -8.03 15.16
N GLY A 41 0.68 -6.80 15.60
CA GLY A 41 1.71 -6.56 16.60
C GLY A 41 1.28 -6.95 18.00
N GLU A 42 1.06 -8.24 18.23
CA GLU A 42 0.56 -8.73 19.51
C GLU A 42 1.48 -9.81 20.10
N GLY A 43 2.25 -9.46 21.12
CA GLY A 43 3.15 -10.39 21.77
C GLY A 43 4.49 -10.56 21.05
N PRO A 44 4.84 -11.78 20.62
CA PRO A 44 6.11 -12.05 19.92
C PRO A 44 6.10 -11.60 18.44
N PRO A 45 6.87 -10.55 18.09
CA PRO A 45 6.98 -10.05 16.72
C PRO A 45 8.15 -10.70 15.94
N PRO A 46 8.11 -10.66 14.58
CA PRO A 46 9.22 -11.17 13.76
C PRO A 46 10.52 -10.35 13.93
N PRO A 47 11.69 -11.02 13.87
CA PRO A 47 13.00 -10.34 14.03
C PRO A 47 13.26 -9.29 12.92
N VAL A 48 12.64 -9.49 11.76
CA VAL A 48 12.81 -8.58 10.62
C VAL A 48 11.48 -7.91 10.25
N PRO A 49 11.29 -6.61 10.57
CA PRO A 49 10.11 -5.85 10.15
C PRO A 49 10.18 -5.42 8.68
N PRO A 50 9.40 -6.08 7.79
CA PRO A 50 9.49 -5.84 6.33
C PRO A 50 9.13 -4.40 5.94
N ALA A 51 7.97 -3.92 6.40
CA ALA A 51 7.49 -2.56 6.10
C ALA A 51 6.17 -2.28 6.82
N GLN A 52 6.16 -1.33 7.74
CA GLN A 52 4.97 -1.04 8.55
C GLN A 52 3.85 -0.40 7.70
N HIS A 53 3.09 -1.24 7.01
CA HIS A 53 1.88 -0.83 6.29
C HIS A 53 0.63 -1.33 7.03
N PRO A 54 -0.49 -0.57 6.99
CA PRO A 54 -1.71 -0.91 7.74
C PRO A 54 -2.46 -2.13 7.16
N ASN A 55 -2.33 -2.34 5.84
CA ASN A 55 -3.05 -3.42 5.13
C ASN A 55 -4.55 -3.44 5.44
N PRO A 56 -5.28 -2.35 5.09
CA PRO A 56 -6.74 -2.29 5.24
C PRO A 56 -7.46 -3.14 4.18
N CYS A 57 -6.71 -3.53 3.16
CA CYS A 57 -7.26 -4.24 2.00
C CYS A 57 -7.31 -5.75 2.28
N PRO A 58 -8.36 -6.45 1.77
CA PRO A 58 -8.57 -7.89 2.02
C PRO A 58 -7.28 -8.74 1.96
N PRO A 59 -7.11 -9.69 2.92
CA PRO A 59 -5.93 -10.57 2.96
C PRO A 59 -5.61 -11.20 1.59
N GLY A 60 -4.36 -11.10 1.16
CA GLY A 60 -3.98 -11.51 -0.18
C GLY A 60 -3.62 -10.33 -1.07
N TYR A 61 -3.98 -9.12 -0.61
CA TYR A 61 -3.60 -7.86 -1.29
C TYR A 61 -2.70 -7.02 -0.38
N GLU A 62 -1.80 -6.24 -0.98
CA GLU A 62 -0.88 -5.36 -0.22
C GLU A 62 -0.97 -3.91 -0.70
N PRO A 63 -0.78 -2.93 0.21
CA PRO A 63 -0.86 -1.50 -0.14
C PRO A 63 0.32 -1.02 -1.01
N ASP A 64 0.00 -0.55 -2.21
CA ASP A 64 1.00 -0.03 -3.14
C ASP A 64 1.09 1.50 -3.00
N ASP A 65 2.29 2.01 -2.74
CA ASP A 65 2.49 3.44 -2.51
C ASP A 65 2.58 4.21 -3.82
N GLN A 66 1.75 5.24 -3.95
CA GLN A 66 1.72 6.09 -5.15
C GLN A 66 2.62 7.32 -4.98
N ASP A 67 3.37 7.66 -6.02
CA ASP A 67 4.19 8.87 -6.01
C ASP A 67 3.54 9.98 -6.86
N SER A 68 2.21 10.02 -6.84
CA SER A 68 1.44 11.03 -7.57
C SER A 68 1.77 12.45 -7.06
N CYS A 69 2.68 13.13 -7.74
CA CYS A 69 3.09 14.49 -7.37
C CYS A 69 1.98 15.51 -7.63
N VAL A 70 1.18 15.28 -8.68
CA VAL A 70 0.06 16.15 -9.01
C VAL A 70 -1.20 15.82 -8.20
N ASP A 71 -2.05 16.83 -7.98
CA ASP A 71 -3.28 16.66 -7.22
C ASP A 71 -4.49 17.31 -7.95
N SER A 1 16.68 2.85 -14.26
CA SER A 1 17.27 4.19 -14.57
C SER A 1 17.21 5.10 -13.34
N ASP A 2 17.76 6.32 -13.47
CA ASP A 2 17.86 7.26 -12.33
C ASP A 2 16.58 8.08 -12.13
N VAL A 3 15.88 8.41 -13.22
CA VAL A 3 14.66 9.22 -13.14
C VAL A 3 13.61 8.78 -14.18
N ASN A 4 12.33 8.86 -13.83
CA ASN A 4 11.24 8.49 -14.75
C ASN A 4 10.49 9.72 -15.28
N GLU A 5 9.52 9.49 -16.16
CA GLU A 5 8.75 10.59 -16.78
C GLU A 5 7.24 10.44 -16.52
N CYS A 6 6.47 11.49 -16.84
CA CYS A 6 5.02 11.50 -16.59
C CYS A 6 4.25 10.78 -17.72
N LEU A 7 4.88 9.78 -18.32
CA LEU A 7 4.26 9.02 -19.42
C LEU A 7 3.41 7.86 -18.89
N THR A 8 3.42 7.67 -17.57
CA THR A 8 2.74 6.53 -16.93
C THR A 8 1.22 6.76 -16.79
N ILE A 9 0.51 5.72 -16.35
CA ILE A 9 -0.94 5.77 -16.18
C ILE A 9 -1.32 6.08 -14.73
N PRO A 10 -2.30 6.98 -14.50
CA PRO A 10 -2.83 7.25 -13.14
C PRO A 10 -3.57 6.02 -12.56
N GLU A 11 -2.79 5.05 -12.09
CA GLU A 11 -3.33 3.78 -11.60
C GLU A 11 -4.03 3.89 -10.24
N ALA A 12 -3.58 4.82 -9.40
CA ALA A 12 -4.08 4.91 -8.01
C ALA A 12 -5.33 5.81 -7.89
N CYS A 13 -5.94 5.80 -6.72
CA CYS A 13 -7.13 6.62 -6.44
C CYS A 13 -6.74 7.90 -5.68
N LYS A 14 -7.30 9.03 -6.09
CA LYS A 14 -6.99 10.32 -5.47
C LYS A 14 -7.53 10.39 -4.02
N GLY A 15 -6.62 10.59 -3.07
CA GLY A 15 -7.02 10.70 -1.66
C GLY A 15 -7.35 9.37 -0.99
N GLU A 16 -7.20 8.27 -1.72
CA GLU A 16 -7.49 6.93 -1.19
C GLU A 16 -6.35 5.95 -1.54
N MET A 17 -6.28 4.83 -0.84
CA MET A 17 -5.11 3.94 -0.95
C MET A 17 -5.28 2.87 -2.05
N LYS A 18 -4.15 2.45 -2.60
CA LYS A 18 -4.13 1.49 -3.72
C LYS A 18 -3.62 0.10 -3.26
N CYS A 19 -4.50 -0.89 -3.30
CA CYS A 19 -4.15 -2.27 -2.95
C CYS A 19 -4.12 -3.16 -4.21
N ILE A 20 -2.94 -3.68 -4.55
CA ILE A 20 -2.78 -4.52 -5.74
C ILE A 20 -2.00 -5.81 -5.43
N ASN A 21 -2.11 -6.79 -6.31
CA ASN A 21 -1.32 -8.02 -6.21
C ASN A 21 -0.61 -8.34 -7.53
N HIS A 22 0.39 -9.21 -7.48
CA HIS A 22 1.15 -9.58 -8.69
C HIS A 22 0.29 -10.39 -9.67
N TYR A 23 -0.90 -10.80 -9.22
CA TYR A 23 -1.89 -11.49 -10.08
C TYR A 23 -2.50 -10.51 -11.10
N GLY A 24 -2.61 -9.24 -10.73
CA GLY A 24 -3.19 -8.23 -11.61
C GLY A 24 -4.50 -7.64 -11.07
N GLY A 25 -4.81 -7.95 -9.81
CA GLY A 25 -6.00 -7.42 -9.16
C GLY A 25 -5.78 -6.03 -8.56
N TYR A 26 -6.77 -5.16 -8.70
CA TYR A 26 -6.68 -3.77 -8.22
C TYR A 26 -7.91 -3.37 -7.37
N LEU A 27 -7.67 -2.89 -6.15
CA LEU A 27 -8.73 -2.41 -5.25
C LEU A 27 -8.28 -1.15 -4.51
N CYS A 28 -9.18 -0.16 -4.37
CA CYS A 28 -8.87 1.04 -3.57
C CYS A 28 -9.56 1.01 -2.20
N LEU A 29 -8.83 1.39 -1.15
CA LEU A 29 -9.36 1.39 0.21
C LEU A 29 -9.47 2.83 0.76
N PRO A 30 -10.44 3.07 1.68
CA PRO A 30 -10.65 4.41 2.27
C PRO A 30 -9.42 4.93 3.04
N ARG A 31 -9.22 6.25 3.01
CA ARG A 31 -8.07 6.88 3.68
C ARG A 31 -8.23 6.89 5.22
N SER A 32 -9.28 6.23 5.71
CA SER A 32 -9.48 6.05 7.15
C SER A 32 -8.33 5.25 7.77
N ALA A 33 -7.69 4.42 6.95
CA ALA A 33 -6.49 3.69 7.38
C ALA A 33 -5.22 4.52 7.11
N ALA A 34 -4.26 4.45 8.03
CA ALA A 34 -3.02 5.24 7.93
C ALA A 34 -1.94 4.53 7.10
N VAL A 35 -1.15 5.30 6.35
CA VAL A 35 -0.08 4.74 5.51
C VAL A 35 1.31 4.92 6.16
N ILE A 36 1.35 5.43 7.39
CA ILE A 36 2.61 5.60 8.14
C ILE A 36 3.22 4.25 8.57
N ASN A 37 4.50 4.27 8.97
CA ASN A 37 5.19 3.04 9.39
C ASN A 37 4.57 2.43 10.65
N ASP A 38 3.58 1.57 10.46
CA ASP A 38 2.93 0.86 11.56
C ASP A 38 2.90 -0.64 11.28
N LEU A 39 2.75 -1.45 12.33
CA LEU A 39 2.76 -2.90 12.20
C LEU A 39 1.35 -3.44 11.93
N HIS A 40 1.23 -4.39 11.00
CA HIS A 40 -0.08 -4.92 10.59
C HIS A 40 -0.75 -5.70 11.73
N GLY A 41 0.01 -6.59 12.38
CA GLY A 41 -0.54 -7.38 13.47
C GLY A 41 -1.20 -8.69 13.01
N GLU A 42 -0.44 -9.77 13.05
CA GLU A 42 -0.93 -11.08 12.60
C GLU A 42 -1.58 -11.89 13.74
N GLY A 43 -1.70 -11.26 14.92
CA GLY A 43 -2.28 -11.93 16.08
C GLY A 43 -1.52 -11.63 17.37
N PRO A 44 -0.27 -12.14 17.52
CA PRO A 44 0.59 -11.84 18.67
C PRO A 44 0.96 -10.34 18.76
N PRO A 45 1.62 -9.90 19.87
CA PRO A 45 2.13 -8.53 19.98
C PRO A 45 3.11 -8.17 18.85
N PRO A 46 2.74 -7.21 17.98
CA PRO A 46 3.50 -6.86 16.76
C PRO A 46 5.02 -6.67 16.96
N PRO A 47 5.85 -7.48 16.24
CA PRO A 47 7.31 -7.32 16.26
C PRO A 47 7.78 -6.07 15.48
N VAL A 48 8.99 -5.60 15.77
CA VAL A 48 9.50 -4.36 15.18
C VAL A 48 10.66 -4.60 14.19
N PRO A 49 10.41 -4.42 12.88
CA PRO A 49 11.46 -4.45 11.85
C PRO A 49 12.08 -3.07 11.59
N PRO A 50 13.23 -2.99 10.86
CA PRO A 50 13.90 -1.71 10.56
C PRO A 50 13.06 -0.79 9.64
N ALA A 51 12.09 -1.39 8.95
CA ALA A 51 11.16 -0.65 8.08
C ALA A 51 9.95 -1.52 7.73
N GLN A 52 8.77 -0.92 7.59
CA GLN A 52 7.56 -1.70 7.28
C GLN A 52 6.38 -0.80 6.85
N HIS A 53 5.47 -1.39 6.08
CA HIS A 53 4.19 -0.74 5.74
C HIS A 53 3.05 -1.37 6.57
N PRO A 54 2.04 -0.57 6.96
CA PRO A 54 0.91 -1.05 7.77
C PRO A 54 0.11 -2.18 7.09
N ASN A 55 0.12 -2.18 5.75
CA ASN A 55 -0.64 -3.16 4.96
C ASN A 55 -2.13 -3.23 5.36
N PRO A 56 -2.86 -2.09 5.23
CA PRO A 56 -4.32 -2.06 5.50
C PRO A 56 -5.09 -3.04 4.60
N CYS A 57 -4.45 -3.48 3.53
CA CYS A 57 -5.06 -4.40 2.56
C CYS A 57 -4.84 -5.85 3.00
N PRO A 58 -5.87 -6.71 2.89
CA PRO A 58 -5.79 -8.12 3.35
C PRO A 58 -4.91 -8.99 2.43
N PRO A 59 -4.23 -10.02 3.01
CA PRO A 59 -3.37 -10.93 2.23
C PRO A 59 -4.00 -11.38 0.91
N GLY A 60 -3.25 -11.25 -0.18
CA GLY A 60 -3.81 -11.40 -1.51
C GLY A 60 -3.87 -10.06 -2.24
N TYR A 61 -3.92 -8.99 -1.46
CA TYR A 61 -3.79 -7.61 -1.96
C TYR A 61 -2.87 -6.81 -1.04
N GLU A 62 -1.82 -6.22 -1.60
CA GLU A 62 -0.83 -5.47 -0.82
C GLU A 62 -0.76 -4.00 -1.27
N PRO A 63 -0.38 -3.08 -0.35
CA PRO A 63 -0.31 -1.64 -0.67
C PRO A 63 0.76 -1.30 -1.71
N ASP A 64 0.42 -0.38 -2.62
CA ASP A 64 1.35 0.07 -3.66
C ASP A 64 1.74 1.55 -3.48
N ASP A 65 3.04 1.84 -3.52
CA ASP A 65 3.51 3.22 -3.41
C ASP A 65 3.94 3.78 -4.78
N GLN A 66 3.13 4.69 -5.33
CA GLN A 66 3.53 5.52 -6.47
C GLN A 66 3.49 7.01 -6.06
N ASP A 67 4.66 7.60 -5.87
CA ASP A 67 4.78 8.98 -5.38
C ASP A 67 4.21 10.00 -6.38
N SER A 68 4.85 10.10 -7.56
CA SER A 68 4.36 10.99 -8.61
C SER A 68 4.93 10.58 -9.98
N CYS A 69 4.67 11.41 -11.00
CA CYS A 69 5.16 11.17 -12.36
C CYS A 69 6.70 11.16 -12.45
N VAL A 70 7.37 11.91 -11.58
CA VAL A 70 8.83 12.07 -11.68
C VAL A 70 9.53 11.92 -10.31
N ASP A 71 10.81 11.58 -10.35
CA ASP A 71 11.65 11.48 -9.15
C ASP A 71 12.10 12.88 -8.67
N SER A 1 9.58 -0.84 -11.99
CA SER A 1 10.28 0.43 -12.34
C SER A 1 10.76 1.17 -11.09
N ASP A 2 12.07 1.27 -10.93
CA ASP A 2 12.66 1.98 -9.78
C ASP A 2 12.43 3.51 -9.85
N VAL A 3 13.00 4.16 -10.88
CA VAL A 3 12.83 5.60 -11.06
C VAL A 3 11.67 5.90 -12.03
N ASN A 4 10.60 6.50 -11.50
CA ASN A 4 9.43 6.87 -12.31
C ASN A 4 9.00 8.31 -12.01
N GLU A 5 8.29 8.92 -12.96
CA GLU A 5 7.87 10.33 -12.84
C GLU A 5 6.36 10.50 -13.13
N CYS A 6 5.92 11.76 -13.22
CA CYS A 6 4.49 12.06 -13.47
C CYS A 6 4.12 11.96 -14.96
N LEU A 7 4.90 11.20 -15.74
CA LEU A 7 4.65 11.05 -17.18
C LEU A 7 3.78 9.82 -17.49
N THR A 8 3.66 8.93 -16.53
CA THR A 8 2.96 7.63 -16.74
C THR A 8 1.43 7.78 -16.68
N ILE A 9 0.74 6.67 -16.92
CA ILE A 9 -0.73 6.64 -16.92
C ILE A 9 -1.28 6.37 -15.50
N PRO A 10 -2.27 7.16 -15.04
CA PRO A 10 -2.84 7.00 -13.69
C PRO A 10 -3.63 5.68 -13.51
N GLU A 11 -2.89 4.57 -13.31
CA GLU A 11 -3.51 3.29 -12.96
C GLU A 11 -3.69 3.16 -11.43
N ALA A 12 -3.41 4.24 -10.71
CA ALA A 12 -3.67 4.32 -9.27
C ALA A 12 -4.88 5.22 -8.99
N CYS A 13 -5.34 5.26 -7.74
CA CYS A 13 -6.48 6.12 -7.36
C CYS A 13 -6.01 7.41 -6.69
N LYS A 14 -6.61 8.53 -7.10
CA LYS A 14 -6.23 9.86 -6.60
C LYS A 14 -6.78 10.14 -5.20
N GLY A 15 -5.91 10.51 -4.26
CA GLY A 15 -6.35 10.88 -2.91
C GLY A 15 -6.65 9.69 -2.01
N GLU A 16 -6.82 8.51 -2.62
CA GLU A 16 -7.16 7.28 -1.89
C GLU A 16 -6.07 6.22 -2.10
N MET A 17 -6.03 5.20 -1.24
CA MET A 17 -4.92 4.24 -1.26
C MET A 17 -5.18 3.07 -2.22
N LYS A 18 -4.11 2.58 -2.83
CA LYS A 18 -4.19 1.50 -3.82
C LYS A 18 -3.69 0.16 -3.24
N CYS A 19 -4.59 -0.82 -3.16
CA CYS A 19 -4.24 -2.19 -2.72
C CYS A 19 -4.21 -3.15 -3.92
N ILE A 20 -3.01 -3.59 -4.28
CA ILE A 20 -2.82 -4.54 -5.38
C ILE A 20 -1.90 -5.68 -4.95
N ASN A 21 -1.93 -6.78 -5.68
CA ASN A 21 -1.03 -7.90 -5.42
C ASN A 21 -0.23 -8.28 -6.68
N HIS A 22 0.84 -9.05 -6.49
CA HIS A 22 1.66 -9.51 -7.62
C HIS A 22 0.84 -10.33 -8.64
N TYR A 23 -0.29 -10.88 -8.18
CA TYR A 23 -1.20 -11.63 -9.05
C TYR A 23 -1.97 -10.71 -10.02
N GLY A 24 -2.15 -9.44 -9.66
CA GLY A 24 -2.81 -8.48 -10.55
C GLY A 24 -4.15 -7.95 -10.03
N GLY A 25 -4.56 -8.37 -8.83
CA GLY A 25 -5.80 -7.87 -8.23
C GLY A 25 -5.74 -6.39 -7.89
N TYR A 26 -6.78 -5.64 -8.26
CA TYR A 26 -6.80 -4.18 -8.06
C TYR A 26 -7.93 -3.74 -7.10
N LEU A 27 -7.56 -3.00 -6.05
CA LEU A 27 -8.53 -2.38 -5.12
C LEU A 27 -8.07 -0.97 -4.69
N CYS A 28 -9.03 -0.11 -4.32
CA CYS A 28 -8.71 1.23 -3.81
C CYS A 28 -9.48 1.53 -2.52
N LEU A 29 -8.75 1.74 -1.43
CA LEU A 29 -9.34 1.95 -0.10
C LEU A 29 -9.56 3.44 0.20
N PRO A 30 -10.62 3.77 0.99
CA PRO A 30 -10.91 5.16 1.39
C PRO A 30 -9.78 5.79 2.22
N ARG A 31 -9.61 7.11 2.09
CA ARG A 31 -8.53 7.84 2.77
C ARG A 31 -8.74 7.90 4.30
N SER A 32 -9.91 7.47 4.76
CA SER A 32 -10.20 7.38 6.21
C SER A 32 -9.42 6.23 6.87
N ALA A 33 -8.78 5.41 6.05
CA ALA A 33 -7.92 4.32 6.55
C ALA A 33 -6.50 4.83 6.83
N ALA A 34 -5.77 4.16 7.73
CA ALA A 34 -4.45 4.63 8.16
C ALA A 34 -3.34 4.21 7.19
N VAL A 35 -2.64 5.21 6.62
CA VAL A 35 -1.57 4.96 5.65
C VAL A 35 -0.24 4.59 6.33
N ILE A 36 -0.15 4.85 7.63
CA ILE A 36 1.10 4.67 8.38
C ILE A 36 1.29 3.24 8.90
N ASN A 37 2.50 2.95 9.35
CA ASN A 37 2.85 1.64 9.90
C ASN A 37 1.91 1.21 11.05
N ASP A 38 1.22 0.09 10.86
CA ASP A 38 0.27 -0.40 11.85
C ASP A 38 0.18 -1.93 11.85
N LEU A 39 -0.03 -2.51 13.03
CA LEU A 39 -0.20 -3.97 13.19
C LEU A 39 -1.02 -4.29 14.44
N HIS A 40 -1.59 -5.50 14.50
CA HIS A 40 -2.42 -5.90 15.64
C HIS A 40 -2.15 -7.35 16.06
N GLY A 41 -2.90 -7.81 17.05
CA GLY A 41 -2.72 -9.14 17.62
C GLY A 41 -2.91 -9.13 19.13
N GLU A 42 -2.34 -10.09 19.84
CA GLU A 42 -2.41 -10.12 21.31
C GLU A 42 -1.20 -10.83 21.92
N GLY A 43 -0.54 -10.17 22.86
CA GLY A 43 0.67 -10.71 23.45
C GLY A 43 1.93 -10.39 22.62
N PRO A 44 2.81 -11.38 22.40
CA PRO A 44 4.03 -11.18 21.60
C PRO A 44 3.81 -11.30 20.09
N PRO A 45 4.06 -10.22 19.32
CA PRO A 45 4.00 -10.25 17.85
C PRO A 45 5.26 -10.90 17.23
N PRO A 46 5.24 -11.20 15.91
CA PRO A 46 6.41 -11.77 15.21
C PRO A 46 7.62 -10.81 15.20
N PRO A 47 8.86 -11.35 15.15
CA PRO A 47 10.09 -10.54 15.17
C PRO A 47 10.50 -10.03 13.77
N VAL A 48 9.55 -10.05 12.83
CA VAL A 48 9.80 -9.64 11.45
C VAL A 48 8.69 -8.72 10.92
N PRO A 49 9.03 -7.51 10.46
CA PRO A 49 8.06 -6.60 9.83
C PRO A 49 7.75 -6.98 8.37
N PRO A 50 6.47 -7.20 8.02
CA PRO A 50 6.07 -7.53 6.64
C PRO A 50 6.30 -6.37 5.66
N ALA A 51 6.04 -5.15 6.14
CA ALA A 51 6.23 -3.94 5.34
C ALA A 51 6.21 -2.70 6.23
N GLN A 52 6.60 -1.55 5.67
CA GLN A 52 6.54 -0.28 6.40
C GLN A 52 5.12 0.31 6.36
N HIS A 53 4.26 -0.27 5.53
CA HIS A 53 2.85 0.09 5.45
C HIS A 53 1.95 -0.98 6.12
N PRO A 54 0.76 -0.58 6.61
CA PRO A 54 -0.10 -1.43 7.47
C PRO A 54 -0.66 -2.70 6.81
N ASN A 55 -0.82 -2.71 5.48
CA ASN A 55 -1.62 -3.74 4.80
C ASN A 55 -3.05 -3.79 5.40
N PRO A 56 -3.81 -2.68 5.28
CA PRO A 56 -5.15 -2.55 5.87
C PRO A 56 -6.23 -3.36 5.11
N CYS A 57 -5.92 -3.73 3.87
CA CYS A 57 -6.85 -4.51 3.04
C CYS A 57 -6.67 -6.01 3.26
N PRO A 58 -7.76 -6.81 3.10
CA PRO A 58 -7.76 -8.26 3.38
C PRO A 58 -6.54 -9.02 2.81
N PRO A 59 -6.08 -10.07 3.53
CA PRO A 59 -4.93 -10.89 3.10
C PRO A 59 -4.99 -11.29 1.61
N GLY A 60 -3.84 -11.20 0.93
CA GLY A 60 -3.79 -11.47 -0.49
C GLY A 60 -3.42 -10.25 -1.32
N TYR A 61 -3.49 -9.07 -0.70
CA TYR A 61 -3.10 -7.80 -1.35
C TYR A 61 -1.97 -7.09 -0.58
N GLU A 62 -1.34 -6.13 -1.24
CA GLU A 62 -0.27 -5.33 -0.62
C GLU A 62 -0.42 -3.83 -0.98
N PRO A 63 0.07 -2.93 -0.12
CA PRO A 63 -0.04 -1.48 -0.35
C PRO A 63 0.93 -0.98 -1.43
N ASP A 64 0.40 -0.26 -2.43
CA ASP A 64 1.21 0.27 -3.51
C ASP A 64 1.61 1.74 -3.25
N ASP A 65 2.86 2.07 -3.55
CA ASP A 65 3.36 3.44 -3.35
C ASP A 65 3.14 4.30 -4.60
N GLN A 66 2.27 5.29 -4.47
CA GLN A 66 1.90 6.17 -5.58
C GLN A 66 2.56 7.56 -5.45
N ASP A 67 3.63 7.78 -6.22
CA ASP A 67 4.31 9.08 -6.25
C ASP A 67 3.75 9.98 -7.37
N SER A 68 2.91 10.95 -7.01
CA SER A 68 2.33 11.87 -8.00
C SER A 68 2.57 13.33 -7.62
N CYS A 69 3.38 14.02 -8.42
CA CYS A 69 3.66 15.44 -8.21
C CYS A 69 2.43 16.31 -8.49
N VAL A 70 1.47 15.77 -9.24
CA VAL A 70 0.24 16.50 -9.59
C VAL A 70 -0.96 16.02 -8.76
N ASP A 71 -1.85 16.96 -8.41
CA ASP A 71 -3.02 16.65 -7.58
C ASP A 71 -4.20 17.61 -7.91
N SER A 1 4.28 -5.19 -11.46
CA SER A 1 4.85 -3.81 -11.48
C SER A 1 6.37 -3.84 -11.64
N ASP A 2 6.85 -3.65 -12.87
CA ASP A 2 8.29 -3.65 -13.16
C ASP A 2 8.99 -2.40 -12.60
N VAL A 3 10.32 -2.48 -12.48
CA VAL A 3 11.12 -1.34 -12.03
C VAL A 3 11.15 -0.23 -13.09
N ASN A 4 10.72 0.98 -12.71
CA ASN A 4 10.67 2.11 -13.65
C ASN A 4 10.61 3.44 -12.88
N GLU A 5 10.85 4.55 -13.59
CA GLU A 5 10.82 5.89 -12.97
C GLU A 5 9.38 6.30 -12.62
N CYS A 6 9.23 7.38 -11.86
CA CYS A 6 7.90 7.85 -11.45
C CYS A 6 7.23 8.69 -12.54
N LEU A 7 7.60 8.45 -13.81
CA LEU A 7 6.95 9.13 -14.95
C LEU A 7 5.65 8.42 -15.34
N THR A 8 5.33 7.34 -14.62
CA THR A 8 4.11 6.56 -14.88
C THR A 8 2.83 7.38 -14.72
N ILE A 9 1.76 6.94 -15.37
CA ILE A 9 0.47 7.61 -15.28
C ILE A 9 -0.20 7.32 -13.92
N PRO A 10 -0.84 8.33 -13.28
CA PRO A 10 -1.58 8.14 -12.02
C PRO A 10 -2.69 7.08 -12.13
N GLU A 11 -2.29 5.81 -12.11
CA GLU A 11 -3.24 4.69 -12.19
C GLU A 11 -3.88 4.41 -10.82
N ALA A 12 -3.51 5.18 -9.82
CA ALA A 12 -4.13 5.10 -8.49
C ALA A 12 -5.32 6.07 -8.40
N CYS A 13 -6.07 6.00 -7.30
CA CYS A 13 -7.20 6.90 -7.10
C CYS A 13 -6.79 8.09 -6.21
N LYS A 14 -7.19 9.29 -6.61
CA LYS A 14 -6.68 10.52 -6.00
C LYS A 14 -7.30 10.75 -4.61
N GLY A 15 -6.44 10.79 -3.59
CA GLY A 15 -6.91 10.94 -2.21
C GLY A 15 -7.43 9.63 -1.62
N GLU A 16 -7.37 8.56 -2.42
CA GLU A 16 -7.91 7.25 -2.04
C GLU A 16 -6.81 6.17 -2.01
N MET A 17 -7.11 5.03 -1.40
CA MET A 17 -6.12 3.97 -1.21
C MET A 17 -6.11 2.97 -2.38
N LYS A 18 -4.93 2.51 -2.78
CA LYS A 18 -4.77 1.57 -3.90
C LYS A 18 -4.34 0.17 -3.42
N CYS A 19 -5.24 -0.79 -3.54
CA CYS A 19 -4.96 -2.19 -3.17
C CYS A 19 -4.90 -3.08 -4.42
N ILE A 20 -3.74 -3.68 -4.67
CA ILE A 20 -3.55 -4.55 -5.84
C ILE A 20 -2.91 -5.89 -5.47
N ASN A 21 -3.04 -6.87 -6.35
CA ASN A 21 -2.37 -8.16 -6.17
C ASN A 21 -1.26 -8.34 -7.22
N HIS A 22 -0.46 -9.40 -7.07
CA HIS A 22 0.65 -9.65 -7.99
C HIS A 22 0.15 -10.19 -9.35
N TYR A 23 -1.13 -10.52 -9.40
CA TYR A 23 -1.78 -10.99 -10.64
C TYR A 23 -2.14 -9.81 -11.57
N GLY A 24 -2.25 -8.61 -11.01
CA GLY A 24 -2.57 -7.43 -11.80
C GLY A 24 -3.91 -6.79 -11.45
N GLY A 25 -4.67 -7.44 -10.57
CA GLY A 25 -5.97 -6.91 -10.14
C GLY A 25 -5.88 -5.56 -9.44
N TYR A 26 -6.64 -4.58 -9.93
CA TYR A 26 -6.61 -3.21 -9.40
C TYR A 26 -7.90 -2.86 -8.63
N LEU A 27 -7.75 -2.49 -7.36
CA LEU A 27 -8.88 -2.06 -6.53
C LEU A 27 -8.55 -0.79 -5.72
N CYS A 28 -9.50 0.13 -5.62
CA CYS A 28 -9.36 1.32 -4.76
C CYS A 28 -10.26 1.23 -3.52
N LEU A 29 -9.73 1.62 -2.37
CA LEU A 29 -10.49 1.61 -1.11
C LEU A 29 -10.53 3.02 -0.48
N PRO A 30 -11.55 3.29 0.36
CA PRO A 30 -11.68 4.58 1.08
C PRO A 30 -10.44 4.91 1.95
N ARG A 31 -10.23 6.20 2.20
CA ARG A 31 -9.02 6.68 2.90
C ARG A 31 -9.07 6.39 4.42
N SER A 32 -10.04 5.57 4.85
CA SER A 32 -10.27 5.29 6.27
C SER A 32 -9.06 4.66 6.98
N ALA A 33 -8.16 4.04 6.21
CA ALA A 33 -6.99 3.36 6.79
C ALA A 33 -5.66 4.02 6.37
N ALA A 34 -4.70 4.06 7.29
CA ALA A 34 -3.37 4.62 7.00
C ALA A 34 -2.30 3.52 6.94
N VAL A 35 -1.22 3.78 6.20
CA VAL A 35 -0.13 2.80 6.07
C VAL A 35 0.96 2.98 7.14
N ILE A 36 0.74 2.36 8.31
CA ILE A 36 1.70 2.42 9.43
C ILE A 36 1.94 1.02 10.04
N ASN A 37 2.82 0.95 11.03
CA ASN A 37 3.14 -0.31 11.72
C ASN A 37 1.90 -0.93 12.39
N ASP A 38 1.96 -2.25 12.63
CA ASP A 38 0.86 -2.97 13.28
C ASP A 38 0.47 -2.34 14.62
N LEU A 39 -0.76 -1.84 14.72
CA LEU A 39 -1.28 -1.30 15.99
C LEU A 39 -1.59 -2.44 16.99
N HIS A 40 -1.82 -3.63 16.45
CA HIS A 40 -2.07 -4.83 17.26
C HIS A 40 -0.75 -5.54 17.63
N GLY A 41 -0.68 -6.11 18.82
CA GLY A 41 0.52 -6.83 19.24
C GLY A 41 0.60 -7.08 20.75
N GLU A 42 0.93 -8.31 21.14
CA GLU A 42 1.12 -8.67 22.56
C GLU A 42 2.61 -8.76 22.92
N GLY A 43 2.91 -8.69 24.21
CA GLY A 43 4.29 -8.80 24.69
C GLY A 43 5.19 -7.66 24.22
N PRO A 44 6.46 -7.95 23.91
CA PRO A 44 7.40 -6.95 23.38
C PRO A 44 7.37 -6.86 21.84
N PRO A 45 8.02 -5.82 21.26
CA PRO A 45 8.15 -5.70 19.79
C PRO A 45 8.94 -6.87 19.17
N PRO A 46 8.33 -7.65 18.26
CA PRO A 46 8.98 -8.82 17.64
C PRO A 46 10.02 -8.45 16.58
N PRO A 47 10.92 -9.38 16.21
CA PRO A 47 11.92 -9.15 15.15
C PRO A 47 11.29 -8.92 13.76
N VAL A 48 10.80 -7.70 13.54
CA VAL A 48 10.17 -7.32 12.26
C VAL A 48 10.99 -6.25 11.53
N PRO A 49 10.99 -6.27 10.17
CA PRO A 49 11.74 -5.29 9.37
C PRO A 49 11.11 -3.88 9.40
N PRO A 50 11.93 -2.82 9.21
CA PRO A 50 11.44 -1.43 9.21
C PRO A 50 10.49 -1.12 8.04
N ALA A 51 10.49 -2.00 7.03
CA ALA A 51 9.59 -1.87 5.88
C ALA A 51 8.21 -2.47 6.18
N GLN A 52 7.77 -2.33 7.44
CA GLN A 52 6.48 -2.86 7.89
C GLN A 52 5.29 -2.32 7.08
N HIS A 53 4.20 -3.07 7.07
CA HIS A 53 2.97 -2.69 6.37
C HIS A 53 1.73 -3.26 7.09
N PRO A 54 0.69 -2.42 7.28
CA PRO A 54 -0.54 -2.84 7.99
C PRO A 54 -1.42 -3.79 7.15
N ASN A 55 -1.35 -3.66 5.84
CA ASN A 55 -2.18 -4.44 4.91
C ASN A 55 -3.68 -4.39 5.26
N PRO A 56 -4.29 -3.18 5.20
CA PRO A 56 -5.73 -2.98 5.45
C PRO A 56 -6.61 -3.66 4.38
N CYS A 57 -6.00 -4.04 3.26
CA CYS A 57 -6.74 -4.60 2.13
C CYS A 57 -6.94 -6.12 2.32
N PRO A 58 -8.15 -6.63 1.98
CA PRO A 58 -8.49 -8.06 2.16
C PRO A 58 -7.41 -9.04 1.67
N PRO A 59 -7.18 -10.16 2.39
CA PRO A 59 -6.16 -11.15 2.02
C PRO A 59 -6.21 -11.53 0.54
N GLY A 60 -5.06 -11.47 -0.13
CA GLY A 60 -4.99 -11.64 -1.57
C GLY A 60 -4.61 -10.35 -2.29
N TYR A 61 -5.08 -9.22 -1.74
CA TYR A 61 -4.72 -7.89 -2.24
C TYR A 61 -3.89 -7.12 -1.20
N GLU A 62 -2.88 -6.41 -1.66
CA GLU A 62 -1.98 -5.66 -0.76
C GLU A 62 -1.79 -4.20 -1.24
N PRO A 63 -1.42 -3.29 -0.32
CA PRO A 63 -1.16 -1.87 -0.65
C PRO A 63 -0.02 -1.69 -1.66
N ASP A 64 -0.23 -0.82 -2.65
CA ASP A 64 0.80 -0.56 -3.69
C ASP A 64 1.71 0.61 -3.29
N ASP A 65 2.98 0.32 -3.00
CA ASP A 65 3.95 1.38 -2.76
C ASP A 65 4.50 1.89 -4.10
N GLN A 66 4.10 3.10 -4.50
CA GLN A 66 4.54 3.69 -5.76
C GLN A 66 5.33 4.98 -5.54
N ASP A 67 6.24 5.29 -6.45
CA ASP A 67 6.95 6.57 -6.44
C ASP A 67 5.99 7.72 -6.83
N SER A 68 5.32 8.30 -5.84
CA SER A 68 4.30 9.32 -6.10
C SER A 68 4.93 10.70 -6.38
N CYS A 69 5.44 10.88 -7.60
CA CYS A 69 5.97 12.19 -8.04
C CYS A 69 4.84 13.10 -8.53
N VAL A 70 3.64 12.55 -8.69
CA VAL A 70 2.48 13.30 -9.17
C VAL A 70 1.50 13.65 -8.03
N ASP A 71 1.53 14.91 -7.59
CA ASP A 71 0.64 15.40 -6.53
C ASP A 71 -0.63 16.08 -7.13
N SER A 1 2.34 -1.21 -24.44
CA SER A 1 3.50 -0.34 -24.13
C SER A 1 4.64 -1.15 -23.49
N ASP A 2 5.87 -0.76 -23.77
CA ASP A 2 7.05 -1.44 -23.22
C ASP A 2 7.39 -0.90 -21.82
N VAL A 3 7.75 0.38 -21.76
CA VAL A 3 8.09 1.03 -20.48
C VAL A 3 7.43 2.41 -20.37
N ASN A 4 7.05 2.80 -19.15
CA ASN A 4 6.48 4.13 -18.92
C ASN A 4 7.58 5.16 -18.64
N GLU A 5 7.75 6.11 -19.55
CA GLU A 5 8.79 7.14 -19.44
C GLU A 5 8.40 8.25 -18.44
N CYS A 6 7.94 7.84 -17.25
CA CYS A 6 7.51 8.78 -16.18
C CYS A 6 6.27 9.59 -16.54
N LEU A 7 5.75 9.45 -17.76
CA LEU A 7 4.41 9.96 -18.09
C LEU A 7 3.36 9.05 -17.41
N THR A 8 3.45 9.00 -16.08
CA THR A 8 2.77 7.98 -15.28
C THR A 8 1.24 7.96 -15.47
N ILE A 9 0.74 6.83 -15.97
CA ILE A 9 -0.69 6.57 -16.01
C ILE A 9 -1.18 6.22 -14.60
N PRO A 10 -2.14 7.00 -14.05
CA PRO A 10 -2.55 6.85 -12.65
C PRO A 10 -3.12 5.47 -12.31
N GLU A 11 -2.24 4.55 -11.88
CA GLU A 11 -2.67 3.25 -11.38
C GLU A 11 -3.44 3.40 -10.07
N ALA A 12 -3.07 4.40 -9.28
CA ALA A 12 -3.72 4.65 -8.00
C ALA A 12 -4.93 5.58 -8.15
N CYS A 13 -5.73 5.68 -7.09
CA CYS A 13 -6.92 6.53 -7.10
C CYS A 13 -6.65 7.85 -6.38
N LYS A 14 -7.11 8.95 -6.97
CA LYS A 14 -6.87 10.29 -6.40
C LYS A 14 -7.61 10.47 -5.06
N GLY A 15 -6.85 10.76 -4.01
CA GLY A 15 -7.43 10.89 -2.67
C GLY A 15 -7.75 9.55 -2.02
N GLU A 16 -7.37 8.46 -2.69
CA GLU A 16 -7.65 7.09 -2.21
C GLU A 16 -6.40 6.21 -2.31
N MET A 17 -6.38 5.09 -1.59
CA MET A 17 -5.23 4.20 -1.59
C MET A 17 -5.36 3.08 -2.64
N LYS A 18 -4.21 2.61 -3.12
CA LYS A 18 -4.16 1.55 -4.13
C LYS A 18 -3.72 0.22 -3.50
N CYS A 19 -4.64 -0.75 -3.49
CA CYS A 19 -4.35 -2.09 -2.93
C CYS A 19 -4.19 -3.13 -4.06
N ILE A 20 -2.98 -3.62 -4.26
CA ILE A 20 -2.71 -4.64 -5.27
C ILE A 20 -1.89 -5.79 -4.69
N ASN A 21 -1.88 -6.93 -5.38
CA ASN A 21 -1.01 -8.04 -4.98
C ASN A 21 -0.01 -8.39 -6.09
N HIS A 22 1.01 -9.20 -5.76
CA HIS A 22 2.00 -9.61 -6.75
C HIS A 22 1.36 -10.31 -7.96
N TYR A 23 0.21 -10.94 -7.74
CA TYR A 23 -0.52 -11.62 -8.80
C TYR A 23 -1.01 -10.64 -9.88
N GLY A 24 -1.35 -9.41 -9.48
CA GLY A 24 -1.83 -8.41 -10.43
C GLY A 24 -3.27 -7.97 -10.18
N GLY A 25 -3.85 -8.36 -9.04
CA GLY A 25 -5.17 -7.88 -8.66
C GLY A 25 -5.14 -6.42 -8.20
N TYR A 26 -6.18 -5.65 -8.53
CA TYR A 26 -6.19 -4.20 -8.25
C TYR A 26 -7.48 -3.75 -7.52
N LEU A 27 -7.29 -2.97 -6.44
CA LEU A 27 -8.40 -2.38 -5.67
C LEU A 27 -8.06 -0.94 -5.23
N CYS A 28 -9.10 -0.14 -4.98
CA CYS A 28 -8.94 1.20 -4.37
C CYS A 28 -9.75 1.32 -3.08
N LEU A 29 -9.09 1.75 -2.00
CA LEU A 29 -9.76 1.92 -0.70
C LEU A 29 -9.81 3.42 -0.30
N PRO A 30 -10.87 3.83 0.42
CA PRO A 30 -11.03 5.24 0.85
C PRO A 30 -9.95 5.69 1.84
N ARG A 31 -9.72 7.00 1.91
CA ARG A 31 -8.65 7.57 2.74
C ARG A 31 -9.04 7.66 4.23
N SER A 32 -10.15 7.02 4.59
CA SER A 32 -10.58 6.97 6.00
C SER A 32 -9.54 6.21 6.85
N ALA A 33 -8.93 5.19 6.25
CA ALA A 33 -7.82 4.47 6.87
C ALA A 33 -6.51 4.78 6.13
N ALA A 34 -5.60 5.46 6.80
CA ALA A 34 -4.33 5.89 6.18
C ALA A 34 -3.21 4.84 6.33
N VAL A 35 -2.25 4.85 5.41
CA VAL A 35 -1.11 3.93 5.43
C VAL A 35 0.02 4.44 6.35
N ILE A 36 -0.35 5.14 7.43
CA ILE A 36 0.62 5.71 8.38
C ILE A 36 1.32 4.61 9.21
N ASN A 37 2.29 5.01 10.03
CA ASN A 37 3.07 4.07 10.84
C ASN A 37 2.23 3.43 11.96
N ASP A 38 1.55 2.35 11.65
CA ASP A 38 0.76 1.60 12.64
C ASP A 38 0.59 0.13 12.21
N LEU A 39 0.79 -0.77 13.16
CA LEU A 39 0.67 -2.21 12.88
C LEU A 39 0.22 -2.97 14.15
N HIS A 40 -0.53 -4.05 13.97
CA HIS A 40 -1.04 -4.84 15.11
C HIS A 40 -0.94 -6.35 14.86
N GLY A 41 -1.76 -6.86 13.93
CA GLY A 41 -1.81 -8.30 13.69
C GLY A 41 -2.39 -9.07 14.88
N GLU A 42 -1.51 -9.59 15.73
CA GLU A 42 -1.93 -10.31 16.95
C GLU A 42 -0.74 -10.62 17.88
N GLY A 43 -0.78 -10.09 19.10
CA GLY A 43 0.22 -10.40 20.12
C GLY A 43 1.67 -10.13 19.69
N PRO A 44 2.49 -11.19 19.49
CA PRO A 44 3.91 -11.04 19.13
C PRO A 44 4.15 -10.96 17.60
N PRO A 45 4.92 -9.95 17.15
CA PRO A 45 5.32 -9.82 15.74
C PRO A 45 6.45 -10.80 15.36
N PRO A 46 6.54 -11.18 14.07
CA PRO A 46 7.61 -12.09 13.58
C PRO A 46 9.02 -11.49 13.73
N PRO A 47 10.06 -12.35 13.88
CA PRO A 47 11.45 -11.87 14.02
C PRO A 47 11.88 -10.96 12.86
N VAL A 48 11.42 -11.29 11.65
CA VAL A 48 11.63 -10.46 10.47
C VAL A 48 10.29 -9.82 10.02
N PRO A 49 10.04 -8.55 10.38
CA PRO A 49 8.84 -7.84 9.97
C PRO A 49 9.04 -6.90 8.75
N PRO A 50 8.69 -7.35 7.53
CA PRO A 50 8.80 -6.53 6.32
C PRO A 50 7.63 -5.55 6.17
N ALA A 51 6.66 -5.63 7.08
CA ALA A 51 5.47 -4.78 7.04
C ALA A 51 5.51 -3.67 8.09
N GLN A 52 5.76 -2.44 7.65
CA GLN A 52 5.63 -1.27 8.51
C GLN A 52 4.36 -0.48 8.16
N HIS A 53 3.59 -1.02 7.21
CA HIS A 53 2.29 -0.46 6.85
C HIS A 53 1.15 -1.17 7.62
N PRO A 54 0.06 -0.46 7.96
CA PRO A 54 -1.10 -1.04 8.64
C PRO A 54 -1.75 -2.18 7.84
N ASN A 55 -1.58 -2.14 6.52
CA ASN A 55 -2.26 -3.05 5.59
C ASN A 55 -3.79 -3.02 5.77
N PRO A 56 -4.42 -1.85 5.52
CA PRO A 56 -5.88 -1.70 5.51
C PRO A 56 -6.54 -2.59 4.45
N CYS A 57 -5.73 -3.08 3.51
CA CYS A 57 -6.21 -3.96 2.45
C CYS A 57 -6.16 -5.41 2.95
N PRO A 58 -7.33 -6.09 3.06
CA PRO A 58 -7.43 -7.44 3.65
C PRO A 58 -6.50 -8.48 2.97
N PRO A 59 -6.09 -9.53 3.72
CA PRO A 59 -5.22 -10.61 3.22
C PRO A 59 -5.55 -11.03 1.78
N GLY A 60 -4.52 -11.27 0.98
CA GLY A 60 -4.70 -11.50 -0.45
C GLY A 60 -4.27 -10.31 -1.29
N TYR A 61 -4.22 -9.14 -0.66
CA TYR A 61 -3.72 -7.91 -1.29
C TYR A 61 -2.75 -7.17 -0.36
N GLU A 62 -1.92 -6.30 -0.93
CA GLU A 62 -0.89 -5.59 -0.16
C GLU A 62 -0.83 -4.10 -0.57
N PRO A 63 -0.37 -3.22 0.35
CA PRO A 63 -0.26 -1.77 0.07
C PRO A 63 0.81 -1.44 -0.99
N ASP A 64 0.41 -0.74 -2.04
CA ASP A 64 1.33 -0.33 -3.10
C ASP A 64 1.74 1.14 -2.93
N ASP A 65 3.05 1.41 -2.92
CA ASP A 65 3.54 2.78 -2.79
C ASP A 65 4.16 3.27 -4.12
N GLN A 66 3.44 4.14 -4.82
CA GLN A 66 3.99 4.82 -6.00
C GLN A 66 4.00 6.34 -5.80
N ASP A 67 5.18 6.95 -5.84
CA ASP A 67 5.32 8.39 -5.59
C ASP A 67 5.46 9.20 -6.90
N SER A 68 6.46 8.86 -7.72
CA SER A 68 6.77 9.64 -8.93
C SER A 68 6.46 8.89 -10.22
N CYS A 69 7.20 7.80 -10.48
CA CYS A 69 7.07 7.05 -11.74
C CYS A 69 6.78 5.57 -11.46
N VAL A 70 6.08 4.91 -12.40
CA VAL A 70 5.77 3.49 -12.26
C VAL A 70 6.86 2.60 -12.90
N ASP A 71 7.09 1.45 -12.30
CA ASP A 71 8.18 0.54 -12.72
C ASP A 71 7.62 -0.74 -13.40
N SER A 1 19.35 -1.11 -4.22
CA SER A 1 18.38 0.02 -4.14
C SER A 1 18.61 1.04 -5.26
N ASP A 2 17.87 0.88 -6.36
CA ASP A 2 17.97 1.78 -7.52
C ASP A 2 17.02 2.98 -7.41
N VAL A 3 17.00 3.80 -8.46
CA VAL A 3 16.15 5.01 -8.49
C VAL A 3 15.03 4.91 -9.54
N ASN A 4 13.78 4.87 -9.06
CA ASN A 4 12.61 4.91 -9.96
C ASN A 4 12.01 6.31 -10.00
N GLU A 5 12.04 6.93 -11.17
CA GLU A 5 11.60 8.32 -11.34
C GLU A 5 10.07 8.47 -11.22
N CYS A 6 9.61 9.71 -11.04
CA CYS A 6 8.17 9.99 -10.87
C CYS A 6 7.44 10.03 -12.23
N LEU A 7 7.82 9.13 -13.13
CA LEU A 7 7.24 9.04 -14.47
C LEU A 7 5.98 8.15 -14.50
N THR A 8 5.33 8.00 -13.35
CA THR A 8 4.20 7.07 -13.20
C THR A 8 2.92 7.59 -13.87
N ILE A 9 2.30 6.72 -14.66
CA ILE A 9 0.96 6.96 -15.21
C ILE A 9 -0.08 6.76 -14.09
N PRO A 10 -1.20 7.53 -14.08
CA PRO A 10 -2.29 7.39 -13.06
C PRO A 10 -2.79 5.93 -12.87
N GLU A 11 -1.96 5.09 -12.24
CA GLU A 11 -2.32 3.70 -11.93
C GLU A 11 -2.88 3.57 -10.51
N ALA A 12 -3.08 4.71 -9.86
CA ALA A 12 -3.62 4.77 -8.50
C ALA A 12 -4.69 5.86 -8.36
N CYS A 13 -5.45 5.84 -7.26
CA CYS A 13 -6.51 6.83 -7.02
C CYS A 13 -6.06 7.93 -6.06
N LYS A 14 -6.35 9.19 -6.38
CA LYS A 14 -6.05 10.33 -5.49
C LYS A 14 -7.08 10.42 -4.36
N GLY A 15 -6.60 10.50 -3.12
CA GLY A 15 -7.51 10.52 -1.96
C GLY A 15 -8.00 9.14 -1.56
N GLU A 16 -7.54 8.12 -2.28
CA GLU A 16 -7.89 6.72 -1.99
C GLU A 16 -6.62 5.85 -1.98
N MET A 17 -6.70 4.67 -1.36
CA MET A 17 -5.57 3.74 -1.34
C MET A 17 -5.63 2.75 -2.51
N LYS A 18 -4.47 2.39 -3.04
CA LYS A 18 -4.37 1.46 -4.17
C LYS A 18 -4.13 0.01 -3.70
N CYS A 19 -5.15 -0.83 -3.86
CA CYS A 19 -5.06 -2.24 -3.48
C CYS A 19 -4.95 -3.13 -4.73
N ILE A 20 -3.82 -3.82 -4.88
CA ILE A 20 -3.58 -4.67 -6.06
C ILE A 20 -3.12 -6.08 -5.68
N ASN A 21 -3.24 -7.02 -6.61
CA ASN A 21 -2.71 -8.37 -6.43
C ASN A 21 -1.56 -8.63 -7.40
N HIS A 22 -0.90 -9.78 -7.27
CA HIS A 22 0.28 -10.08 -8.10
C HIS A 22 -0.10 -10.44 -9.55
N TYR A 23 -1.40 -10.61 -9.80
CA TYR A 23 -1.90 -10.88 -11.16
C TYR A 23 -2.10 -9.57 -11.94
N GLY A 24 -2.31 -8.46 -11.23
CA GLY A 24 -2.56 -7.17 -11.87
C GLY A 24 -3.94 -6.60 -11.59
N GLY A 25 -4.73 -7.30 -10.77
CA GLY A 25 -6.04 -6.79 -10.35
C GLY A 25 -5.95 -5.48 -9.58
N TYR A 26 -6.77 -4.50 -9.97
CA TYR A 26 -6.68 -3.15 -9.41
C TYR A 26 -7.96 -2.74 -8.64
N LEU A 27 -7.79 -2.33 -7.38
CA LEU A 27 -8.90 -1.83 -6.55
C LEU A 27 -8.51 -0.53 -5.82
N CYS A 28 -9.50 0.31 -5.52
CA CYS A 28 -9.27 1.56 -4.77
C CYS A 28 -10.19 1.64 -3.54
N LEU A 29 -9.58 1.72 -2.36
CA LEU A 29 -10.34 1.80 -1.09
C LEU A 29 -10.17 3.17 -0.42
N PRO A 30 -11.09 3.56 0.49
CA PRO A 30 -11.00 4.84 1.22
C PRO A 30 -9.67 5.04 1.97
N ARG A 31 -9.17 6.27 1.97
CA ARG A 31 -7.90 6.62 2.64
C ARG A 31 -8.08 6.80 4.16
N SER A 32 -9.27 6.41 4.65
CA SER A 32 -9.60 6.52 6.08
C SER A 32 -8.81 5.52 6.93
N ALA A 33 -8.23 4.51 6.30
CA ALA A 33 -7.42 3.51 7.00
C ALA A 33 -5.95 3.96 7.12
N ALA A 34 -5.25 3.43 8.14
CA ALA A 34 -3.84 3.76 8.35
C ALA A 34 -2.92 2.71 7.67
N VAL A 35 -2.00 3.18 6.84
CA VAL A 35 -1.07 2.29 6.10
C VAL A 35 0.18 1.92 6.92
N ILE A 36 0.18 2.27 8.21
CA ILE A 36 1.33 1.99 9.09
C ILE A 36 1.30 0.56 9.66
N ASN A 37 2.21 0.27 10.59
CA ASN A 37 2.33 -1.05 11.23
C ASN A 37 0.98 -1.62 11.71
N ASP A 38 0.73 -2.89 11.38
CA ASP A 38 -0.53 -3.55 11.75
C ASP A 38 -0.66 -3.72 13.28
N LEU A 39 -1.89 -3.61 13.77
CA LEU A 39 -2.16 -3.62 15.23
C LEU A 39 -2.13 -5.05 15.81
N HIS A 40 -2.17 -5.14 17.14
CA HIS A 40 -2.10 -6.41 17.88
C HIS A 40 -0.74 -7.12 17.72
N GLY A 41 0.28 -6.39 17.30
CA GLY A 41 1.63 -6.93 17.25
C GLY A 41 2.24 -7.05 18.65
N GLU A 42 1.93 -8.14 19.34
CA GLU A 42 2.33 -8.33 20.74
C GLU A 42 3.83 -8.67 20.90
N GLY A 43 4.23 -8.95 22.15
CA GLY A 43 5.62 -9.30 22.43
C GLY A 43 6.52 -8.09 22.64
N PRO A 44 7.83 -8.29 22.82
CA PRO A 44 8.80 -7.18 22.92
C PRO A 44 8.99 -6.47 21.57
N PRO A 45 9.47 -5.21 21.56
CA PRO A 45 9.68 -4.42 20.34
C PRO A 45 10.50 -5.17 19.26
N PRO A 46 9.88 -5.49 18.10
CA PRO A 46 10.54 -6.25 17.02
C PRO A 46 11.80 -5.54 16.48
N PRO A 47 12.98 -6.21 16.50
CA PRO A 47 14.23 -5.62 16.01
C PRO A 47 14.16 -5.22 14.53
N VAL A 48 13.56 -6.06 13.70
CA VAL A 48 13.42 -5.77 12.27
C VAL A 48 11.94 -5.78 11.83
N PRO A 49 11.30 -4.58 11.75
CA PRO A 49 9.93 -4.42 11.25
C PRO A 49 9.84 -3.64 9.92
N PRO A 50 10.41 -4.17 8.80
CA PRO A 50 10.52 -3.41 7.55
C PRO A 50 9.27 -3.46 6.65
N ALA A 51 8.74 -4.65 6.38
CA ALA A 51 7.70 -4.82 5.36
C ALA A 51 6.28 -4.92 5.94
N GLN A 52 6.16 -4.85 7.25
CA GLN A 52 4.84 -4.99 7.91
C GLN A 52 3.83 -3.92 7.47
N HIS A 53 2.81 -4.34 6.74
CA HIS A 53 1.69 -3.47 6.36
C HIS A 53 0.36 -3.99 6.95
N PRO A 54 -0.62 -3.10 7.16
CA PRO A 54 -1.90 -3.46 7.82
C PRO A 54 -2.76 -4.46 7.03
N ASN A 55 -2.60 -4.48 5.70
CA ASN A 55 -3.48 -5.25 4.81
C ASN A 55 -4.97 -4.91 5.03
N PRO A 56 -5.34 -3.62 4.80
CA PRO A 56 -6.74 -3.17 4.92
C PRO A 56 -7.63 -3.66 3.76
N CYS A 57 -6.97 -4.13 2.70
CA CYS A 57 -7.65 -4.56 1.47
C CYS A 57 -8.08 -6.03 1.58
N PRO A 58 -9.08 -6.46 0.78
CA PRO A 58 -9.53 -7.86 0.75
C PRO A 58 -8.38 -8.89 0.76
N PRO A 59 -8.50 -9.99 1.53
CA PRO A 59 -7.43 -11.00 1.62
C PRO A 59 -6.98 -11.51 0.24
N GLY A 60 -5.67 -11.49 0.00
CA GLY A 60 -5.14 -11.82 -1.31
C GLY A 60 -4.72 -10.58 -2.10
N TYR A 61 -4.93 -9.40 -1.51
CA TYR A 61 -4.50 -8.12 -2.11
C TYR A 61 -3.53 -7.38 -1.17
N GLU A 62 -2.61 -6.62 -1.76
CA GLU A 62 -1.62 -5.85 -0.99
C GLU A 62 -1.71 -4.35 -1.32
N PRO A 63 -1.27 -3.48 -0.40
CA PRO A 63 -1.21 -2.03 -0.64
C PRO A 63 0.05 -1.61 -1.41
N ASP A 64 -0.13 -0.82 -2.47
CA ASP A 64 0.99 -0.39 -3.32
C ASP A 64 1.63 0.90 -2.78
N ASP A 65 2.87 0.80 -2.27
CA ASP A 65 3.59 1.98 -1.79
C ASP A 65 4.27 2.69 -2.97
N GLN A 66 3.72 3.82 -3.40
CA GLN A 66 4.30 4.60 -4.49
C GLN A 66 4.68 6.01 -4.05
N ASP A 67 5.82 6.50 -4.54
CA ASP A 67 6.30 7.84 -4.20
C ASP A 67 5.82 8.89 -5.23
N SER A 68 4.73 9.59 -4.90
CA SER A 68 4.17 10.63 -5.77
C SER A 68 4.91 11.95 -5.61
N CYS A 69 5.25 12.59 -6.72
CA CYS A 69 5.97 13.89 -6.68
C CYS A 69 5.01 15.08 -6.75
N VAL A 70 3.80 14.85 -7.25
CA VAL A 70 2.80 15.91 -7.40
C VAL A 70 1.68 15.80 -6.35
N ASP A 71 0.82 16.82 -6.28
CA ASP A 71 -0.35 16.81 -5.37
C ASP A 71 -1.66 16.50 -6.13
N SER A 1 10.68 -6.71 -13.66
CA SER A 1 9.75 -5.62 -14.07
C SER A 1 9.23 -4.85 -12.86
N ASP A 2 9.97 -4.89 -11.76
CA ASP A 2 9.58 -4.21 -10.52
C ASP A 2 10.11 -2.77 -10.45
N VAL A 3 11.25 -2.53 -11.10
CA VAL A 3 11.89 -1.21 -11.07
C VAL A 3 11.02 -0.12 -11.75
N ASN A 4 10.09 0.44 -10.98
CA ASN A 4 9.27 1.59 -11.43
C ASN A 4 9.49 2.78 -10.50
N GLU A 5 10.18 3.81 -10.99
CA GLU A 5 10.52 4.99 -10.18
C GLU A 5 9.31 5.93 -10.00
N CYS A 6 9.55 7.10 -9.42
CA CYS A 6 8.46 8.05 -9.09
C CYS A 6 7.98 8.84 -10.32
N LEU A 7 8.16 8.28 -11.52
CA LEU A 7 7.73 8.96 -12.77
C LEU A 7 6.58 8.21 -13.46
N THR A 8 6.00 7.23 -12.79
CA THR A 8 4.95 6.38 -13.38
C THR A 8 3.64 7.14 -13.59
N ILE A 9 2.70 6.52 -14.32
CA ILE A 9 1.38 7.10 -14.56
C ILE A 9 0.44 6.78 -13.37
N PRO A 10 -0.28 7.79 -12.85
CA PRO A 10 -1.22 7.62 -11.74
C PRO A 10 -2.25 6.49 -11.98
N GLU A 11 -1.90 5.27 -11.57
CA GLU A 11 -2.81 4.12 -11.63
C GLU A 11 -3.77 4.13 -10.43
N ALA A 12 -3.48 4.98 -9.46
CA ALA A 12 -4.21 5.01 -8.20
C ALA A 12 -5.44 5.92 -8.28
N CYS A 13 -6.25 5.88 -7.23
CA CYS A 13 -7.49 6.66 -7.17
C CYS A 13 -7.27 7.94 -6.35
N LYS A 14 -7.80 9.06 -6.85
CA LYS A 14 -7.54 10.37 -6.24
C LYS A 14 -8.11 10.48 -4.82
N GLY A 15 -7.24 10.81 -3.86
CA GLY A 15 -7.66 10.93 -2.47
C GLY A 15 -7.89 9.59 -1.79
N GLU A 16 -7.62 8.50 -2.52
CA GLU A 16 -7.88 7.14 -2.03
C GLU A 16 -6.70 6.20 -2.34
N MET A 17 -6.62 5.07 -1.65
CA MET A 17 -5.47 4.17 -1.78
C MET A 17 -5.66 3.09 -2.86
N LYS A 18 -4.55 2.67 -3.45
CA LYS A 18 -4.54 1.65 -4.51
C LYS A 18 -4.11 0.27 -3.97
N CYS A 19 -5.01 -0.72 -4.11
CA CYS A 19 -4.73 -2.08 -3.64
C CYS A 19 -4.60 -3.06 -4.82
N ILE A 20 -3.42 -3.66 -4.97
CA ILE A 20 -3.19 -4.67 -6.00
C ILE A 20 -2.53 -5.92 -5.39
N ASN A 21 -2.58 -7.04 -6.08
CA ASN A 21 -1.95 -8.28 -5.58
C ASN A 21 -0.97 -8.88 -6.59
N HIS A 22 -0.21 -9.88 -6.14
CA HIS A 22 0.73 -10.59 -7.01
C HIS A 22 0.00 -11.33 -8.16
N TYR A 23 -1.32 -11.45 -8.06
CA TYR A 23 -2.14 -12.05 -9.13
C TYR A 23 -2.35 -11.06 -10.29
N GLY A 24 -2.26 -9.76 -10.01
CA GLY A 24 -2.42 -8.73 -11.04
C GLY A 24 -3.75 -7.98 -10.96
N GLY A 25 -4.50 -8.18 -9.87
CA GLY A 25 -5.79 -7.51 -9.70
C GLY A 25 -5.67 -6.06 -9.24
N TYR A 26 -6.72 -5.27 -9.47
CA TYR A 26 -6.71 -3.83 -9.12
C TYR A 26 -7.97 -3.42 -8.33
N LEU A 27 -7.77 -2.79 -7.18
CA LEU A 27 -8.87 -2.26 -6.35
C LEU A 27 -8.47 -0.90 -5.74
N CYS A 28 -9.48 -0.10 -5.36
CA CYS A 28 -9.23 1.15 -4.62
C CYS A 28 -10.03 1.19 -3.31
N LEU A 29 -9.40 1.69 -2.26
CA LEU A 29 -10.06 1.80 -0.96
C LEU A 29 -10.25 3.26 -0.52
N PRO A 30 -11.40 3.60 0.09
CA PRO A 30 -11.65 4.95 0.61
C PRO A 30 -10.64 5.36 1.69
N ARG A 31 -10.33 6.65 1.76
CA ARG A 31 -9.27 7.14 2.66
C ARG A 31 -9.69 7.00 4.14
N SER A 32 -10.91 6.51 4.38
CA SER A 32 -11.38 6.20 5.74
C SER A 32 -10.43 5.18 6.41
N ALA A 33 -9.74 4.39 5.60
CA ALA A 33 -8.65 3.53 6.09
C ALA A 33 -7.32 4.29 6.07
N ALA A 34 -6.63 4.32 7.21
CA ALA A 34 -5.42 5.14 7.35
C ALA A 34 -4.15 4.40 6.89
N VAL A 35 -3.15 5.18 6.48
CA VAL A 35 -1.87 4.63 6.00
C VAL A 35 -0.84 4.49 7.13
N ILE A 36 -1.27 4.75 8.37
CA ILE A 36 -0.39 4.65 9.54
C ILE A 36 0.23 3.25 9.70
N ASN A 37 1.45 3.19 10.23
CA ASN A 37 2.18 1.92 10.34
C ASN A 37 1.93 1.24 11.70
N ASP A 38 0.72 1.36 12.23
CA ASP A 38 0.37 0.75 13.51
C ASP A 38 -0.10 -0.70 13.33
N LEU A 39 0.83 -1.63 13.44
CA LEU A 39 0.54 -3.07 13.36
C LEU A 39 0.60 -3.71 14.75
N HIS A 40 0.00 -4.89 14.89
CA HIS A 40 0.00 -5.61 16.17
C HIS A 40 0.93 -6.83 16.15
N GLY A 41 2.00 -6.76 16.92
CA GLY A 41 2.90 -7.89 17.10
C GLY A 41 2.68 -8.58 18.45
N GLU A 42 2.89 -9.89 18.51
CA GLU A 42 2.67 -10.64 19.76
C GLU A 42 3.77 -10.36 20.79
N GLY A 43 3.59 -9.27 21.55
CA GLY A 43 4.51 -8.92 22.63
C GLY A 43 5.93 -8.60 22.17
N PRO A 44 6.92 -9.45 22.50
CA PRO A 44 8.33 -9.25 22.12
C PRO A 44 8.52 -9.02 20.60
N PRO A 45 9.42 -8.09 20.21
CA PRO A 45 9.71 -7.81 18.80
C PRO A 45 10.14 -9.06 18.01
N PRO A 46 9.58 -9.27 16.80
CA PRO A 46 9.92 -10.43 15.97
C PRO A 46 11.34 -10.35 15.38
N PRO A 47 12.01 -11.50 15.15
CA PRO A 47 13.36 -11.54 14.59
C PRO A 47 13.50 -10.69 13.31
N VAL A 48 12.57 -10.88 12.37
CA VAL A 48 12.53 -10.11 11.12
C VAL A 48 11.28 -9.23 11.05
N PRO A 49 11.43 -7.93 10.73
CA PRO A 49 10.29 -7.01 10.57
C PRO A 49 9.70 -7.01 9.14
N PRO A 50 8.57 -7.72 8.91
CA PRO A 50 7.93 -7.79 7.60
C PRO A 50 6.83 -6.73 7.39
N ALA A 51 6.20 -6.30 8.48
CA ALA A 51 5.08 -5.35 8.39
C ALA A 51 5.58 -3.90 8.21
N GLN A 52 5.99 -3.58 6.99
CA GLN A 52 6.42 -2.22 6.64
C GLN A 52 5.25 -1.38 6.08
N HIS A 53 4.06 -1.95 6.13
CA HIS A 53 2.83 -1.26 5.73
C HIS A 53 1.65 -1.70 6.62
N PRO A 54 0.63 -0.83 6.80
CA PRO A 54 -0.59 -1.18 7.55
C PRO A 54 -1.36 -2.35 6.90
N ASN A 55 -1.21 -2.48 5.58
CA ASN A 55 -1.97 -3.45 4.78
C ASN A 55 -3.49 -3.31 5.02
N PRO A 56 -4.05 -2.11 4.71
CA PRO A 56 -5.48 -1.81 4.90
C PRO A 56 -6.38 -2.61 3.94
N CYS A 57 -5.77 -3.19 2.91
CA CYS A 57 -6.52 -3.90 1.87
C CYS A 57 -6.79 -5.35 2.29
N PRO A 58 -8.02 -5.85 2.10
CA PRO A 58 -8.39 -7.22 2.47
C PRO A 58 -7.40 -8.28 1.97
N PRO A 59 -6.91 -9.17 2.86
CA PRO A 59 -5.96 -10.24 2.48
C PRO A 59 -6.31 -10.90 1.14
N GLY A 60 -5.33 -10.99 0.26
CA GLY A 60 -5.58 -11.35 -1.13
C GLY A 60 -5.24 -10.18 -2.05
N TYR A 61 -5.33 -8.97 -1.49
CA TYR A 61 -4.85 -7.74 -2.13
C TYR A 61 -3.98 -6.93 -1.15
N GLU A 62 -2.92 -6.31 -1.67
CA GLU A 62 -1.95 -5.60 -0.83
C GLU A 62 -1.76 -4.14 -1.29
N PRO A 63 -1.37 -3.22 -0.37
CA PRO A 63 -1.21 -1.80 -0.69
C PRO A 63 -0.02 -1.51 -1.62
N ASP A 64 -0.27 -0.74 -2.68
CA ASP A 64 0.77 -0.41 -3.66
C ASP A 64 1.30 1.02 -3.49
N ASP A 65 2.62 1.19 -3.59
CA ASP A 65 3.23 2.51 -3.50
C ASP A 65 3.74 2.98 -4.88
N GLN A 66 3.03 3.93 -5.47
CA GLN A 66 3.49 4.60 -6.70
C GLN A 66 3.66 6.11 -6.47
N ASP A 67 4.54 6.74 -7.25
CA ASP A 67 4.83 8.17 -7.11
C ASP A 67 5.47 8.49 -5.75
N SER A 68 6.36 7.62 -5.28
CA SER A 68 7.06 7.83 -4.00
C SER A 68 8.11 8.96 -4.11
N CYS A 69 7.63 10.20 -4.22
CA CYS A 69 8.48 11.39 -4.20
C CYS A 69 8.40 12.09 -2.84
N VAL A 70 8.08 11.32 -1.79
CA VAL A 70 7.93 11.87 -0.44
C VAL A 70 9.28 12.34 0.14
N ASP A 71 9.57 13.62 -0.04
CA ASP A 71 10.80 14.22 0.49
C ASP A 71 10.68 15.76 0.51
N SER A 1 8.62 0.97 -8.24
CA SER A 1 9.34 1.76 -9.28
C SER A 1 10.53 2.53 -8.69
N ASP A 2 11.57 2.71 -9.48
CA ASP A 2 12.76 3.46 -9.05
C ASP A 2 12.53 4.99 -9.24
N VAL A 3 13.59 5.79 -9.11
CA VAL A 3 13.48 7.24 -9.24
C VAL A 3 13.07 7.66 -10.68
N ASN A 4 11.89 8.29 -10.79
CA ASN A 4 11.36 8.72 -12.08
C ASN A 4 10.52 10.01 -11.93
N GLU A 5 10.05 10.56 -13.04
CA GLU A 5 9.16 11.73 -12.99
C GLU A 5 7.68 11.31 -12.94
N CYS A 6 6.82 12.21 -12.46
CA CYS A 6 5.39 11.91 -12.35
C CYS A 6 4.67 12.12 -13.68
N LEU A 7 5.05 11.33 -14.67
CA LEU A 7 4.42 11.34 -16.00
C LEU A 7 4.02 9.92 -16.42
N THR A 8 3.83 9.07 -15.43
CA THR A 8 3.51 7.65 -15.67
C THR A 8 2.03 7.43 -16.01
N ILE A 9 1.66 6.17 -16.24
CA ILE A 9 0.29 5.81 -16.55
C ILE A 9 -0.60 5.85 -15.29
N PRO A 10 -1.77 6.52 -15.34
CA PRO A 10 -2.69 6.62 -14.20
C PRO A 10 -3.21 5.23 -13.73
N GLU A 11 -2.43 4.57 -12.87
CA GLU A 11 -2.82 3.28 -12.32
C GLU A 11 -3.67 3.43 -11.06
N ALA A 12 -3.36 4.43 -10.24
CA ALA A 12 -3.96 4.57 -8.90
C ALA A 12 -5.13 5.57 -8.87
N CYS A 13 -5.84 5.57 -7.74
CA CYS A 13 -6.98 6.49 -7.54
C CYS A 13 -6.56 7.70 -6.68
N LYS A 14 -6.99 8.89 -7.07
CA LYS A 14 -6.58 10.13 -6.39
C LYS A 14 -7.34 10.33 -5.06
N GLY A 15 -6.59 10.41 -3.96
CA GLY A 15 -7.20 10.58 -2.64
C GLY A 15 -7.67 9.27 -2.02
N GLU A 16 -7.49 8.17 -2.75
CA GLU A 16 -7.90 6.84 -2.31
C GLU A 16 -6.70 5.89 -2.31
N MET A 17 -6.82 4.77 -1.59
CA MET A 17 -5.69 3.83 -1.47
C MET A 17 -5.70 2.77 -2.57
N LYS A 18 -4.54 2.55 -3.17
CA LYS A 18 -4.38 1.52 -4.20
C LYS A 18 -3.96 0.17 -3.58
N CYS A 19 -4.89 -0.77 -3.53
CA CYS A 19 -4.62 -2.12 -2.99
C CYS A 19 -4.51 -3.14 -4.12
N ILE A 20 -3.35 -3.78 -4.26
CA ILE A 20 -3.12 -4.77 -5.30
C ILE A 20 -2.57 -6.09 -4.74
N ASN A 21 -2.74 -7.18 -5.48
CA ASN A 21 -2.17 -8.48 -5.08
C ASN A 21 -0.99 -8.87 -5.98
N HIS A 22 -0.45 -10.07 -5.79
CA HIS A 22 0.70 -10.52 -6.58
C HIS A 22 0.28 -11.08 -7.96
N TYR A 23 -1.03 -11.23 -8.17
CA TYR A 23 -1.56 -11.62 -9.49
C TYR A 23 -1.75 -10.40 -10.40
N GLY A 24 -1.91 -9.22 -9.80
CA GLY A 24 -2.13 -7.99 -10.57
C GLY A 24 -3.51 -7.36 -10.34
N GLY A 25 -4.32 -8.01 -9.48
CA GLY A 25 -5.66 -7.50 -9.16
C GLY A 25 -5.63 -6.11 -8.52
N TYR A 26 -6.43 -5.19 -9.07
CA TYR A 26 -6.42 -3.78 -8.65
C TYR A 26 -7.72 -3.40 -7.90
N LEU A 27 -7.55 -2.76 -6.74
CA LEU A 27 -8.69 -2.24 -5.94
C LEU A 27 -8.40 -0.82 -5.40
N CYS A 28 -9.44 0.00 -5.32
CA CYS A 28 -9.32 1.35 -4.72
C CYS A 28 -10.21 1.48 -3.48
N LEU A 29 -9.59 1.44 -2.31
CA LEU A 29 -10.32 1.54 -1.04
C LEU A 29 -10.29 2.97 -0.48
N PRO A 30 -11.35 3.39 0.23
CA PRO A 30 -11.41 4.73 0.84
C PRO A 30 -10.24 4.99 1.83
N ARG A 31 -9.90 6.25 2.03
CA ARG A 31 -8.76 6.64 2.86
C ARG A 31 -9.09 6.58 4.36
N SER A 32 -10.22 5.95 4.69
CA SER A 32 -10.68 5.81 6.09
C SER A 32 -9.58 5.22 7.00
N ALA A 33 -8.68 4.43 6.42
CA ALA A 33 -7.57 3.85 7.16
C ALA A 33 -6.35 4.79 7.19
N ALA A 34 -5.66 4.82 8.32
CA ALA A 34 -4.51 5.71 8.50
C ALA A 34 -3.18 4.97 8.30
N VAL A 35 -2.42 5.36 7.28
CA VAL A 35 -1.16 4.69 6.93
C VAL A 35 0.00 5.09 7.87
N ILE A 36 -0.15 4.79 9.16
CA ILE A 36 0.85 5.20 10.17
C ILE A 36 0.95 4.24 11.38
N ASN A 37 0.30 3.08 11.31
CA ASN A 37 0.17 2.19 12.47
C ASN A 37 0.73 0.78 12.22
N ASP A 38 1.20 0.14 13.30
CA ASP A 38 1.68 -1.23 13.25
C ASP A 38 0.60 -2.22 13.73
N LEU A 39 0.19 -3.14 12.88
CA LEU A 39 -0.79 -4.16 13.28
C LEU A 39 -0.40 -5.56 12.78
N HIS A 40 -0.61 -6.57 13.63
CA HIS A 40 -0.38 -7.96 13.28
C HIS A 40 -1.40 -8.89 13.96
N GLY A 41 -1.19 -10.20 13.86
CA GLY A 41 -2.17 -11.16 14.39
C GLY A 41 -2.09 -11.38 15.90
N GLU A 42 -1.88 -12.63 16.31
CA GLU A 42 -1.93 -13.02 17.72
C GLU A 42 -0.53 -13.22 18.33
N GLY A 43 -0.48 -13.27 19.67
CA GLY A 43 0.78 -13.54 20.36
C GLY A 43 1.80 -12.40 20.27
N PRO A 44 3.10 -12.71 20.40
CA PRO A 44 4.18 -11.71 20.29
C PRO A 44 4.34 -11.16 18.85
N PRO A 45 4.87 -9.93 18.70
CA PRO A 45 5.09 -9.33 17.38
C PRO A 45 6.01 -10.19 16.49
N PRO A 46 5.54 -10.55 15.28
CA PRO A 46 6.33 -11.37 14.33
C PRO A 46 7.66 -10.70 13.92
N PRO A 47 8.66 -11.50 13.49
CA PRO A 47 9.99 -10.98 13.11
C PRO A 47 9.98 -10.14 11.83
N VAL A 48 9.33 -8.98 11.88
CA VAL A 48 9.27 -8.05 10.75
C VAL A 48 10.06 -6.77 11.08
N PRO A 49 10.90 -6.28 10.13
CA PRO A 49 11.70 -5.06 10.34
C PRO A 49 10.84 -3.81 10.65
N PRO A 50 11.30 -2.92 11.55
CA PRO A 50 10.58 -1.68 11.92
C PRO A 50 10.22 -0.80 10.70
N ALA A 51 11.02 -0.87 9.63
CA ALA A 51 10.69 -0.20 8.38
C ALA A 51 9.54 -0.91 7.67
N GLN A 52 8.35 -0.80 8.24
CA GLN A 52 7.17 -1.56 7.80
C GLN A 52 6.04 -0.63 7.31
N HIS A 53 5.10 -1.17 6.54
CA HIS A 53 3.89 -0.47 6.15
C HIS A 53 2.67 -1.06 6.92
N PRO A 54 1.69 -0.21 7.29
CA PRO A 54 0.48 -0.67 8.01
C PRO A 54 -0.29 -1.78 7.26
N ASN A 55 -0.19 -1.77 5.92
CA ASN A 55 -0.94 -2.68 5.05
C ASN A 55 -2.44 -2.68 5.39
N PRO A 56 -3.10 -1.51 5.22
CA PRO A 56 -4.54 -1.33 5.52
C PRO A 56 -5.46 -2.27 4.70
N CYS A 57 -4.93 -2.87 3.63
CA CYS A 57 -5.75 -3.65 2.70
C CYS A 57 -5.94 -5.09 3.20
N PRO A 58 -7.10 -5.73 2.87
CA PRO A 58 -7.42 -7.10 3.31
C PRO A 58 -6.30 -8.12 3.01
N PRO A 59 -6.17 -9.18 3.85
CA PRO A 59 -5.13 -10.21 3.69
C PRO A 59 -5.04 -10.76 2.25
N GLY A 60 -3.82 -10.78 1.71
CA GLY A 60 -3.62 -11.19 0.32
C GLY A 60 -3.37 -9.99 -0.60
N TYR A 61 -3.85 -8.82 -0.19
CA TYR A 61 -3.67 -7.58 -0.94
C TYR A 61 -2.78 -6.59 -0.17
N GLU A 62 -1.83 -5.98 -0.87
CA GLU A 62 -0.91 -5.01 -0.28
C GLU A 62 -1.08 -3.61 -0.90
N PRO A 63 -0.92 -2.55 -0.09
CA PRO A 63 -0.98 -1.16 -0.59
C PRO A 63 0.24 -0.82 -1.47
N ASP A 64 -0.01 -0.22 -2.63
CA ASP A 64 1.05 0.04 -3.61
C ASP A 64 1.78 1.37 -3.31
N ASP A 65 3.10 1.30 -3.13
CA ASP A 65 3.90 2.49 -2.83
C ASP A 65 4.31 3.22 -4.14
N GLN A 66 3.75 4.41 -4.36
CA GLN A 66 4.15 5.26 -5.49
C GLN A 66 4.91 6.51 -5.00
N ASP A 67 6.23 6.44 -5.08
CA ASP A 67 7.11 7.49 -4.53
C ASP A 67 7.32 8.66 -5.51
N SER A 68 7.68 8.34 -6.75
CA SER A 68 8.00 9.37 -7.76
C SER A 68 6.75 10.10 -8.27
N CYS A 69 6.21 10.97 -7.42
CA CYS A 69 5.00 11.75 -7.76
C CYS A 69 4.65 12.75 -6.64
N VAL A 70 4.48 12.23 -5.43
CA VAL A 70 4.04 13.04 -4.29
C VAL A 70 4.65 12.57 -2.97
N ASP A 71 4.84 13.50 -2.04
CA ASP A 71 5.39 13.18 -0.72
C ASP A 71 4.89 14.19 0.34
N SER A 1 10.92 -1.38 -16.30
CA SER A 1 11.62 -0.30 -15.56
C SER A 1 10.94 -0.02 -14.20
N ASP A 2 11.62 -0.31 -13.10
CA ASP A 2 11.12 0.05 -11.76
C ASP A 2 11.15 1.57 -11.56
N VAL A 3 12.13 2.23 -12.17
CA VAL A 3 12.24 3.69 -12.14
C VAL A 3 11.08 4.35 -12.91
N ASN A 4 10.25 5.09 -12.20
CA ASN A 4 9.11 5.80 -12.81
C ASN A 4 8.83 7.13 -12.09
N GLU A 5 8.82 8.22 -12.85
CA GLU A 5 8.65 9.56 -12.28
C GLU A 5 7.21 10.08 -12.51
N CYS A 6 6.95 11.33 -12.10
CA CYS A 6 5.59 11.90 -12.15
C CYS A 6 5.00 11.96 -13.57
N LEU A 7 5.82 11.73 -14.59
CA LEU A 7 5.34 11.73 -15.98
C LEU A 7 4.56 10.42 -16.33
N THR A 8 4.11 9.72 -15.32
CA THR A 8 3.50 8.39 -15.48
C THR A 8 2.01 8.46 -15.84
N ILE A 9 1.42 7.30 -16.11
CA ILE A 9 -0.02 7.18 -16.38
C ILE A 9 -0.81 6.92 -15.09
N PRO A 10 -1.95 7.61 -14.89
CA PRO A 10 -2.78 7.41 -13.68
C PRO A 10 -3.32 5.98 -13.53
N GLU A 11 -2.47 5.07 -13.02
CA GLU A 11 -2.86 3.68 -12.72
C GLU A 11 -3.32 3.53 -11.26
N ALA A 12 -3.42 4.66 -10.56
CA ALA A 12 -3.93 4.69 -9.19
C ALA A 12 -5.20 5.57 -9.11
N CYS A 13 -5.87 5.55 -7.96
CA CYS A 13 -7.09 6.36 -7.77
C CYS A 13 -6.79 7.64 -6.99
N LYS A 14 -7.33 8.76 -7.46
CA LYS A 14 -7.05 10.09 -6.87
C LYS A 14 -7.83 10.30 -5.56
N GLY A 15 -7.09 10.50 -4.46
CA GLY A 15 -7.73 10.68 -3.15
C GLY A 15 -8.02 9.35 -2.46
N GLU A 16 -7.59 8.26 -3.08
CA GLU A 16 -7.84 6.91 -2.58
C GLU A 16 -6.55 6.09 -2.54
N MET A 17 -6.54 5.02 -1.76
CA MET A 17 -5.37 4.12 -1.68
C MET A 17 -5.50 2.97 -2.69
N LYS A 18 -4.36 2.62 -3.30
CA LYS A 18 -4.32 1.55 -4.30
C LYS A 18 -3.94 0.20 -3.67
N CYS A 19 -4.89 -0.74 -3.70
CA CYS A 19 -4.66 -2.09 -3.12
C CYS A 19 -4.49 -3.12 -4.25
N ILE A 20 -3.31 -3.74 -4.32
CA ILE A 20 -3.02 -4.73 -5.37
C ILE A 20 -2.40 -6.00 -4.78
N ASN A 21 -2.55 -7.12 -5.49
CA ASN A 21 -1.91 -8.37 -5.08
C ASN A 21 -0.84 -8.80 -6.10
N HIS A 22 0.03 -9.72 -5.70
CA HIS A 22 1.11 -10.20 -6.58
C HIS A 22 0.54 -10.99 -7.78
N TYR A 23 -0.75 -11.29 -7.75
CA TYR A 23 -1.44 -11.95 -8.86
C TYR A 23 -1.71 -10.97 -10.03
N GLY A 24 -1.88 -9.68 -9.71
CA GLY A 24 -2.15 -8.68 -10.74
C GLY A 24 -3.52 -8.01 -10.62
N GLY A 25 -4.20 -8.23 -9.49
CA GLY A 25 -5.51 -7.61 -9.26
C GLY A 25 -5.40 -6.14 -8.82
N TYR A 26 -6.47 -5.37 -9.06
CA TYR A 26 -6.47 -3.92 -8.78
C TYR A 26 -7.71 -3.47 -7.97
N LEU A 27 -7.47 -2.82 -6.83
CA LEU A 27 -8.54 -2.27 -5.99
C LEU A 27 -8.21 -0.84 -5.51
N CYS A 28 -9.24 -0.07 -5.14
CA CYS A 28 -9.05 1.28 -4.57
C CYS A 28 -9.92 1.48 -3.32
N LEU A 29 -9.28 1.67 -2.18
CA LEU A 29 -9.97 1.86 -0.90
C LEU A 29 -9.83 3.32 -0.40
N PRO A 30 -10.72 3.77 0.51
CA PRO A 30 -10.67 5.14 1.08
C PRO A 30 -9.32 5.44 1.77
N ARG A 31 -8.81 6.65 1.56
CA ARG A 31 -7.51 7.07 2.12
C ARG A 31 -7.64 7.42 3.62
N SER A 32 -8.87 7.31 4.14
CA SER A 32 -9.16 7.54 5.55
C SER A 32 -8.63 6.40 6.45
N ALA A 33 -8.13 5.33 5.84
CA ALA A 33 -7.64 4.18 6.59
C ALA A 33 -6.18 4.37 7.05
N ALA A 34 -5.79 3.68 8.11
CA ALA A 34 -4.48 3.89 8.75
C ALA A 34 -3.36 3.10 8.06
N VAL A 35 -2.17 3.69 7.99
CA VAL A 35 -1.04 3.08 7.27
C VAL A 35 0.18 2.80 8.18
N ILE A 36 0.01 2.89 9.50
CA ILE A 36 1.13 2.73 10.43
C ILE A 36 1.68 1.29 10.49
N ASN A 37 0.83 0.31 10.86
CA ASN A 37 1.25 -1.09 11.03
C ASN A 37 0.06 -1.91 11.58
N ASP A 38 0.19 -3.23 11.63
CA ASP A 38 -0.86 -4.09 12.20
C ASP A 38 -0.98 -3.88 13.71
N LEU A 39 -2.17 -4.10 14.25
CA LEU A 39 -2.43 -3.89 15.68
C LEU A 39 -2.63 -5.22 16.42
N HIS A 40 -2.21 -6.33 15.80
CA HIS A 40 -2.36 -7.65 16.39
C HIS A 40 -1.10 -8.09 17.16
N GLY A 41 -0.05 -7.29 17.07
CA GLY A 41 1.20 -7.62 17.76
C GLY A 41 1.09 -7.56 19.29
N GLU A 42 1.91 -8.39 19.96
CA GLU A 42 1.95 -8.41 21.43
C GLU A 42 3.27 -7.80 21.94
N GLY A 43 3.47 -7.78 23.26
CA GLY A 43 4.73 -7.28 23.83
C GLY A 43 5.98 -7.77 23.10
N PRO A 44 6.23 -9.10 23.06
CA PRO A 44 7.30 -9.69 22.25
C PRO A 44 6.78 -10.29 20.92
N PRO A 45 6.71 -9.48 19.84
CA PRO A 45 6.21 -9.92 18.52
C PRO A 45 7.34 -10.27 17.53
N PRO A 46 7.01 -11.01 16.45
CA PRO A 46 7.97 -11.31 15.36
C PRO A 46 8.32 -10.04 14.53
N PRO A 47 9.60 -9.61 14.55
CA PRO A 47 10.02 -8.36 13.87
C PRO A 47 10.17 -8.48 12.35
N VAL A 48 9.54 -9.48 11.74
CA VAL A 48 9.61 -9.67 10.29
C VAL A 48 8.22 -9.88 9.65
N PRO A 49 7.63 -8.82 9.06
CA PRO A 49 6.36 -8.90 8.35
C PRO A 49 6.54 -9.16 6.83
N PRO A 50 5.48 -9.63 6.12
CA PRO A 50 5.53 -9.78 4.65
C PRO A 50 5.75 -8.43 3.94
N ALA A 51 5.36 -7.36 4.62
CA ALA A 51 5.56 -5.99 4.16
C ALA A 51 5.37 -5.02 5.34
N GLN A 52 6.10 -3.91 5.34
CA GLN A 52 5.98 -2.92 6.42
C GLN A 52 4.68 -2.11 6.27
N HIS A 53 3.54 -2.79 6.40
CA HIS A 53 2.23 -2.17 6.21
C HIS A 53 1.16 -2.87 7.07
N PRO A 54 0.12 -2.14 7.50
CA PRO A 54 -1.03 -2.70 8.23
C PRO A 54 -1.86 -3.67 7.37
N ASN A 55 -1.78 -3.51 6.05
CA ASN A 55 -2.68 -4.19 5.10
C ASN A 55 -4.16 -3.91 5.40
N PRO A 56 -4.58 -2.62 5.30
CA PRO A 56 -6.00 -2.24 5.45
C PRO A 56 -6.89 -2.87 4.37
N CYS A 57 -6.25 -3.34 3.31
CA CYS A 57 -6.94 -3.98 2.19
C CYS A 57 -7.13 -5.47 2.47
N PRO A 58 -8.25 -6.08 1.99
CA PRO A 58 -8.56 -7.50 2.22
C PRO A 58 -7.32 -8.42 2.11
N PRO A 59 -7.12 -9.33 3.09
CA PRO A 59 -5.95 -10.23 3.15
C PRO A 59 -5.57 -10.83 1.78
N GLY A 60 -4.29 -10.71 1.42
CA GLY A 60 -3.84 -11.10 0.10
C GLY A 60 -3.45 -9.89 -0.76
N TYR A 61 -4.06 -8.74 -0.48
CA TYR A 61 -3.73 -7.50 -1.18
C TYR A 61 -2.78 -6.62 -0.34
N GLU A 62 -1.73 -6.12 -0.98
CA GLU A 62 -0.79 -5.20 -0.33
C GLU A 62 -1.04 -3.75 -0.80
N PRO A 63 -0.81 -2.76 0.08
CA PRO A 63 -0.88 -1.34 -0.32
C PRO A 63 0.27 -0.94 -1.26
N ASP A 64 -0.07 -0.40 -2.42
CA ASP A 64 0.94 0.00 -3.41
C ASP A 64 1.51 1.39 -3.09
N ASP A 65 2.80 1.44 -2.77
CA ASP A 65 3.46 2.72 -2.49
C ASP A 65 3.88 3.40 -3.79
N GLN A 66 3.24 4.51 -4.13
CA GLN A 66 3.57 5.25 -5.35
C GLN A 66 4.44 6.49 -5.02
N ASP A 67 5.75 6.34 -5.22
CA ASP A 67 6.70 7.43 -5.01
C ASP A 67 6.94 8.20 -6.31
N SER A 68 6.31 7.73 -7.38
CA SER A 68 6.38 8.36 -8.71
C SER A 68 6.13 9.87 -8.65
N CYS A 69 4.99 10.28 -8.11
CA CYS A 69 4.64 11.70 -8.05
C CYS A 69 4.06 12.09 -6.68
N VAL A 70 4.87 12.75 -5.85
CA VAL A 70 4.44 13.22 -4.53
C VAL A 70 4.77 14.71 -4.34
N ASP A 71 4.35 15.28 -3.20
CA ASP A 71 4.61 16.69 -2.88
C ASP A 71 6.05 16.90 -2.38
N SER A 1 13.24 -5.86 -9.60
CA SER A 1 12.25 -5.61 -10.68
C SER A 1 12.60 -4.36 -11.48
N ASP A 2 11.84 -4.07 -12.54
CA ASP A 2 12.05 -2.87 -13.36
C ASP A 2 11.71 -1.59 -12.57
N VAL A 3 12.27 -0.47 -13.00
CA VAL A 3 12.06 0.82 -12.32
C VAL A 3 11.48 1.88 -13.28
N ASN A 4 10.41 2.56 -12.85
CA ASN A 4 9.75 3.59 -13.66
C ASN A 4 9.69 4.93 -12.91
N GLU A 5 9.94 6.04 -13.62
CA GLU A 5 9.88 7.38 -13.02
C GLU A 5 8.44 7.90 -12.95
N CYS A 6 8.30 9.18 -12.59
CA CYS A 6 6.97 9.79 -12.39
C CYS A 6 6.21 10.04 -13.70
N LEU A 7 6.79 9.67 -14.85
CA LEU A 7 6.08 9.77 -16.14
C LEU A 7 5.19 8.54 -16.37
N THR A 8 5.05 7.71 -15.33
CA THR A 8 4.21 6.49 -15.41
C THR A 8 2.71 6.83 -15.51
N ILE A 9 1.92 5.84 -15.87
CA ILE A 9 0.47 6.02 -16.05
C ILE A 9 -0.27 5.98 -14.70
N PRO A 10 -1.09 7.02 -14.40
CA PRO A 10 -1.87 7.08 -13.14
C PRO A 10 -3.05 6.10 -13.11
N GLU A 11 -2.75 4.80 -13.08
CA GLU A 11 -3.79 3.77 -12.99
C GLU A 11 -4.34 3.64 -11.57
N ALA A 12 -3.78 4.40 -10.63
CA ALA A 12 -4.24 4.40 -9.24
C ALA A 12 -5.34 5.46 -9.01
N CYS A 13 -5.97 5.42 -7.84
CA CYS A 13 -7.07 6.35 -7.53
C CYS A 13 -6.60 7.54 -6.69
N LYS A 14 -7.01 8.74 -7.11
CA LYS A 14 -6.66 9.97 -6.40
C LYS A 14 -7.56 10.19 -5.16
N GLY A 15 -6.95 10.33 -3.99
CA GLY A 15 -7.72 10.52 -2.76
C GLY A 15 -8.19 9.21 -2.13
N GLU A 16 -7.79 8.09 -2.74
CA GLU A 16 -8.11 6.75 -2.23
C GLU A 16 -6.87 5.83 -2.33
N MET A 17 -6.89 4.73 -1.58
CA MET A 17 -5.72 3.85 -1.48
C MET A 17 -5.72 2.76 -2.56
N LYS A 18 -4.53 2.50 -3.10
CA LYS A 18 -4.36 1.48 -4.14
C LYS A 18 -4.00 0.12 -3.52
N CYS A 19 -4.94 -0.82 -3.56
CA CYS A 19 -4.74 -2.17 -3.02
C CYS A 19 -4.55 -3.18 -4.16
N ILE A 20 -3.35 -3.74 -4.27
CA ILE A 20 -3.02 -4.67 -5.36
C ILE A 20 -2.43 -5.98 -4.83
N ASN A 21 -2.43 -7.02 -5.67
CA ASN A 21 -1.76 -8.28 -5.33
C ASN A 21 -0.64 -8.60 -6.34
N HIS A 22 0.20 -9.59 -6.03
CA HIS A 22 1.32 -9.96 -6.92
C HIS A 22 0.84 -10.43 -8.30
N TYR A 23 -0.46 -10.72 -8.43
CA TYR A 23 -1.04 -11.16 -9.71
C TYR A 23 -1.38 -9.97 -10.61
N GLY A 24 -1.71 -8.82 -10.00
CA GLY A 24 -2.10 -7.64 -10.77
C GLY A 24 -3.54 -7.20 -10.53
N GLY A 25 -4.19 -7.78 -9.52
CA GLY A 25 -5.53 -7.32 -9.12
C GLY A 25 -5.50 -5.91 -8.53
N TYR A 26 -6.53 -5.12 -8.83
CA TYR A 26 -6.52 -3.70 -8.44
C TYR A 26 -7.82 -3.28 -7.73
N LEU A 27 -7.67 -2.70 -6.53
CA LEU A 27 -8.81 -2.20 -5.74
C LEU A 27 -8.54 -0.78 -5.22
N CYS A 28 -9.59 0.05 -5.12
CA CYS A 28 -9.47 1.41 -4.56
C CYS A 28 -10.32 1.57 -3.29
N LEU A 29 -9.68 1.54 -2.14
CA LEU A 29 -10.36 1.69 -0.85
C LEU A 29 -10.29 3.16 -0.35
N PRO A 30 -11.26 3.61 0.46
CA PRO A 30 -11.28 5.01 0.95
C PRO A 30 -10.03 5.37 1.78
N ARG A 31 -9.46 6.55 1.54
CA ARG A 31 -8.24 6.97 2.22
C ARG A 31 -8.53 7.41 3.68
N SER A 32 -9.75 7.15 4.14
CA SER A 32 -10.14 7.46 5.52
C SER A 32 -9.42 6.55 6.53
N ALA A 33 -8.75 5.53 6.02
CA ALA A 33 -7.96 4.60 6.83
C ALA A 33 -6.53 5.13 7.07
N ALA A 34 -5.91 4.69 8.15
CA ALA A 34 -4.56 5.16 8.50
C ALA A 34 -3.48 4.36 7.75
N VAL A 35 -2.74 5.05 6.87
CA VAL A 35 -1.70 4.41 6.05
C VAL A 35 -0.37 4.29 6.80
N ILE A 36 -0.29 4.94 7.95
CA ILE A 36 0.92 4.88 8.80
C ILE A 36 1.18 3.46 9.33
N ASN A 37 2.36 3.23 9.90
CA ASN A 37 2.81 1.88 10.28
C ASN A 37 2.16 1.38 11.58
N ASP A 38 0.83 1.39 11.64
CA ASP A 38 0.10 0.82 12.78
C ASP A 38 -0.74 -0.39 12.34
N LEU A 39 -0.24 -1.59 12.64
CA LEU A 39 -0.93 -2.82 12.27
C LEU A 39 -1.44 -3.56 13.51
N HIS A 40 -2.60 -4.22 13.37
CA HIS A 40 -3.22 -4.93 14.50
C HIS A 40 -2.58 -6.30 14.68
N GLY A 41 -1.29 -6.31 15.02
CA GLY A 41 -0.53 -7.55 15.14
C GLY A 41 -0.84 -8.34 16.39
N GLU A 42 -0.72 -9.67 16.29
CA GLU A 42 -0.98 -10.57 17.42
C GLU A 42 0.32 -11.25 17.89
N GLY A 43 0.42 -11.47 19.20
CA GLY A 43 1.58 -12.16 19.77
C GLY A 43 2.80 -11.26 19.93
N PRO A 44 4.02 -11.86 19.90
CA PRO A 44 5.28 -11.09 20.01
C PRO A 44 5.73 -10.51 18.67
N PRO A 45 6.73 -9.59 18.69
CA PRO A 45 7.33 -9.07 17.45
C PRO A 45 8.46 -9.96 16.89
N PRO A 46 8.21 -10.65 15.75
CA PRO A 46 9.24 -11.48 15.09
C PRO A 46 10.20 -10.64 14.23
N PRO A 47 11.28 -11.23 13.69
CA PRO A 47 12.22 -10.51 12.83
C PRO A 47 11.60 -10.11 11.48
N VAL A 48 10.77 -9.06 11.50
CA VAL A 48 10.10 -8.55 10.30
C VAL A 48 10.43 -7.06 10.08
N PRO A 49 10.45 -6.60 8.81
CA PRO A 49 10.77 -5.20 8.49
C PRO A 49 9.91 -4.16 9.24
N PRO A 50 10.53 -3.15 9.88
CA PRO A 50 9.79 -2.09 10.59
C PRO A 50 9.02 -1.16 9.62
N ALA A 51 9.21 -1.39 8.32
CA ALA A 51 8.51 -0.61 7.28
C ALA A 51 7.15 -1.21 6.92
N GLN A 52 6.82 -2.37 7.50
CA GLN A 52 5.55 -3.06 7.21
C GLN A 52 4.34 -2.13 7.37
N HIS A 53 3.40 -2.24 6.44
CA HIS A 53 2.21 -1.37 6.41
C HIS A 53 1.06 -1.99 7.21
N PRO A 54 0.07 -1.16 7.62
CA PRO A 54 -1.12 -1.63 8.38
C PRO A 54 -1.88 -2.76 7.67
N ASN A 55 -1.75 -2.80 6.33
CA ASN A 55 -2.55 -3.70 5.49
C ASN A 55 -4.06 -3.51 5.73
N PRO A 56 -4.58 -2.30 5.46
CA PRO A 56 -6.03 -2.01 5.53
C PRO A 56 -6.80 -2.78 4.43
N CYS A 57 -6.07 -3.23 3.41
CA CYS A 57 -6.64 -4.01 2.31
C CYS A 57 -6.67 -5.50 2.68
N PRO A 58 -7.78 -6.21 2.39
CA PRO A 58 -7.95 -7.63 2.75
C PRO A 58 -6.71 -8.50 2.50
N PRO A 59 -6.39 -9.42 3.44
CA PRO A 59 -5.22 -10.33 3.33
C PRO A 59 -5.07 -10.96 1.93
N GLY A 60 -3.85 -10.92 1.40
CA GLY A 60 -3.62 -11.29 0.02
C GLY A 60 -3.31 -10.06 -0.86
N TYR A 61 -3.99 -8.95 -0.55
CA TYR A 61 -3.72 -7.67 -1.20
C TYR A 61 -2.81 -6.79 -0.34
N GLU A 62 -2.16 -5.82 -0.97
CA GLU A 62 -1.18 -4.96 -0.29
C GLU A 62 -1.31 -3.49 -0.73
N PRO A 63 -1.02 -2.53 0.17
CA PRO A 63 -1.00 -1.09 -0.15
C PRO A 63 0.24 -0.69 -0.96
N ASP A 64 0.04 -0.06 -2.11
CA ASP A 64 1.15 0.30 -3.01
C ASP A 64 1.60 1.76 -2.81
N ASP A 65 2.87 1.93 -2.43
CA ASP A 65 3.44 3.27 -2.24
C ASP A 65 3.91 3.88 -3.58
N GLN A 66 3.24 4.93 -4.04
CA GLN A 66 3.61 5.60 -5.28
C GLN A 66 4.18 7.01 -5.01
N ASP A 67 5.46 7.20 -5.35
CA ASP A 67 6.12 8.49 -5.21
C ASP A 67 5.73 9.44 -6.37
N SER A 68 4.45 9.80 -6.44
CA SER A 68 3.92 10.61 -7.55
C SER A 68 4.43 12.06 -7.51
N CYS A 69 5.40 12.37 -8.39
CA CYS A 69 5.90 13.75 -8.54
C CYS A 69 4.78 14.71 -8.95
N VAL A 70 3.89 14.25 -9.82
CA VAL A 70 2.75 15.06 -10.28
C VAL A 70 1.72 15.25 -9.15
N ASP A 71 1.72 16.43 -8.56
CA ASP A 71 0.81 16.76 -7.45
C ASP A 71 -0.51 17.40 -7.95
N SER A 1 11.19 1.57 -5.27
CA SER A 1 10.04 0.98 -6.02
C SER A 1 10.44 -0.34 -6.70
N ASP A 2 9.52 -0.91 -7.48
CA ASP A 2 9.77 -2.17 -8.21
C ASP A 2 10.56 -1.93 -9.51
N VAL A 3 11.65 -1.16 -9.41
CA VAL A 3 12.42 -0.74 -10.58
C VAL A 3 11.55 0.03 -11.59
N ASN A 4 11.23 1.27 -11.26
CA ASN A 4 10.36 2.12 -12.09
C ASN A 4 10.30 3.55 -11.52
N GLU A 5 10.36 4.55 -12.40
CA GLU A 5 10.38 5.96 -11.98
C GLU A 5 8.96 6.58 -11.99
N CYS A 6 8.88 7.89 -11.83
CA CYS A 6 7.58 8.59 -11.79
C CYS A 6 7.00 8.87 -13.18
N LEU A 7 7.65 8.36 -14.24
CA LEU A 7 7.16 8.56 -15.61
C LEU A 7 5.91 7.71 -15.90
N THR A 8 5.53 6.88 -14.93
CA THR A 8 4.35 6.00 -15.06
C THR A 8 3.02 6.78 -15.03
N ILE A 9 1.91 6.06 -15.07
CA ILE A 9 0.57 6.66 -15.06
C ILE A 9 -0.01 6.69 -13.63
N PRO A 10 -0.62 7.82 -13.21
CA PRO A 10 -1.33 7.89 -11.92
C PRO A 10 -2.47 6.85 -11.80
N GLU A 11 -2.10 5.60 -11.53
CA GLU A 11 -3.05 4.51 -11.42
C GLU A 11 -3.75 4.46 -10.06
N ALA A 12 -3.23 5.23 -9.10
CA ALA A 12 -3.77 5.21 -7.73
C ALA A 12 -4.90 6.25 -7.54
N CYS A 13 -5.66 6.08 -6.46
CA CYS A 13 -6.71 7.04 -6.10
C CYS A 13 -6.23 7.98 -5.00
N LYS A 14 -6.52 9.28 -5.14
CA LYS A 14 -6.03 10.27 -4.16
C LYS A 14 -6.85 10.23 -2.87
N GLY A 15 -6.15 10.23 -1.73
CA GLY A 15 -6.83 10.16 -0.42
C GLY A 15 -7.31 8.75 -0.08
N GLU A 16 -7.13 7.82 -1.01
CA GLU A 16 -7.54 6.43 -0.84
C GLU A 16 -6.38 5.48 -1.16
N MET A 17 -6.48 4.23 -0.69
CA MET A 17 -5.40 3.25 -0.87
C MET A 17 -5.60 2.44 -2.15
N LYS A 18 -4.51 2.25 -2.90
CA LYS A 18 -4.53 1.42 -4.10
C LYS A 18 -4.15 -0.04 -3.76
N CYS A 19 -5.14 -0.91 -3.81
CA CYS A 19 -4.92 -2.34 -3.53
C CYS A 19 -4.97 -3.16 -4.83
N ILE A 20 -3.82 -3.69 -5.23
CA ILE A 20 -3.71 -4.44 -6.48
C ILE A 20 -2.97 -5.76 -6.27
N ASN A 21 -3.12 -6.68 -7.22
CA ASN A 21 -2.35 -7.91 -7.21
C ASN A 21 -1.59 -8.08 -8.54
N HIS A 22 -0.51 -8.85 -8.52
CA HIS A 22 0.30 -9.09 -9.72
C HIS A 22 -0.51 -9.80 -10.83
N TYR A 23 -1.72 -10.26 -10.50
CA TYR A 23 -2.61 -10.88 -11.49
C TYR A 23 -3.32 -9.83 -12.36
N GLY A 24 -3.40 -8.58 -11.89
CA GLY A 24 -3.98 -7.51 -12.70
C GLY A 24 -5.26 -6.92 -12.10
N GLY A 25 -5.65 -7.37 -10.92
CA GLY A 25 -6.83 -6.82 -10.25
C GLY A 25 -6.56 -5.47 -9.59
N TYR A 26 -7.44 -4.49 -9.84
CA TYR A 26 -7.27 -3.13 -9.31
C TYR A 26 -8.42 -2.72 -8.38
N LEU A 27 -8.07 -2.26 -7.18
CA LEU A 27 -9.04 -1.75 -6.20
C LEU A 27 -8.54 -0.47 -5.50
N CYS A 28 -9.47 0.41 -5.13
CA CYS A 28 -9.17 1.54 -4.24
C CYS A 28 -10.01 1.45 -2.96
N LEU A 29 -9.35 1.27 -1.82
CA LEU A 29 -10.04 1.05 -0.54
C LEU A 29 -9.88 2.26 0.40
N PRO A 30 -10.79 2.41 1.40
CA PRO A 30 -10.74 3.52 2.38
C PRO A 30 -9.40 3.59 3.12
N ARG A 31 -8.91 4.82 3.32
CA ARG A 31 -7.58 5.06 3.90
C ARG A 31 -7.62 5.03 5.45
N SER A 32 -8.74 4.55 6.01
CA SER A 32 -8.93 4.47 7.47
C SER A 32 -7.80 3.71 8.18
N ALA A 33 -7.07 2.86 7.45
CA ALA A 33 -5.95 2.11 8.00
C ALA A 33 -4.64 2.91 7.93
N ALA A 34 -3.85 2.86 9.00
CA ALA A 34 -2.60 3.63 9.09
C ALA A 34 -1.42 2.87 8.46
N VAL A 35 -0.43 3.62 7.98
CA VAL A 35 0.75 3.03 7.31
C VAL A 35 1.77 2.46 8.32
N ILE A 36 1.29 1.68 9.29
CA ILE A 36 2.15 1.10 10.33
C ILE A 36 2.43 -0.39 10.07
N ASN A 37 3.55 -0.88 10.61
CA ASN A 37 3.98 -2.28 10.37
C ASN A 37 3.22 -3.30 11.24
N ASP A 38 1.88 -3.28 11.14
CA ASP A 38 0.99 -4.18 11.89
C ASP A 38 1.23 -4.12 13.42
N LEU A 39 0.46 -3.26 14.09
CA LEU A 39 0.43 -3.23 15.57
C LEU A 39 -0.97 -2.84 16.08
N HIS A 40 -1.15 -2.86 17.40
CA HIS A 40 -2.45 -2.56 18.01
C HIS A 40 -2.36 -1.37 18.97
N GLY A 41 -3.50 -0.71 19.21
CA GLY A 41 -3.52 0.40 20.16
C GLY A 41 -3.15 -0.03 21.57
N GLU A 42 -3.68 -1.17 21.99
CA GLU A 42 -3.36 -1.75 23.29
C GLU A 42 -2.20 -2.75 23.17
N GLY A 43 -1.02 -2.35 23.64
CA GLY A 43 0.14 -3.24 23.61
C GLY A 43 1.43 -2.54 23.21
N PRO A 44 2.56 -3.28 23.15
CA PRO A 44 3.86 -2.73 22.74
C PRO A 44 4.12 -2.85 21.22
N PRO A 45 5.16 -2.16 20.70
CA PRO A 45 5.57 -2.33 19.29
C PRO A 45 6.18 -3.72 19.04
N PRO A 46 5.65 -4.47 18.04
CA PRO A 46 6.12 -5.84 17.74
C PRO A 46 7.66 -5.95 17.65
N PRO A 47 8.28 -6.77 18.54
CA PRO A 47 9.74 -6.96 18.57
C PRO A 47 10.36 -7.12 17.15
N VAL A 48 9.80 -8.05 16.39
CA VAL A 48 10.20 -8.22 14.98
C VAL A 48 8.95 -8.27 14.08
N PRO A 49 8.61 -7.14 13.41
CA PRO A 49 7.43 -7.05 12.52
C PRO A 49 7.42 -8.14 11.43
N PRO A 50 6.30 -8.89 11.30
CA PRO A 50 6.16 -9.95 10.27
C PRO A 50 6.33 -9.42 8.83
N ALA A 51 6.02 -8.15 8.62
CA ALA A 51 6.17 -7.52 7.29
C ALA A 51 6.41 -6.00 7.43
N GLN A 52 7.07 -5.41 6.43
CA GLN A 52 7.34 -3.96 6.45
C GLN A 52 6.23 -3.17 5.74
N HIS A 53 5.09 -3.83 5.56
CA HIS A 53 3.88 -3.18 5.04
C HIS A 53 2.65 -3.57 5.89
N PRO A 54 1.78 -2.61 6.22
CA PRO A 54 0.56 -2.86 7.03
C PRO A 54 -0.38 -3.91 6.40
N ASN A 55 -0.37 -3.98 5.06
CA ASN A 55 -1.30 -4.81 4.30
C ASN A 55 -2.76 -4.62 4.77
N PRO A 56 -3.29 -3.39 4.60
CA PRO A 56 -4.68 -3.05 4.94
C PRO A 56 -5.68 -3.71 3.99
N CYS A 57 -5.19 -4.19 2.85
CA CYS A 57 -6.04 -4.80 1.82
C CYS A 57 -6.24 -6.30 2.11
N PRO A 58 -7.42 -6.85 1.81
CA PRO A 58 -7.73 -8.27 2.09
C PRO A 58 -6.87 -9.25 1.25
N PRO A 59 -6.62 -10.47 1.79
CA PRO A 59 -5.85 -11.50 1.08
C PRO A 59 -6.28 -11.66 -0.39
N GLY A 60 -5.30 -11.63 -1.30
CA GLY A 60 -5.60 -11.62 -2.73
C GLY A 60 -5.22 -10.31 -3.39
N TYR A 61 -5.17 -9.24 -2.60
CA TYR A 61 -4.74 -7.91 -3.09
C TYR A 61 -3.72 -7.28 -2.13
N GLU A 62 -2.58 -6.88 -2.66
CA GLU A 62 -1.49 -6.31 -1.86
C GLU A 62 -1.47 -4.77 -1.98
N PRO A 63 -0.85 -4.06 -1.02
CA PRO A 63 -0.74 -2.60 -1.05
C PRO A 63 0.28 -2.09 -2.09
N ASP A 64 -0.16 -1.16 -2.93
CA ASP A 64 0.72 -0.60 -3.97
C ASP A 64 1.43 0.67 -3.48
N ASP A 65 2.74 0.75 -3.71
CA ASP A 65 3.51 1.93 -3.35
C ASP A 65 3.38 3.01 -4.44
N GLN A 66 2.70 4.11 -4.13
CA GLN A 66 2.37 5.13 -5.13
C GLN A 66 3.38 6.29 -5.15
N ASP A 67 3.80 6.68 -6.36
CA ASP A 67 4.69 7.82 -6.58
C ASP A 67 6.11 7.57 -6.02
N SER A 68 7.08 7.41 -6.91
CA SER A 68 8.47 7.13 -6.51
C SER A 68 9.27 8.42 -6.29
N CYS A 69 8.59 9.57 -6.36
CA CYS A 69 9.24 10.88 -6.16
C CYS A 69 8.97 11.44 -4.75
N VAL A 70 8.24 10.69 -3.94
CA VAL A 70 8.01 11.08 -2.54
C VAL A 70 9.32 11.08 -1.75
N ASP A 71 9.47 12.02 -0.84
CA ASP A 71 10.70 12.14 -0.02
C ASP A 71 10.83 10.98 1.01
N SER A 1 15.35 -3.56 -13.04
CA SER A 1 14.36 -2.56 -12.53
C SER A 1 14.85 -1.13 -12.73
N ASP A 2 14.37 -0.48 -13.79
CA ASP A 2 14.69 0.94 -14.04
C ASP A 2 13.56 1.85 -13.51
N VAL A 3 13.88 3.11 -13.25
CA VAL A 3 12.95 4.03 -12.57
C VAL A 3 12.17 4.91 -13.56
N ASN A 4 10.85 4.98 -13.40
CA ASN A 4 10.00 5.87 -14.21
C ASN A 4 9.67 7.15 -13.43
N GLU A 5 9.84 8.31 -14.07
CA GLU A 5 9.56 9.60 -13.43
C GLU A 5 8.04 9.81 -13.19
N CYS A 6 7.68 10.93 -12.57
CA CYS A 6 6.30 11.16 -12.09
C CYS A 6 5.33 11.50 -13.23
N LEU A 7 5.83 11.68 -14.45
CA LEU A 7 4.97 11.91 -15.62
C LEU A 7 4.42 10.57 -16.18
N THR A 8 4.36 9.56 -15.31
CA THR A 8 3.87 8.22 -15.68
C THR A 8 2.33 8.14 -15.63
N ILE A 9 1.79 6.99 -16.02
CA ILE A 9 0.34 6.77 -16.06
C ILE A 9 -0.25 6.53 -14.66
N PRO A 10 -1.30 7.30 -14.26
CA PRO A 10 -1.93 7.15 -12.95
C PRO A 10 -2.66 5.80 -12.77
N GLU A 11 -1.92 4.78 -12.33
CA GLU A 11 -2.48 3.45 -12.02
C GLU A 11 -2.98 3.37 -10.57
N ALA A 12 -2.96 4.50 -9.85
CA ALA A 12 -3.39 4.54 -8.44
C ALA A 12 -4.56 5.53 -8.25
N CYS A 13 -5.16 5.51 -7.05
CA CYS A 13 -6.27 6.41 -6.72
C CYS A 13 -5.78 7.60 -5.90
N LYS A 14 -6.35 8.77 -6.16
CA LYS A 14 -5.93 10.01 -5.50
C LYS A 14 -6.49 10.10 -4.07
N GLY A 15 -5.59 10.16 -3.08
CA GLY A 15 -6.02 10.22 -1.68
C GLY A 15 -6.33 8.85 -1.09
N GLU A 16 -6.91 7.96 -1.89
CA GLU A 16 -7.31 6.63 -1.45
C GLU A 16 -6.17 5.62 -1.62
N MET A 17 -6.25 4.47 -0.94
CA MET A 17 -5.17 3.49 -0.96
C MET A 17 -5.31 2.49 -2.11
N LYS A 18 -4.21 2.20 -2.79
CA LYS A 18 -4.18 1.27 -3.92
C LYS A 18 -3.88 -0.16 -3.46
N CYS A 19 -4.90 -1.01 -3.45
CA CYS A 19 -4.77 -2.42 -3.08
C CYS A 19 -4.86 -3.32 -4.32
N ILE A 20 -3.75 -3.93 -4.70
CA ILE A 20 -3.71 -4.77 -5.91
C ILE A 20 -3.16 -6.18 -5.62
N ASN A 21 -3.50 -7.13 -6.48
CA ASN A 21 -2.92 -8.47 -6.44
C ASN A 21 -2.16 -8.76 -7.74
N HIS A 22 -1.30 -9.78 -7.72
CA HIS A 22 -0.49 -10.11 -8.91
C HIS A 22 -1.35 -10.64 -10.07
N TYR A 23 -2.63 -10.93 -9.78
CA TYR A 23 -3.58 -11.34 -10.83
C TYR A 23 -3.93 -10.17 -11.75
N GLY A 24 -3.89 -8.94 -11.22
CA GLY A 24 -4.26 -7.76 -11.98
C GLY A 24 -5.50 -7.06 -11.41
N GLY A 25 -6.01 -7.59 -10.29
CA GLY A 25 -7.15 -6.97 -9.62
C GLY A 25 -6.78 -5.64 -8.97
N TYR A 26 -7.43 -4.57 -9.40
CA TYR A 26 -7.15 -3.22 -8.89
C TYR A 26 -8.31 -2.69 -8.04
N LEU A 27 -8.09 -2.60 -6.73
CA LEU A 27 -9.11 -2.11 -5.80
C LEU A 27 -8.58 -0.92 -4.97
N CYS A 28 -9.38 0.12 -4.82
CA CYS A 28 -8.99 1.28 -4.01
C CYS A 28 -9.82 1.35 -2.72
N LEU A 29 -9.15 1.39 -1.57
CA LEU A 29 -9.82 1.45 -0.27
C LEU A 29 -9.82 2.89 0.29
N PRO A 30 -10.86 3.26 1.09
CA PRO A 30 -10.97 4.60 1.69
C PRO A 30 -9.74 4.99 2.54
N ARG A 31 -9.50 6.28 2.68
CA ARG A 31 -8.30 6.80 3.35
C ARG A 31 -8.41 6.71 4.88
N SER A 32 -9.42 6.00 5.38
CA SER A 32 -9.60 5.79 6.84
C SER A 32 -8.43 5.00 7.45
N ALA A 33 -7.86 4.08 6.67
CA ALA A 33 -6.77 3.22 7.15
C ALA A 33 -5.38 3.85 6.89
N ALA A 34 -4.40 3.47 7.70
CA ALA A 34 -3.02 4.00 7.58
C ALA A 34 -1.99 2.87 7.48
N VAL A 35 -0.85 3.16 6.86
CA VAL A 35 0.23 2.17 6.71
C VAL A 35 1.23 2.24 7.88
N ILE A 36 1.00 1.42 8.91
CA ILE A 36 1.87 1.38 10.08
C ILE A 36 2.45 -0.03 10.32
N ASN A 37 3.74 -0.10 10.70
CA ASN A 37 4.40 -1.38 10.98
C ASN A 37 3.98 -1.96 12.35
N ASP A 38 2.95 -1.39 12.96
CA ASP A 38 2.43 -1.88 14.25
C ASP A 38 1.28 -2.88 14.04
N LEU A 39 0.74 -2.93 12.80
CA LEU A 39 -0.47 -3.72 12.42
C LEU A 39 -1.50 -3.94 13.57
N HIS A 40 -1.15 -4.75 14.56
CA HIS A 40 -2.06 -5.01 15.69
C HIS A 40 -2.34 -3.73 16.50
N GLY A 41 -1.31 -2.93 16.72
CA GLY A 41 -1.45 -1.67 17.44
C GLY A 41 -1.55 -1.84 18.96
N GLU A 42 -2.60 -2.50 19.43
CA GLU A 42 -2.82 -2.72 20.87
C GLU A 42 -1.70 -3.58 21.47
N GLY A 43 -1.05 -3.07 22.52
CA GLY A 43 0.10 -3.75 23.10
C GLY A 43 1.39 -3.48 22.34
N PRO A 44 2.38 -4.39 22.41
CA PRO A 44 3.64 -4.26 21.67
C PRO A 44 3.56 -4.90 20.27
N PRO A 45 4.17 -4.26 19.25
CA PRO A 45 4.23 -4.83 17.90
C PRO A 45 5.27 -5.96 17.78
N PRO A 46 5.09 -6.92 16.86
CA PRO A 46 6.06 -8.01 16.65
C PRO A 46 7.45 -7.49 16.23
N PRO A 47 8.53 -8.26 16.49
CA PRO A 47 9.88 -7.89 16.06
C PRO A 47 9.99 -7.69 14.54
N VAL A 48 9.69 -6.47 14.09
CA VAL A 48 9.70 -6.13 12.66
C VAL A 48 10.44 -4.80 12.41
N PRO A 49 11.00 -4.60 11.20
CA PRO A 49 11.63 -3.33 10.83
C PRO A 49 10.58 -2.23 10.52
N PRO A 50 10.92 -0.95 10.73
CA PRO A 50 9.99 0.17 10.47
C PRO A 50 9.49 0.24 9.01
N ALA A 51 10.18 -0.45 8.11
CA ALA A 51 9.78 -0.52 6.70
C ALA A 51 8.62 -1.50 6.46
N GLN A 52 8.32 -2.33 7.46
CA GLN A 52 7.26 -3.34 7.34
C GLN A 52 5.89 -2.70 7.12
N HIS A 53 5.10 -3.27 6.22
CA HIS A 53 3.78 -2.74 5.90
C HIS A 53 2.65 -3.62 6.49
N PRO A 54 1.59 -3.00 7.03
CA PRO A 54 0.48 -3.69 7.73
C PRO A 54 -0.33 -4.64 6.83
N ASN A 55 -0.34 -4.37 5.52
CA ASN A 55 -1.23 -5.06 4.58
C ASN A 55 -2.71 -4.92 5.01
N PRO A 56 -3.24 -3.66 5.02
CA PRO A 56 -4.65 -3.38 5.35
C PRO A 56 -5.62 -3.98 4.33
N CYS A 57 -5.09 -4.34 3.16
CA CYS A 57 -5.89 -4.90 2.07
C CYS A 57 -6.03 -6.42 2.23
N PRO A 58 -7.20 -6.99 1.85
CA PRO A 58 -7.48 -8.44 2.00
C PRO A 58 -6.29 -9.36 1.62
N PRO A 59 -6.02 -10.41 2.43
CA PRO A 59 -4.91 -11.35 2.19
C PRO A 59 -4.82 -11.82 0.73
N GLY A 60 -3.64 -11.72 0.14
CA GLY A 60 -3.47 -12.00 -1.28
C GLY A 60 -3.27 -10.73 -2.10
N TYR A 61 -3.71 -9.60 -1.53
CA TYR A 61 -3.45 -8.27 -2.10
C TYR A 61 -2.32 -7.57 -1.32
N GLU A 62 -1.75 -6.54 -1.90
CA GLU A 62 -0.73 -5.73 -1.23
C GLU A 62 -0.92 -4.23 -1.52
N PRO A 63 -0.70 -3.36 -0.52
CA PRO A 63 -0.78 -1.90 -0.72
C PRO A 63 0.42 -1.37 -1.50
N ASP A 64 0.16 -0.61 -2.56
CA ASP A 64 1.21 -0.11 -3.44
C ASP A 64 1.84 1.17 -2.87
N ASP A 65 3.18 1.23 -2.85
CA ASP A 65 3.89 2.40 -2.35
C ASP A 65 4.01 3.48 -3.42
N GLN A 66 3.31 4.59 -3.21
CA GLN A 66 3.25 5.68 -4.18
C GLN A 66 3.97 6.94 -3.69
N ASP A 67 5.13 7.20 -4.29
CA ASP A 67 5.84 8.45 -4.06
C ASP A 67 5.34 9.50 -5.06
N SER A 68 6.08 10.60 -5.22
CA SER A 68 5.69 11.65 -6.17
C SER A 68 6.76 12.74 -6.31
N CYS A 69 6.73 13.40 -7.46
CA CYS A 69 7.61 14.53 -7.78
C CYS A 69 6.95 15.42 -8.84
N VAL A 70 7.48 16.61 -9.07
CA VAL A 70 6.88 17.55 -10.02
C VAL A 70 7.69 17.64 -11.34
N ASP A 71 7.28 16.85 -12.33
CA ASP A 71 7.87 16.93 -13.68
C ASP A 71 7.27 18.10 -14.48
N SER A 1 9.70 -1.54 -7.56
CA SER A 1 9.61 -0.07 -7.78
C SER A 1 10.23 0.72 -6.61
N ASP A 2 11.53 1.00 -6.71
CA ASP A 2 12.23 1.75 -5.66
C ASP A 2 12.22 3.26 -5.97
N VAL A 3 12.83 3.64 -7.10
CA VAL A 3 12.88 5.02 -7.54
C VAL A 3 12.52 5.17 -9.03
N ASN A 4 11.23 5.35 -9.30
CA ASN A 4 10.75 5.55 -10.67
C ASN A 4 10.17 6.96 -10.85
N GLU A 5 10.60 7.65 -11.91
CA GLU A 5 10.15 9.02 -12.18
C GLU A 5 8.67 9.04 -12.61
N CYS A 6 8.13 10.23 -12.81
CA CYS A 6 6.72 10.41 -13.21
C CYS A 6 6.45 9.92 -14.64
N LEU A 7 7.42 9.23 -15.25
CA LEU A 7 7.24 8.61 -16.57
C LEU A 7 6.29 7.41 -16.51
N THR A 8 6.01 6.92 -15.31
CA THR A 8 5.09 5.79 -15.11
C THR A 8 3.62 6.20 -15.31
N ILE A 9 2.73 5.23 -15.25
CA ILE A 9 1.30 5.47 -15.48
C ILE A 9 0.58 5.78 -14.15
N PRO A 10 -0.22 6.88 -14.11
CA PRO A 10 -1.02 7.24 -12.92
C PRO A 10 -2.14 6.22 -12.61
N GLU A 11 -1.75 5.03 -12.17
CA GLU A 11 -2.69 3.96 -11.85
C GLU A 11 -3.27 4.09 -10.43
N ALA A 12 -2.95 5.19 -9.75
CA ALA A 12 -3.48 5.44 -8.40
C ALA A 12 -4.81 6.23 -8.47
N CYS A 13 -5.64 6.08 -7.45
CA CYS A 13 -6.94 6.78 -7.39
C CYS A 13 -6.86 8.03 -6.51
N LYS A 14 -7.47 9.12 -6.97
CA LYS A 14 -7.40 10.40 -6.26
C LYS A 14 -8.21 10.36 -4.95
N GLY A 15 -7.54 10.60 -3.83
CA GLY A 15 -8.21 10.59 -2.53
C GLY A 15 -8.55 9.19 -2.04
N GLU A 16 -8.12 8.17 -2.79
CA GLU A 16 -8.38 6.77 -2.44
C GLU A 16 -7.08 5.95 -2.52
N MET A 17 -6.99 4.89 -1.72
CA MET A 17 -5.76 4.08 -1.65
C MET A 17 -5.77 2.95 -2.68
N LYS A 18 -4.59 2.56 -3.14
CA LYS A 18 -4.44 1.52 -4.17
C LYS A 18 -4.06 0.17 -3.55
N CYS A 19 -4.98 -0.80 -3.60
CA CYS A 19 -4.72 -2.16 -3.10
C CYS A 19 -4.53 -3.14 -4.26
N ILE A 20 -3.30 -3.61 -4.45
CA ILE A 20 -2.97 -4.52 -5.55
C ILE A 20 -2.26 -5.79 -5.02
N ASN A 21 -2.23 -6.84 -5.83
CA ASN A 21 -1.56 -8.08 -5.43
C ASN A 21 -0.58 -8.61 -6.49
N HIS A 22 0.06 -9.73 -6.20
CA HIS A 22 1.02 -10.36 -7.12
C HIS A 22 0.32 -11.00 -8.34
N TYR A 23 -1.01 -11.08 -8.28
CA TYR A 23 -1.79 -11.71 -9.35
C TYR A 23 -2.20 -10.67 -10.42
N GLY A 24 -2.15 -9.40 -10.07
CA GLY A 24 -2.55 -8.32 -10.99
C GLY A 24 -3.86 -7.66 -10.63
N GLY A 25 -4.47 -8.09 -9.53
CA GLY A 25 -5.72 -7.49 -9.06
C GLY A 25 -5.57 -6.04 -8.65
N TYR A 26 -6.55 -5.21 -9.02
CA TYR A 26 -6.48 -3.77 -8.75
C TYR A 26 -7.74 -3.26 -8.02
N LEU A 27 -7.55 -2.75 -6.81
CA LEU A 27 -8.64 -2.17 -6.01
C LEU A 27 -8.30 -0.75 -5.52
N CYS A 28 -9.30 0.11 -5.40
CA CYS A 28 -9.14 1.44 -4.77
C CYS A 28 -10.08 1.59 -3.56
N LEU A 29 -9.49 1.70 -2.37
CA LEU A 29 -10.25 1.75 -1.11
C LEU A 29 -10.27 3.17 -0.51
N PRO A 30 -11.20 3.46 0.42
CA PRO A 30 -11.31 4.78 1.07
C PRO A 30 -10.05 5.19 1.86
N ARG A 31 -9.70 6.47 1.81
CA ARG A 31 -8.51 7.00 2.48
C ARG A 31 -8.74 7.15 4.00
N SER A 32 -9.97 6.90 4.45
CA SER A 32 -10.31 6.89 5.89
C SER A 32 -9.39 5.93 6.67
N ALA A 33 -8.91 4.90 5.99
CA ALA A 33 -7.87 4.03 6.54
C ALA A 33 -6.49 4.49 6.05
N ALA A 34 -5.55 4.69 6.95
CA ALA A 34 -4.24 5.24 6.59
C ALA A 34 -3.12 4.17 6.64
N VAL A 35 -2.10 4.36 5.82
CA VAL A 35 -0.95 3.45 5.77
C VAL A 35 0.16 3.86 6.76
N ILE A 36 -0.23 4.54 7.84
CA ILE A 36 0.71 5.04 8.85
C ILE A 36 1.35 3.90 9.68
N ASN A 37 2.33 4.26 10.52
CA ASN A 37 3.03 3.27 11.34
C ASN A 37 2.11 2.67 12.41
N ASP A 38 1.46 1.56 12.08
CA ASP A 38 0.64 0.81 13.03
C ASP A 38 0.68 -0.70 12.74
N LEU A 39 1.31 -1.46 13.64
CA LEU A 39 1.43 -2.91 13.50
C LEU A 39 1.26 -3.61 14.85
N HIS A 40 1.07 -4.94 14.81
CA HIS A 40 0.88 -5.72 16.05
C HIS A 40 1.17 -7.21 15.81
N GLY A 41 1.78 -7.85 16.81
CA GLY A 41 2.07 -9.28 16.72
C GLY A 41 1.42 -10.09 17.84
N GLU A 42 1.69 -11.40 17.87
CA GLU A 42 1.14 -12.29 18.90
C GLU A 42 1.68 -11.95 20.29
N GLY A 43 2.97 -11.65 20.36
CA GLY A 43 3.62 -11.28 21.62
C GLY A 43 5.00 -10.68 21.39
N PRO A 44 5.98 -11.50 20.95
CA PRO A 44 7.28 -10.99 20.49
C PRO A 44 7.19 -10.32 19.11
N PRO A 45 8.14 -9.41 18.77
CA PRO A 45 8.11 -8.67 17.50
C PRO A 45 8.26 -9.57 16.25
N PRO A 46 7.25 -9.61 15.37
CA PRO A 46 7.31 -10.34 14.10
C PRO A 46 8.23 -9.64 13.07
N PRO A 47 8.62 -10.35 11.99
CA PRO A 47 9.46 -9.77 10.92
C PRO A 47 8.85 -8.49 10.31
N VAL A 48 9.43 -7.34 10.63
CA VAL A 48 8.94 -6.05 10.15
C VAL A 48 10.06 -5.21 9.49
N PRO A 49 9.83 -4.70 8.26
CA PRO A 49 10.81 -3.86 7.55
C PRO A 49 10.70 -2.36 7.94
N PRO A 50 11.74 -1.55 7.65
CA PRO A 50 11.72 -0.10 7.93
C PRO A 50 10.52 0.60 7.28
N ALA A 51 10.22 0.24 6.03
CA ALA A 51 9.03 0.74 5.34
C ALA A 51 7.79 -0.10 5.71
N GLN A 52 7.60 -0.35 7.01
CA GLN A 52 6.49 -1.16 7.50
C GLN A 52 5.12 -0.49 7.25
N HIS A 53 4.13 -1.32 6.89
CA HIS A 53 2.78 -0.84 6.62
C HIS A 53 1.72 -1.70 7.37
N PRO A 54 0.62 -1.08 7.83
CA PRO A 54 -0.51 -1.79 8.46
C PRO A 54 -1.15 -2.83 7.53
N ASN A 55 -1.02 -2.61 6.22
CA ASN A 55 -1.69 -3.42 5.19
C ASN A 55 -3.23 -3.45 5.39
N PRO A 56 -3.88 -2.27 5.29
CA PRO A 56 -5.34 -2.12 5.43
C PRO A 56 -6.15 -2.97 4.42
N CYS A 57 -5.49 -3.44 3.36
CA CYS A 57 -6.17 -4.19 2.29
C CYS A 57 -6.28 -5.67 2.67
N PRO A 58 -7.49 -6.26 2.57
CA PRO A 58 -7.76 -7.65 3.02
C PRO A 58 -6.80 -8.70 2.44
N PRO A 59 -6.53 -9.80 3.19
CA PRO A 59 -5.64 -10.87 2.74
C PRO A 59 -5.86 -11.28 1.27
N GLY A 60 -4.78 -11.31 0.51
CA GLY A 60 -4.89 -11.49 -0.94
C GLY A 60 -4.49 -10.23 -1.71
N TYR A 61 -4.45 -9.10 -1.00
CA TYR A 61 -4.03 -7.81 -1.58
C TYR A 61 -3.06 -7.07 -0.64
N GLU A 62 -2.27 -6.15 -1.19
CA GLU A 62 -1.32 -5.36 -0.40
C GLU A 62 -1.43 -3.86 -0.73
N PRO A 63 -1.05 -2.98 0.22
CA PRO A 63 -1.14 -1.53 0.03
C PRO A 63 -0.02 -0.96 -0.87
N ASP A 64 -0.41 -0.13 -1.83
CA ASP A 64 0.55 0.55 -2.70
C ASP A 64 0.58 2.06 -2.37
N ASP A 65 1.78 2.62 -2.18
CA ASP A 65 1.89 4.04 -1.76
C ASP A 65 1.74 4.98 -2.96
N GLN A 66 0.64 5.74 -2.97
CA GLN A 66 0.28 6.56 -4.12
C GLN A 66 0.96 7.94 -4.11
N ASP A 67 2.09 8.03 -4.84
CA ASP A 67 2.80 9.29 -5.11
C ASP A 67 4.21 8.99 -5.65
N SER A 68 5.11 8.56 -4.76
CA SER A 68 6.45 8.04 -5.11
C SER A 68 7.33 9.05 -5.88
N CYS A 69 6.99 9.29 -7.16
CA CYS A 69 7.78 10.18 -8.03
C CYS A 69 8.08 11.54 -7.41
N VAL A 70 7.05 12.21 -6.90
CA VAL A 70 7.20 13.53 -6.28
C VAL A 70 6.88 13.47 -4.77
N ASP A 71 6.79 14.64 -4.14
CA ASP A 71 6.37 14.74 -2.75
C ASP A 71 5.91 16.17 -2.41
N SER A 1 12.38 0.14 -5.30
CA SER A 1 12.00 -1.24 -5.71
C SER A 1 10.65 -1.24 -6.43
N ASP A 2 10.68 -1.12 -7.75
CA ASP A 2 9.46 -0.92 -8.54
C ASP A 2 9.60 -1.48 -9.97
N VAL A 3 8.70 -1.08 -10.86
CA VAL A 3 8.70 -1.55 -12.26
C VAL A 3 8.77 -0.38 -13.26
N ASN A 4 8.41 0.83 -12.83
CA ASN A 4 8.39 2.00 -13.72
C ASN A 4 8.31 3.31 -12.91
N GLU A 5 8.95 4.37 -13.43
CA GLU A 5 9.06 5.65 -12.71
C GLU A 5 7.77 6.49 -12.79
N CYS A 6 7.87 7.75 -12.35
CA CYS A 6 6.72 8.67 -12.26
C CYS A 6 6.04 8.89 -13.63
N LEU A 7 6.79 8.75 -14.71
CA LEU A 7 6.27 9.02 -16.06
C LEU A 7 5.10 8.08 -16.45
N THR A 8 4.74 7.16 -15.55
CA THR A 8 3.59 6.28 -15.78
C THR A 8 2.25 7.02 -15.61
N ILE A 9 1.14 6.31 -15.82
CA ILE A 9 -0.19 6.88 -15.64
C ILE A 9 -0.66 6.77 -14.19
N PRO A 10 -1.17 7.88 -13.58
CA PRO A 10 -1.76 7.84 -12.24
C PRO A 10 -3.03 6.96 -12.18
N GLU A 11 -2.83 5.63 -12.17
CA GLU A 11 -3.94 4.68 -12.21
C GLU A 11 -4.56 4.46 -10.82
N ALA A 12 -4.09 5.19 -9.82
CA ALA A 12 -4.59 5.06 -8.44
C ALA A 12 -5.78 5.98 -8.20
N CYS A 13 -6.42 5.84 -7.04
CA CYS A 13 -7.61 6.64 -6.71
C CYS A 13 -7.23 7.86 -5.86
N LYS A 14 -7.78 9.01 -6.23
CA LYS A 14 -7.43 10.28 -5.59
C LYS A 14 -8.07 10.40 -4.18
N GLY A 15 -7.23 10.53 -3.15
CA GLY A 15 -7.73 10.57 -1.79
C GLY A 15 -8.00 9.19 -1.21
N GLU A 16 -7.69 8.15 -1.97
CA GLU A 16 -7.95 6.76 -1.59
C GLU A 16 -6.72 5.87 -1.79
N MET A 17 -6.69 4.70 -1.16
CA MET A 17 -5.51 3.83 -1.22
C MET A 17 -5.61 2.83 -2.39
N LYS A 18 -4.44 2.48 -2.94
CA LYS A 18 -4.37 1.55 -4.07
C LYS A 18 -3.85 0.17 -3.63
N CYS A 19 -4.74 -0.84 -3.67
CA CYS A 19 -4.38 -2.22 -3.32
C CYS A 19 -4.31 -3.11 -4.57
N ILE A 20 -3.17 -3.77 -4.78
CA ILE A 20 -2.99 -4.64 -5.94
C ILE A 20 -2.64 -6.09 -5.53
N ASN A 21 -3.07 -7.05 -6.34
CA ASN A 21 -2.81 -8.47 -6.06
C ASN A 21 -1.60 -9.01 -6.86
N HIS A 22 -1.34 -10.31 -6.75
CA HIS A 22 -0.18 -10.92 -7.42
C HIS A 22 -0.40 -11.07 -8.94
N TYR A 23 -1.62 -10.80 -9.40
CA TYR A 23 -1.94 -10.80 -10.83
C TYR A 23 -1.71 -9.42 -11.46
N GLY A 24 -1.94 -8.38 -10.68
CA GLY A 24 -1.92 -7.01 -11.20
C GLY A 24 -3.31 -6.35 -11.14
N GLY A 25 -4.25 -7.03 -10.48
CA GLY A 25 -5.59 -6.48 -10.28
C GLY A 25 -5.58 -5.21 -9.43
N TYR A 26 -6.59 -4.37 -9.63
CA TYR A 26 -6.62 -3.04 -9.02
C TYR A 26 -7.87 -2.83 -8.14
N LEU A 27 -7.66 -2.49 -6.86
CA LEU A 27 -8.75 -2.14 -5.94
C LEU A 27 -8.46 -0.84 -5.17
N CYS A 28 -9.49 -0.02 -4.96
CA CYS A 28 -9.35 1.23 -4.18
C CYS A 28 -10.06 1.13 -2.83
N LEU A 29 -9.31 1.37 -1.76
CA LEU A 29 -9.86 1.35 -0.40
C LEU A 29 -9.91 2.76 0.21
N PRO A 30 -10.80 2.99 1.20
CA PRO A 30 -10.94 4.30 1.85
C PRO A 30 -9.65 4.82 2.50
N ARG A 31 -9.60 6.13 2.75
CA ARG A 31 -8.42 6.80 3.30
C ARG A 31 -8.28 6.57 4.83
N SER A 32 -9.08 5.65 5.36
CA SER A 32 -9.15 5.41 6.81
C SER A 32 -7.88 4.76 7.40
N ALA A 33 -7.03 4.19 6.53
CA ALA A 33 -5.81 3.50 6.99
C ALA A 33 -4.56 4.39 6.88
N ALA A 34 -3.56 4.11 7.73
CA ALA A 34 -2.32 4.88 7.74
C ALA A 34 -1.10 4.01 7.41
N VAL A 35 -0.14 4.58 6.67
CA VAL A 35 1.03 3.84 6.16
C VAL A 35 2.03 3.45 7.27
N ILE A 36 1.79 3.91 8.50
CA ILE A 36 2.70 3.66 9.63
C ILE A 36 2.57 2.24 10.21
N ASN A 37 1.64 1.44 9.68
CA ASN A 37 1.35 0.09 10.19
C ASN A 37 0.85 0.14 11.65
N ASP A 38 1.78 0.08 12.60
CA ASP A 38 1.48 0.08 14.03
C ASP A 38 0.25 -0.81 14.37
N LEU A 39 0.34 -2.09 14.02
CA LEU A 39 -0.74 -3.05 14.30
C LEU A 39 -1.10 -3.08 15.80
N HIS A 40 -2.35 -3.44 16.12
CA HIS A 40 -2.79 -3.49 17.51
C HIS A 40 -2.17 -4.67 18.25
N GLY A 41 -1.58 -4.42 19.42
CA GLY A 41 -0.91 -5.47 20.16
C GLY A 41 -1.31 -5.53 21.64
N GLU A 42 -1.25 -6.73 22.21
CA GLU A 42 -1.59 -6.95 23.62
C GLU A 42 -0.39 -6.69 24.53
N GLY A 43 0.57 -5.90 24.03
CA GLY A 43 1.81 -5.63 24.73
C GLY A 43 2.98 -5.46 23.78
N PRO A 44 4.12 -6.12 24.05
CA PRO A 44 5.28 -6.07 23.14
C PRO A 44 5.10 -7.00 21.92
N PRO A 45 5.02 -6.43 20.70
CA PRO A 45 4.82 -7.23 19.47
C PRO A 45 6.05 -8.11 19.12
N PRO A 46 5.81 -9.26 18.44
CA PRO A 46 6.90 -10.16 17.98
C PRO A 46 8.00 -9.42 17.19
N PRO A 47 9.22 -9.99 17.13
CA PRO A 47 10.38 -9.34 16.48
C PRO A 47 10.18 -9.11 14.96
N VAL A 48 9.44 -8.05 14.62
CA VAL A 48 9.20 -7.68 13.22
C VAL A 48 9.85 -6.32 12.87
N PRO A 49 10.48 -6.22 11.68
CA PRO A 49 11.13 -4.97 11.23
C PRO A 49 10.13 -3.87 10.88
N PRO A 50 10.45 -2.58 11.18
CA PRO A 50 9.56 -1.45 10.89
C PRO A 50 9.39 -1.18 9.38
N ALA A 51 10.19 -1.87 8.55
CA ALA A 51 10.10 -1.73 7.10
C ALA A 51 8.99 -2.62 6.51
N GLN A 52 7.75 -2.31 6.86
CA GLN A 52 6.58 -3.09 6.39
C GLN A 52 5.36 -2.17 6.21
N HIS A 53 4.41 -2.61 5.39
CA HIS A 53 3.16 -1.87 5.19
C HIS A 53 2.08 -2.30 6.21
N PRO A 54 1.06 -1.46 6.44
CA PRO A 54 -0.08 -1.82 7.32
C PRO A 54 -0.89 -3.01 6.80
N ASN A 55 -0.90 -3.17 5.48
CA ASN A 55 -1.68 -4.23 4.81
C ASN A 55 -3.16 -4.23 5.26
N PRO A 56 -3.88 -3.13 4.99
CA PRO A 56 -5.31 -3.00 5.28
C PRO A 56 -6.18 -3.75 4.25
N CYS A 57 -5.57 -4.13 3.13
CA CYS A 57 -6.29 -4.66 1.97
C CYS A 57 -6.54 -6.17 2.10
N PRO A 58 -7.66 -6.66 1.51
CA PRO A 58 -8.03 -8.09 1.56
C PRO A 58 -6.87 -9.05 1.22
N PRO A 59 -6.76 -10.19 1.95
CA PRO A 59 -5.70 -11.17 1.71
C PRO A 59 -5.55 -11.55 0.22
N GLY A 60 -4.32 -11.50 -0.27
CA GLY A 60 -4.06 -11.67 -1.70
C GLY A 60 -3.68 -10.35 -2.36
N TYR A 61 -4.19 -9.26 -1.80
CA TYR A 61 -3.83 -7.90 -2.24
C TYR A 61 -2.88 -7.24 -1.24
N GLU A 62 -2.07 -6.28 -1.70
CA GLU A 62 -1.16 -5.54 -0.83
C GLU A 62 -1.04 -4.07 -1.27
N PRO A 63 -0.67 -3.16 -0.34
CA PRO A 63 -0.55 -1.72 -0.62
C PRO A 63 0.55 -1.38 -1.66
N ASP A 64 0.17 -0.65 -2.71
CA ASP A 64 1.12 -0.25 -3.76
C ASP A 64 1.76 1.12 -3.45
N ASP A 65 3.07 1.22 -3.62
CA ASP A 65 3.77 2.50 -3.41
C ASP A 65 4.07 3.19 -4.74
N GLN A 66 3.37 4.29 -5.02
CA GLN A 66 3.72 5.15 -6.15
C GLN A 66 4.11 6.56 -5.66
N ASP A 67 5.32 6.99 -6.01
CA ASP A 67 5.79 8.33 -5.66
C ASP A 67 5.80 9.23 -6.90
N SER A 68 4.75 10.04 -7.05
CA SER A 68 4.56 10.86 -8.25
C SER A 68 5.48 12.09 -8.28
N CYS A 69 6.60 11.96 -8.98
CA CYS A 69 7.50 13.11 -9.22
C CYS A 69 7.21 13.73 -10.60
N VAL A 70 6.43 14.82 -10.60
CA VAL A 70 5.98 15.46 -11.84
C VAL A 70 7.14 16.12 -12.62
N ASP A 71 6.95 16.29 -13.92
CA ASP A 71 7.91 17.00 -14.77
C ASP A 71 7.40 18.40 -15.16
#